data_1RMD
# 
_entry.id   1RMD 
# 
_audit_conform.dict_name       mmcif_pdbx.dic 
_audit_conform.dict_version    5.386 
_audit_conform.dict_location   http://mmcif.pdb.org/dictionaries/ascii/mmcif_pdbx.dic 
# 
loop_
_database_2.database_id 
_database_2.database_code 
_database_2.pdbx_database_accession 
_database_2.pdbx_DOI 
PDB   1RMD         pdb_00001rmd 10.2210/pdb1rmd/pdb 
WWPDB D_1000176117 ?            ?                   
# 
loop_
_pdbx_audit_revision_history.ordinal 
_pdbx_audit_revision_history.data_content_type 
_pdbx_audit_revision_history.major_revision 
_pdbx_audit_revision_history.minor_revision 
_pdbx_audit_revision_history.revision_date 
1 'Structure model' 1 0 1997-07-23 
2 'Structure model' 1 1 2008-03-24 
3 'Structure model' 1 2 2011-07-13 
4 'Structure model' 1 3 2024-02-14 
# 
_pdbx_audit_revision_details.ordinal             1 
_pdbx_audit_revision_details.revision_ordinal    1 
_pdbx_audit_revision_details.data_content_type   'Structure model' 
_pdbx_audit_revision_details.provider            repository 
_pdbx_audit_revision_details.type                'Initial release' 
_pdbx_audit_revision_details.description         ? 
_pdbx_audit_revision_details.details             ? 
# 
loop_
_pdbx_audit_revision_group.ordinal 
_pdbx_audit_revision_group.revision_ordinal 
_pdbx_audit_revision_group.data_content_type 
_pdbx_audit_revision_group.group 
1 2 'Structure model' 'Version format compliance' 
2 3 'Structure model' 'Version format compliance' 
3 4 'Structure model' 'Data collection'           
4 4 'Structure model' 'Database references'       
5 4 'Structure model' 'Derived calculations'      
6 4 'Structure model' Other                       
7 4 'Structure model' 'Structure summary'         
# 
loop_
_pdbx_audit_revision_category.ordinal 
_pdbx_audit_revision_category.revision_ordinal 
_pdbx_audit_revision_category.data_content_type 
_pdbx_audit_revision_category.category 
1 4 'Structure model' chem_comp_atom       
2 4 'Structure model' chem_comp_bond       
3 4 'Structure model' database_2           
4 4 'Structure model' pdbx_database_status 
5 4 'Structure model' struct_conn          
6 4 'Structure model' struct_keywords      
7 4 'Structure model' struct_site          
# 
loop_
_pdbx_audit_revision_item.ordinal 
_pdbx_audit_revision_item.revision_ordinal 
_pdbx_audit_revision_item.data_content_type 
_pdbx_audit_revision_item.item 
1  4 'Structure model' '_database_2.pdbx_DOI'                
2  4 'Structure model' '_database_2.pdbx_database_accession' 
3  4 'Structure model' '_pdbx_database_status.process_site'  
4  4 'Structure model' '_struct_conn.pdbx_dist_value'        
5  4 'Structure model' '_struct_conn.ptnr1_auth_comp_id'     
6  4 'Structure model' '_struct_conn.ptnr1_auth_seq_id'      
7  4 'Structure model' '_struct_conn.ptnr1_label_asym_id'    
8  4 'Structure model' '_struct_conn.ptnr1_label_atom_id'    
9  4 'Structure model' '_struct_conn.ptnr1_label_comp_id'    
10 4 'Structure model' '_struct_conn.ptnr1_label_seq_id'     
11 4 'Structure model' '_struct_conn.ptnr2_auth_comp_id'     
12 4 'Structure model' '_struct_conn.ptnr2_auth_seq_id'      
13 4 'Structure model' '_struct_conn.ptnr2_label_asym_id'    
14 4 'Structure model' '_struct_conn.ptnr2_label_atom_id'    
15 4 'Structure model' '_struct_conn.ptnr2_label_comp_id'    
16 4 'Structure model' '_struct_conn.ptnr2_label_seq_id'     
17 4 'Structure model' '_struct_keywords.text'               
18 4 'Structure model' '_struct_site.pdbx_auth_asym_id'      
19 4 'Structure model' '_struct_site.pdbx_auth_comp_id'      
20 4 'Structure model' '_struct_site.pdbx_auth_seq_id'       
# 
_pdbx_database_status.status_code                     REL 
_pdbx_database_status.entry_id                        1RMD 
_pdbx_database_status.recvd_initial_deposition_date   1997-01-10 
_pdbx_database_status.deposit_site                    ? 
_pdbx_database_status.process_site                    BNL 
_pdbx_database_status.status_code_sf                  REL 
_pdbx_database_status.status_code_mr                  ? 
_pdbx_database_status.SG_entry                        ? 
_pdbx_database_status.pdb_format_compatible           Y 
_pdbx_database_status.status_code_cs                  ? 
_pdbx_database_status.status_code_nmr_data            ? 
_pdbx_database_status.methods_development_category    ? 
# 
loop_
_audit_author.name 
_audit_author.pdbx_ordinal 
'Bellon, S.F.'  1 
'Rodgers, K.K.' 2 
'Schatz, D.G.'  3 
'Coleman, J.E.' 4 
'Steitz, T.A.'  5 
# 
_citation.id                        primary 
_citation.title                     
'Crystal structure of the RAG1 dimerization domain reveals multiple zinc-binding motifs including a novel zinc binuclear cluster.' 
_citation.journal_abbrev            Nat.Struct.Biol. 
_citation.journal_volume            4 
_citation.page_first                586 
_citation.page_last                 591 
_citation.year                      1997 
_citation.journal_id_ASTM           NSBIEW 
_citation.country                   US 
_citation.journal_id_ISSN           1072-8368 
_citation.journal_id_CSD            2024 
_citation.book_publisher            ? 
_citation.pdbx_database_id_PubMed   9228952 
_citation.pdbx_database_id_DOI      10.1038/nsb0797-586 
# 
loop_
_citation_author.citation_id 
_citation_author.name 
_citation_author.ordinal 
_citation_author.identifier_ORCID 
primary 'Bellon, S.F.'  1 ? 
primary 'Rodgers, K.K.' 2 ? 
primary 'Schatz, D.G.'  3 ? 
primary 'Coleman, J.E.' 4 ? 
primary 'Steitz, T.A.'  5 ? 
# 
loop_
_entity.id 
_entity.type 
_entity.src_method 
_entity.pdbx_description 
_entity.formula_weight 
_entity.pdbx_number_of_molecules 
_entity.pdbx_ec 
_entity.pdbx_mutation 
_entity.pdbx_fragment 
_entity.details 
1 polymer     man RAG1       13151.449 1  ? ? 'ZINC-BINDING DIMERIZATION DOMAIN' ? 
2 non-polymer syn 'ZINC ION' 65.409    4  ? ? ?                                  ? 
3 water       nat water      18.015    52 ? ? ?                                  ? 
# 
_entity_name_com.entity_id   1 
_entity_name_com.name        'V(D)J RECOMBINATION ACTIVATING PROTEIN 1' 
# 
_entity_poly.entity_id                      1 
_entity_poly.type                           'polypeptide(L)' 
_entity_poly.nstd_linkage                   no 
_entity_poly.nstd_monomer                   no 
_entity_poly.pdbx_seq_one_letter_code       
;NCSKIHLSTKLLAVDFPAHFVKSISCQICEHILADPVETSCKHLFCRICILRCLKVMGSYCPSCRYPCFPTDLESPVKSF
LNILNSLMVKCPAQDCNEEVSLEKYNHHVSSHKESK
;
_entity_poly.pdbx_seq_one_letter_code_can   
;NCSKIHLSTKLLAVDFPAHFVKSISCQICEHILADPVETSCKHLFCRICILRCLKVMGSYCPSCRYPCFPTDLESPVKSF
LNILNSLMVKCPAQDCNEEVSLEKYNHHVSSHKESK
;
_entity_poly.pdbx_strand_id                 A 
_entity_poly.pdbx_target_identifier         ? 
# 
loop_
_pdbx_entity_nonpoly.entity_id 
_pdbx_entity_nonpoly.name 
_pdbx_entity_nonpoly.comp_id 
2 'ZINC ION' ZN  
3 water      HOH 
# 
loop_
_entity_poly_seq.entity_id 
_entity_poly_seq.num 
_entity_poly_seq.mon_id 
_entity_poly_seq.hetero 
1 1   ASN n 
1 2   CYS n 
1 3   SER n 
1 4   LYS n 
1 5   ILE n 
1 6   HIS n 
1 7   LEU n 
1 8   SER n 
1 9   THR n 
1 10  LYS n 
1 11  LEU n 
1 12  LEU n 
1 13  ALA n 
1 14  VAL n 
1 15  ASP n 
1 16  PHE n 
1 17  PRO n 
1 18  ALA n 
1 19  HIS n 
1 20  PHE n 
1 21  VAL n 
1 22  LYS n 
1 23  SER n 
1 24  ILE n 
1 25  SER n 
1 26  CYS n 
1 27  GLN n 
1 28  ILE n 
1 29  CYS n 
1 30  GLU n 
1 31  HIS n 
1 32  ILE n 
1 33  LEU n 
1 34  ALA n 
1 35  ASP n 
1 36  PRO n 
1 37  VAL n 
1 38  GLU n 
1 39  THR n 
1 40  SER n 
1 41  CYS n 
1 42  LYS n 
1 43  HIS n 
1 44  LEU n 
1 45  PHE n 
1 46  CYS n 
1 47  ARG n 
1 48  ILE n 
1 49  CYS n 
1 50  ILE n 
1 51  LEU n 
1 52  ARG n 
1 53  CYS n 
1 54  LEU n 
1 55  LYS n 
1 56  VAL n 
1 57  MET n 
1 58  GLY n 
1 59  SER n 
1 60  TYR n 
1 61  CYS n 
1 62  PRO n 
1 63  SER n 
1 64  CYS n 
1 65  ARG n 
1 66  TYR n 
1 67  PRO n 
1 68  CYS n 
1 69  PHE n 
1 70  PRO n 
1 71  THR n 
1 72  ASP n 
1 73  LEU n 
1 74  GLU n 
1 75  SER n 
1 76  PRO n 
1 77  VAL n 
1 78  LYS n 
1 79  SER n 
1 80  PHE n 
1 81  LEU n 
1 82  ASN n 
1 83  ILE n 
1 84  LEU n 
1 85  ASN n 
1 86  SER n 
1 87  LEU n 
1 88  MET n 
1 89  VAL n 
1 90  LYS n 
1 91  CYS n 
1 92  PRO n 
1 93  ALA n 
1 94  GLN n 
1 95  ASP n 
1 96  CYS n 
1 97  ASN n 
1 98  GLU n 
1 99  GLU n 
1 100 VAL n 
1 101 SER n 
1 102 LEU n 
1 103 GLU n 
1 104 LYS n 
1 105 TYR n 
1 106 ASN n 
1 107 HIS n 
1 108 HIS n 
1 109 VAL n 
1 110 SER n 
1 111 SER n 
1 112 HIS n 
1 113 LYS n 
1 114 GLU n 
1 115 SER n 
1 116 LYS n 
# 
_entity_src_gen.entity_id                          1 
_entity_src_gen.pdbx_src_id                        1 
_entity_src_gen.pdbx_alt_source_flag               sample 
_entity_src_gen.pdbx_seq_type                      ? 
_entity_src_gen.pdbx_beg_seq_num                   ? 
_entity_src_gen.pdbx_end_seq_num                   ? 
_entity_src_gen.gene_src_common_name               'house mouse' 
_entity_src_gen.gene_src_genus                     Mus 
_entity_src_gen.pdbx_gene_src_gene                 ? 
_entity_src_gen.gene_src_species                   ? 
_entity_src_gen.gene_src_strain                    ? 
_entity_src_gen.gene_src_tissue                    ? 
_entity_src_gen.gene_src_tissue_fraction           ? 
_entity_src_gen.gene_src_details                   ? 
_entity_src_gen.pdbx_gene_src_fragment             ? 
_entity_src_gen.pdbx_gene_src_scientific_name      'Mus musculus' 
_entity_src_gen.pdbx_gene_src_ncbi_taxonomy_id     10090 
_entity_src_gen.pdbx_gene_src_variant              ? 
_entity_src_gen.pdbx_gene_src_cell_line            BL21 
_entity_src_gen.pdbx_gene_src_atcc                 ? 
_entity_src_gen.pdbx_gene_src_organ                ? 
_entity_src_gen.pdbx_gene_src_organelle            ? 
_entity_src_gen.pdbx_gene_src_cell                 ? 
_entity_src_gen.pdbx_gene_src_cellular_location    ? 
_entity_src_gen.host_org_common_name               ? 
_entity_src_gen.pdbx_host_org_scientific_name      'Escherichia coli' 
_entity_src_gen.pdbx_host_org_ncbi_taxonomy_id     562 
_entity_src_gen.host_org_genus                     Escherichia 
_entity_src_gen.pdbx_host_org_gene                 ? 
_entity_src_gen.pdbx_host_org_organ                ? 
_entity_src_gen.host_org_species                   ? 
_entity_src_gen.pdbx_host_org_tissue               ? 
_entity_src_gen.pdbx_host_org_tissue_fraction      ? 
_entity_src_gen.pdbx_host_org_strain               ? 
_entity_src_gen.pdbx_host_org_variant              ? 
_entity_src_gen.pdbx_host_org_cell_line            BL21 
_entity_src_gen.pdbx_host_org_atcc                 ? 
_entity_src_gen.pdbx_host_org_culture_collection   ? 
_entity_src_gen.pdbx_host_org_cell                 ? 
_entity_src_gen.pdbx_host_org_organelle            ? 
_entity_src_gen.pdbx_host_org_cellular_location    ? 
_entity_src_gen.pdbx_host_org_vector_type          ? 
_entity_src_gen.pdbx_host_org_vector               ? 
_entity_src_gen.host_org_details                   ? 
_entity_src_gen.expression_system_id               ? 
_entity_src_gen.plasmid_name                       ? 
_entity_src_gen.plasmid_details                    ? 
_entity_src_gen.pdbx_description                   ? 
# 
loop_
_chem_comp.id 
_chem_comp.type 
_chem_comp.mon_nstd_flag 
_chem_comp.name 
_chem_comp.pdbx_synonyms 
_chem_comp.formula 
_chem_comp.formula_weight 
ALA 'L-peptide linking' y ALANINE         ? 'C3 H7 N O2'     89.093  
ARG 'L-peptide linking' y ARGININE        ? 'C6 H15 N4 O2 1' 175.209 
ASN 'L-peptide linking' y ASPARAGINE      ? 'C4 H8 N2 O3'    132.118 
ASP 'L-peptide linking' y 'ASPARTIC ACID' ? 'C4 H7 N O4'     133.103 
CYS 'L-peptide linking' y CYSTEINE        ? 'C3 H7 N O2 S'   121.158 
GLN 'L-peptide linking' y GLUTAMINE       ? 'C5 H10 N2 O3'   146.144 
GLU 'L-peptide linking' y 'GLUTAMIC ACID' ? 'C5 H9 N O4'     147.129 
GLY 'peptide linking'   y GLYCINE         ? 'C2 H5 N O2'     75.067  
HIS 'L-peptide linking' y HISTIDINE       ? 'C6 H10 N3 O2 1' 156.162 
HOH non-polymer         . WATER           ? 'H2 O'           18.015  
ILE 'L-peptide linking' y ISOLEUCINE      ? 'C6 H13 N O2'    131.173 
LEU 'L-peptide linking' y LEUCINE         ? 'C6 H13 N O2'    131.173 
LYS 'L-peptide linking' y LYSINE          ? 'C6 H15 N2 O2 1' 147.195 
MET 'L-peptide linking' y METHIONINE      ? 'C5 H11 N O2 S'  149.211 
PHE 'L-peptide linking' y PHENYLALANINE   ? 'C9 H11 N O2'    165.189 
PRO 'L-peptide linking' y PROLINE         ? 'C5 H9 N O2'     115.130 
SER 'L-peptide linking' y SERINE          ? 'C3 H7 N O3'     105.093 
THR 'L-peptide linking' y THREONINE       ? 'C4 H9 N O3'     119.119 
TYR 'L-peptide linking' y TYROSINE        ? 'C9 H11 N O3'    181.189 
VAL 'L-peptide linking' y VALINE          ? 'C5 H11 N O2'    117.146 
ZN  non-polymer         . 'ZINC ION'      ? 'Zn 2'           65.409  
# 
loop_
_pdbx_poly_seq_scheme.asym_id 
_pdbx_poly_seq_scheme.entity_id 
_pdbx_poly_seq_scheme.seq_id 
_pdbx_poly_seq_scheme.mon_id 
_pdbx_poly_seq_scheme.ndb_seq_num 
_pdbx_poly_seq_scheme.pdb_seq_num 
_pdbx_poly_seq_scheme.auth_seq_num 
_pdbx_poly_seq_scheme.pdb_mon_id 
_pdbx_poly_seq_scheme.auth_mon_id 
_pdbx_poly_seq_scheme.pdb_strand_id 
_pdbx_poly_seq_scheme.pdb_ins_code 
_pdbx_poly_seq_scheme.hetero 
A 1 1   ASN 1   1   1   ASN ASN A . n 
A 1 2   CYS 2   2   2   CYS CYS A . n 
A 1 3   SER 3   3   3   SER SER A . n 
A 1 4   LYS 4   4   4   LYS LYS A . n 
A 1 5   ILE 5   5   5   ILE ILE A . n 
A 1 6   HIS 6   6   6   HIS HIS A . n 
A 1 7   LEU 7   7   7   LEU LEU A . n 
A 1 8   SER 8   8   8   SER SER A . n 
A 1 9   THR 9   9   9   THR THR A . n 
A 1 10  LYS 10  10  10  LYS LYS A . n 
A 1 11  LEU 11  11  11  LEU LEU A . n 
A 1 12  LEU 12  12  12  LEU LEU A . n 
A 1 13  ALA 13  13  13  ALA ALA A . n 
A 1 14  VAL 14  14  14  VAL VAL A . n 
A 1 15  ASP 15  15  15  ASP ASP A . n 
A 1 16  PHE 16  16  16  PHE PHE A . n 
A 1 17  PRO 17  17  17  PRO PRO A . n 
A 1 18  ALA 18  18  18  ALA ALA A . n 
A 1 19  HIS 19  19  19  HIS HIS A . n 
A 1 20  PHE 20  20  20  PHE PHE A . n 
A 1 21  VAL 21  21  21  VAL VAL A . n 
A 1 22  LYS 22  22  22  LYS LYS A . n 
A 1 23  SER 23  23  23  SER SER A . n 
A 1 24  ILE 24  24  24  ILE ILE A . n 
A 1 25  SER 25  25  25  SER SER A . n 
A 1 26  CYS 26  26  26  CYS CYS A . n 
A 1 27  GLN 27  27  27  GLN GLN A . n 
A 1 28  ILE 28  28  28  ILE ILE A . n 
A 1 29  CYS 29  29  29  CYS CYS A . n 
A 1 30  GLU 30  30  30  GLU GLU A . n 
A 1 31  HIS 31  31  31  HIS HIS A . n 
A 1 32  ILE 32  32  32  ILE ILE A . n 
A 1 33  LEU 33  33  33  LEU LEU A . n 
A 1 34  ALA 34  34  34  ALA ALA A . n 
A 1 35  ASP 35  35  35  ASP ASP A . n 
A 1 36  PRO 36  36  36  PRO PRO A . n 
A 1 37  VAL 37  37  37  VAL VAL A . n 
A 1 38  GLU 38  38  38  GLU GLU A . n 
A 1 39  THR 39  39  39  THR THR A . n 
A 1 40  SER 40  40  40  SER SER A . n 
A 1 41  CYS 41  41  41  CYS CYS A . n 
A 1 42  LYS 42  42  42  LYS LYS A . n 
A 1 43  HIS 43  43  43  HIS HIS A . n 
A 1 44  LEU 44  44  44  LEU LEU A . n 
A 1 45  PHE 45  45  45  PHE PHE A . n 
A 1 46  CYS 46  46  46  CYS CYS A . n 
A 1 47  ARG 47  47  47  ARG ARG A . n 
A 1 48  ILE 48  48  48  ILE ILE A . n 
A 1 49  CYS 49  49  49  CYS CYS A . n 
A 1 50  ILE 50  50  50  ILE ILE A . n 
A 1 51  LEU 51  51  51  LEU LEU A . n 
A 1 52  ARG 52  52  52  ARG ARG A . n 
A 1 53  CYS 53  53  53  CYS CYS A . n 
A 1 54  LEU 54  54  54  LEU LEU A . n 
A 1 55  LYS 55  55  55  LYS LYS A . n 
A 1 56  VAL 56  56  56  VAL VAL A . n 
A 1 57  MET 57  57  57  MET MET A . n 
A 1 58  GLY 58  58  58  GLY GLY A . n 
A 1 59  SER 59  59  59  SER SER A . n 
A 1 60  TYR 60  60  60  TYR TYR A . n 
A 1 61  CYS 61  61  61  CYS CYS A . n 
A 1 62  PRO 62  62  62  PRO PRO A . n 
A 1 63  SER 63  63  63  SER SER A . n 
A 1 64  CYS 64  64  64  CYS CYS A . n 
A 1 65  ARG 65  65  65  ARG ARG A . n 
A 1 66  TYR 66  66  66  TYR TYR A . n 
A 1 67  PRO 67  67  67  PRO PRO A . n 
A 1 68  CYS 68  68  68  CYS CYS A . n 
A 1 69  PHE 69  69  69  PHE PHE A . n 
A 1 70  PRO 70  70  70  PRO PRO A . n 
A 1 71  THR 71  71  71  THR THR A . n 
A 1 72  ASP 72  72  72  ASP ASP A . n 
A 1 73  LEU 73  73  73  LEU LEU A . n 
A 1 74  GLU 74  74  74  GLU GLU A . n 
A 1 75  SER 75  75  75  SER SER A . n 
A 1 76  PRO 76  76  76  PRO PRO A . n 
A 1 77  VAL 77  77  77  VAL VAL A . n 
A 1 78  LYS 78  78  78  LYS LYS A . n 
A 1 79  SER 79  79  79  SER SER A . n 
A 1 80  PHE 80  80  80  PHE PHE A . n 
A 1 81  LEU 81  81  81  LEU LEU A . n 
A 1 82  ASN 82  82  82  ASN ASN A . n 
A 1 83  ILE 83  83  83  ILE ILE A . n 
A 1 84  LEU 84  84  84  LEU LEU A . n 
A 1 85  ASN 85  85  85  ASN ASN A . n 
A 1 86  SER 86  86  86  SER SER A . n 
A 1 87  LEU 87  87  87  LEU LEU A . n 
A 1 88  MET 88  88  88  MET MET A . n 
A 1 89  VAL 89  89  89  VAL VAL A . n 
A 1 90  LYS 90  90  90  LYS LYS A . n 
A 1 91  CYS 91  91  91  CYS CYS A . n 
A 1 92  PRO 92  92  92  PRO PRO A . n 
A 1 93  ALA 93  93  93  ALA ALA A . n 
A 1 94  GLN 94  94  94  GLN GLN A . n 
A 1 95  ASP 95  95  95  ASP ASP A . n 
A 1 96  CYS 96  96  96  CYS CYS A . n 
A 1 97  ASN 97  97  97  ASN ASN A . n 
A 1 98  GLU 98  98  98  GLU GLU A . n 
A 1 99  GLU 99  99  99  GLU GLU A . n 
A 1 100 VAL 100 100 100 VAL VAL A . n 
A 1 101 SER 101 101 101 SER SER A . n 
A 1 102 LEU 102 102 102 LEU LEU A . n 
A 1 103 GLU 103 103 103 GLU GLU A . n 
A 1 104 LYS 104 104 104 LYS LYS A . n 
A 1 105 TYR 105 105 105 TYR TYR A . n 
A 1 106 ASN 106 106 106 ASN ASN A . n 
A 1 107 HIS 107 107 107 HIS HIS A . n 
A 1 108 HIS 108 108 108 HIS HIS A . n 
A 1 109 VAL 109 109 109 VAL VAL A . n 
A 1 110 SER 110 110 110 SER SER A . n 
A 1 111 SER 111 111 111 SER SER A . n 
A 1 112 HIS 112 112 112 HIS HIS A . n 
A 1 113 LYS 113 113 113 LYS LYS A . n 
A 1 114 GLU 114 114 114 GLU GLU A . n 
A 1 115 SER 115 115 115 SER SER A . n 
A 1 116 LYS 116 116 116 LYS LYS A . n 
# 
loop_
_pdbx_nonpoly_scheme.asym_id 
_pdbx_nonpoly_scheme.entity_id 
_pdbx_nonpoly_scheme.mon_id 
_pdbx_nonpoly_scheme.ndb_seq_num 
_pdbx_nonpoly_scheme.pdb_seq_num 
_pdbx_nonpoly_scheme.auth_seq_num 
_pdbx_nonpoly_scheme.pdb_mon_id 
_pdbx_nonpoly_scheme.auth_mon_id 
_pdbx_nonpoly_scheme.pdb_strand_id 
_pdbx_nonpoly_scheme.pdb_ins_code 
B 2 ZN  1  117 117 ZN  ZN  A . 
C 2 ZN  1  118 118 ZN  ZN  A . 
D 2 ZN  1  119 119 ZN  ZN  A . 
E 2 ZN  1  120 120 ZN  ZN  A . 
F 3 HOH 1  200 200 HOH HOH A . 
F 3 HOH 2  201 201 HOH HOH A . 
F 3 HOH 3  202 202 HOH HOH A . 
F 3 HOH 4  203 203 HOH HOH A . 
F 3 HOH 5  204 204 HOH HOH A . 
F 3 HOH 6  205 205 HOH HOH A . 
F 3 HOH 7  206 206 HOH HOH A . 
F 3 HOH 8  207 207 HOH HOH A . 
F 3 HOH 9  209 209 HOH HOH A . 
F 3 HOH 10 210 210 HOH HOH A . 
F 3 HOH 11 211 211 HOH HOH A . 
F 3 HOH 12 212 212 HOH HOH A . 
F 3 HOH 13 213 213 HOH HOH A . 
F 3 HOH 14 214 214 HOH HOH A . 
F 3 HOH 15 215 215 HOH HOH A . 
F 3 HOH 16 216 216 HOH HOH A . 
F 3 HOH 17 217 217 HOH HOH A . 
F 3 HOH 18 218 218 HOH HOH A . 
F 3 HOH 19 219 219 HOH HOH A . 
F 3 HOH 20 220 220 HOH HOH A . 
F 3 HOH 21 221 221 HOH HOH A . 
F 3 HOH 22 222 222 HOH HOH A . 
F 3 HOH 23 223 223 HOH HOH A . 
F 3 HOH 24 224 224 HOH HOH A . 
F 3 HOH 25 226 226 HOH HOH A . 
F 3 HOH 26 227 227 HOH HOH A . 
F 3 HOH 27 228 228 HOH HOH A . 
F 3 HOH 28 229 229 HOH HOH A . 
F 3 HOH 29 230 230 HOH HOH A . 
F 3 HOH 30 231 231 HOH HOH A . 
F 3 HOH 31 232 232 HOH HOH A . 
F 3 HOH 32 233 233 HOH HOH A . 
F 3 HOH 33 234 234 HOH HOH A . 
F 3 HOH 34 235 235 HOH HOH A . 
F 3 HOH 35 236 236 HOH HOH A . 
F 3 HOH 36 237 237 HOH HOH A . 
F 3 HOH 37 238 238 HOH HOH A . 
F 3 HOH 38 239 239 HOH HOH A . 
F 3 HOH 39 240 240 HOH HOH A . 
F 3 HOH 40 241 241 HOH HOH A . 
F 3 HOH 41 242 242 HOH HOH A . 
F 3 HOH 42 244 244 HOH HOH A . 
F 3 HOH 43 245 245 HOH HOH A . 
F 3 HOH 44 246 246 HOH HOH A . 
F 3 HOH 45 247 247 HOH HOH A . 
F 3 HOH 46 248 248 HOH HOH A . 
F 3 HOH 47 249 249 HOH HOH A . 
F 3 HOH 48 250 250 HOH HOH A . 
F 3 HOH 49 251 251 HOH HOH A . 
F 3 HOH 50 252 252 HOH HOH A . 
F 3 HOH 51 253 253 HOH HOH A . 
F 3 HOH 52 254 254 HOH HOH A . 
# 
loop_
_software.name 
_software.classification 
_software.version 
_software.citation_id 
_software.pdbx_ordinal 
BAZFAZ    'model building' .     ? 1 
X-PLOR    refinement       3.851 ? 2 
DENZO     'data reduction' .     ? 3 
SCALEPACK 'data scaling'   .     ? 4 
BAZFAZ    phasing          .     ? 5 
# 
_cell.entry_id           1RMD 
_cell.length_a           57.580 
_cell.length_b           57.580 
_cell.length_c           98.430 
_cell.angle_alpha        90.00 
_cell.angle_beta         90.00 
_cell.angle_gamma        120.00 
_cell.Z_PDB              6 
_cell.pdbx_unique_axis   ? 
# 
_symmetry.entry_id                         1RMD 
_symmetry.space_group_name_H-M             'P 32 2 1' 
_symmetry.pdbx_full_space_group_name_H-M   ? 
_symmetry.cell_setting                     ? 
_symmetry.Int_Tables_number                154 
# 
_exptl.entry_id          1RMD 
_exptl.method            'X-RAY DIFFRACTION' 
_exptl.crystals_number   1 
# 
_exptl_crystal.id                    1 
_exptl_crystal.density_meas          ? 
_exptl_crystal.density_Matthews      3.58 
_exptl_crystal.density_percent_sol   65. 
_exptl_crystal.description           ? 
# 
_exptl_crystal_grow.crystal_id      1 
_exptl_crystal_grow.method          ? 
_exptl_crystal_grow.temp            ? 
_exptl_crystal_grow.temp_details    ? 
_exptl_crystal_grow.pH              7.5 
_exptl_crystal_grow.pdbx_pH_range   ? 
_exptl_crystal_grow.pdbx_details    '5-10 % PEG 4K, 100MM HEPES, PH 7.5, 10% ETHYLENE GLYCOL' 
# 
_diffrn.id                     1 
_diffrn.ambient_temp           110 
_diffrn.ambient_temp_details   ? 
_diffrn.crystal_id             1 
# 
_diffrn_detector.diffrn_id              1 
_diffrn_detector.detector               'IMAGE PLATE AREA DETECTOR' 
_diffrn_detector.type                   MARRESEARCH 
_diffrn_detector.pdbx_collection_date   1996-06 
_diffrn_detector.details                MIRRORS 
# 
_diffrn_radiation.diffrn_id                        1 
_diffrn_radiation.wavelength_id                    1 
_diffrn_radiation.pdbx_monochromatic_or_laue_m_l   M 
_diffrn_radiation.monochromator                    'DOUBLE CRYSTAL SI(111)' 
_diffrn_radiation.pdbx_diffrn_protocol             ? 
_diffrn_radiation.pdbx_scattering_type             x-ray 
# 
_diffrn_radiation_wavelength.id           1 
_diffrn_radiation_wavelength.wavelength   1.35 
_diffrn_radiation_wavelength.wt           1.0 
# 
_diffrn_source.diffrn_id                   1 
_diffrn_source.source                      SYNCHROTRON 
_diffrn_source.type                        'NSLS BEAMLINE X12C' 
_diffrn_source.pdbx_synchrotron_site       NSLS 
_diffrn_source.pdbx_synchrotron_beamline   X12C 
_diffrn_source.pdbx_wavelength             1.35 
_diffrn_source.pdbx_wavelength_list        ? 
# 
_reflns.entry_id                     1RMD 
_reflns.observed_criterion_sigma_I   -3.0 
_reflns.observed_criterion_sigma_F   ? 
_reflns.d_resolution_low             20.0 
_reflns.d_resolution_high            2.1 
_reflns.number_obs                   36957 
_reflns.number_all                   ? 
_reflns.percent_possible_obs         93.9 
_reflns.pdbx_Rmerge_I_obs            0.0720000 
_reflns.pdbx_Rsym_value              0.0720000 
_reflns.pdbx_netI_over_sigmaI        24. 
_reflns.B_iso_Wilson_estimate        15.4 
_reflns.pdbx_redundancy              3.6 
_reflns.pdbx_diffrn_id               1 
_reflns.pdbx_ordinal                 1 
# 
_reflns_shell.d_res_high             2.1 
_reflns_shell.d_res_low              2.15 
_reflns_shell.percent_possible_all   95.6 
_reflns_shell.Rmerge_I_obs           0.6100000 
_reflns_shell.pdbx_Rsym_value        0.6100000 
_reflns_shell.meanI_over_sigI_obs    3.1 
_reflns_shell.pdbx_redundancy        2.8 
_reflns_shell.pdbx_diffrn_id         ? 
_reflns_shell.pdbx_ordinal           1 
# 
_refine.entry_id                                 1RMD 
_refine.ls_number_reflns_obs                     6970 
_refine.ls_number_reflns_all                     ? 
_refine.pdbx_ls_sigma_I                          ? 
_refine.pdbx_ls_sigma_F                          4.0 
_refine.pdbx_data_cutoff_high_absF               10000000.0 
_refine.pdbx_data_cutoff_low_absF                0.001 
_refine.pdbx_data_cutoff_high_rms_absF           ? 
_refine.ls_d_res_low                             20.00 
_refine.ls_d_res_high                            2.10 
_refine.ls_percent_reflns_obs                    60.5 
_refine.ls_R_factor_obs                          0.2090000 
_refine.ls_R_factor_all                          ? 
_refine.ls_R_factor_R_work                       0.2090000 
_refine.ls_R_factor_R_free                       0.2570000 
_refine.ls_R_factor_R_free_error                 0.010 
_refine.ls_R_factor_R_free_error_details         ? 
_refine.ls_percent_reflns_R_free                 9.6 
_refine.ls_number_reflns_R_free                  668 
_refine.ls_number_parameters                     ? 
_refine.ls_number_restraints                     ? 
_refine.occupancy_min                            ? 
_refine.occupancy_max                            ? 
_refine.B_iso_mean                               28.7 
_refine.aniso_B[1][1]                            ? 
_refine.aniso_B[2][2]                            ? 
_refine.aniso_B[3][3]                            ? 
_refine.aniso_B[1][2]                            ? 
_refine.aniso_B[1][3]                            ? 
_refine.aniso_B[2][3]                            ? 
_refine.solvent_model_details                    ? 
_refine.solvent_model_param_ksol                 ? 
_refine.solvent_model_param_bsol                 ? 
_refine.pdbx_ls_cross_valid_method               THROUGHOUT 
_refine.details                                  
;LOCAL SCALING USING MAXSCALE WAS USED TO CORRECT THE HIGHLY ANISOTROPIC DATA. THE LOW OVERALL COMPLETION OF THE DATA REFLECT THIS ANISOTROPY.
;
_refine.pdbx_starting_model                      ? 
_refine.pdbx_method_to_determine_struct          MAD 
_refine.pdbx_isotropic_thermal_model             OVERALL 
_refine.pdbx_stereochemistry_target_values       ? 
_refine.pdbx_stereochem_target_val_spec_case     ? 
_refine.pdbx_R_Free_selection_details            RANDOM 
_refine.pdbx_overall_ESU_R                       ? 
_refine.pdbx_overall_ESU_R_Free                  ? 
_refine.overall_SU_ML                            ? 
_refine.overall_SU_B                             ? 
_refine.pdbx_refine_id                           'X-RAY DIFFRACTION' 
_refine.pdbx_diffrn_id                           1 
_refine.pdbx_TLS_residual_ADP_flag               ? 
_refine.correlation_coeff_Fo_to_Fc               ? 
_refine.correlation_coeff_Fo_to_Fc_free          ? 
_refine.pdbx_solvent_vdw_probe_radii             ? 
_refine.pdbx_solvent_ion_probe_radii             ? 
_refine.pdbx_solvent_shrinkage_radii             ? 
_refine.pdbx_overall_phase_error                 ? 
_refine.overall_SU_R_Cruickshank_DPI             ? 
_refine.pdbx_overall_SU_R_free_Cruickshank_DPI   ? 
_refine.pdbx_overall_SU_R_Blow_DPI               ? 
_refine.pdbx_overall_SU_R_free_Blow_DPI          ? 
# 
_refine_analyze.entry_id                        1RMD 
_refine_analyze.Luzzati_coordinate_error_obs    0.25 
_refine_analyze.Luzzati_sigma_a_obs             0.21 
_refine_analyze.Luzzati_d_res_low_obs           5.00 
_refine_analyze.Luzzati_coordinate_error_free   0.30 
_refine_analyze.Luzzati_sigma_a_free            0.25 
_refine_analyze.Luzzati_d_res_low_free          ? 
_refine_analyze.number_disordered_residues      ? 
_refine_analyze.occupancy_sum_hydrogen          ? 
_refine_analyze.occupancy_sum_non_hydrogen      ? 
_refine_analyze.pdbx_refine_id                  'X-RAY DIFFRACTION' 
# 
_refine_hist.pdbx_refine_id                   'X-RAY DIFFRACTION' 
_refine_hist.cycle_id                         LAST 
_refine_hist.pdbx_number_atoms_protein        911 
_refine_hist.pdbx_number_atoms_nucleic_acid   0 
_refine_hist.pdbx_number_atoms_ligand         4 
_refine_hist.number_atoms_solvent             52 
_refine_hist.number_atoms_total               967 
_refine_hist.d_res_high                       2.10 
_refine_hist.d_res_low                        20.00 
# 
loop_
_refine_ls_restr.type 
_refine_ls_restr.dev_ideal 
_refine_ls_restr.dev_ideal_target 
_refine_ls_restr.weight 
_refine_ls_restr.number 
_refine_ls_restr.pdbx_refine_id 
_refine_ls_restr.pdbx_restraint_function 
x_bond_d                0.010 ? ? ? 'X-RAY DIFFRACTION' ? 
x_bond_d_na             ?     ? ? ? 'X-RAY DIFFRACTION' ? 
x_bond_d_prot           ?     ? ? ? 'X-RAY DIFFRACTION' ? 
x_angle_d               ?     ? ? ? 'X-RAY DIFFRACTION' ? 
x_angle_d_na            ?     ? ? ? 'X-RAY DIFFRACTION' ? 
x_angle_d_prot          ?     ? ? ? 'X-RAY DIFFRACTION' ? 
x_angle_deg             2.1   ? ? ? 'X-RAY DIFFRACTION' ? 
x_angle_deg_na          ?     ? ? ? 'X-RAY DIFFRACTION' ? 
x_angle_deg_prot        ?     ? ? ? 'X-RAY DIFFRACTION' ? 
x_dihedral_angle_d      24.2  ? ? ? 'X-RAY DIFFRACTION' ? 
x_dihedral_angle_d_na   ?     ? ? ? 'X-RAY DIFFRACTION' ? 
x_dihedral_angle_d_prot ?     ? ? ? 'X-RAY DIFFRACTION' ? 
x_improper_angle_d      1.47  ? ? ? 'X-RAY DIFFRACTION' ? 
x_improper_angle_d_na   ?     ? ? ? 'X-RAY DIFFRACTION' ? 
x_improper_angle_d_prot ?     ? ? ? 'X-RAY DIFFRACTION' ? 
x_mcbond_it             ?     ? ? ? 'X-RAY DIFFRACTION' ? 
x_mcangle_it            ?     ? ? ? 'X-RAY DIFFRACTION' ? 
x_scbond_it             ?     ? ? ? 'X-RAY DIFFRACTION' ? 
x_scangle_it            ?     ? ? ? 'X-RAY DIFFRACTION' ? 
# 
_refine_ls_shell.pdbx_total_number_of_bins_used   8 
_refine_ls_shell.d_res_high                       2.10 
_refine_ls_shell.d_res_low                        2.20 
_refine_ls_shell.number_reflns_R_work             372 
_refine_ls_shell.R_factor_R_work                  0.2590000 
_refine_ls_shell.percent_reflns_obs               29.4 
_refine_ls_shell.R_factor_R_free                  0.2760000 
_refine_ls_shell.R_factor_R_free_error            0.042 
_refine_ls_shell.percent_reflns_R_free            10.4 
_refine_ls_shell.number_reflns_R_free             43 
_refine_ls_shell.pdbx_refine_id                   'X-RAY DIFFRACTION' 
_refine_ls_shell.number_reflns_all                ? 
_refine_ls_shell.R_factor_all                     ? 
# 
loop_
_pdbx_xplor_file.serial_no 
_pdbx_xplor_file.param_file 
_pdbx_xplor_file.topol_file 
_pdbx_xplor_file.pdbx_refine_id 
1 PARHCSDX.PRO TOPHCSDX.PRO   'X-RAY DIFFRACTION' 
2 PAR.WAT      TOP_116_117.ZN 'X-RAY DIFFRACTION' 
3 PAR.ZN       TOP_118.ZN     'X-RAY DIFFRACTION' 
4 ?            TOP_119.ZN     'X-RAY DIFFRACTION' 
# 
_struct.entry_id                  1RMD 
_struct.title                     'RAG1 DIMERIZATION DOMAIN' 
_struct.pdbx_model_details        ? 
_struct.pdbx_CASP_flag            ? 
_struct.pdbx_model_type_details   ? 
# 
_struct_keywords.entry_id        1RMD 
_struct_keywords.pdbx_keywords   'DNA BINDING PROTEIN' 
_struct_keywords.text            
;RAG1, V(D)J RECOMBINATION, ANTIBODY, MAD, RING FINGER, ZINC BINUCLEAR CLUSTER, ZINC FINGER, DNA-BINDING PROTEIN, DNA BINDING PROTEIN
;
# 
loop_
_struct_asym.id 
_struct_asym.pdbx_blank_PDB_chainid_flag 
_struct_asym.pdbx_modified 
_struct_asym.entity_id 
_struct_asym.details 
A N N 1 ? 
B N N 2 ? 
C N N 2 ? 
D N N 2 ? 
E N N 2 ? 
F N N 3 ? 
# 
_struct_ref.id                         1 
_struct_ref.db_name                    UNP 
_struct_ref.db_code                    RAG1_MOUSE 
_struct_ref.entity_id                  1 
_struct_ref.pdbx_db_accession          P15919 
_struct_ref.pdbx_align_begin           1 
_struct_ref.pdbx_seq_one_letter_code   
;MAASLPSTLSFSSAPDEIQHPQIKFSEWKFKLFRVRSFEKAPEEAQKEKDSSEGKPYLEQSPVVPEKPGGQNSILTQRAL
KLHPKFSKKFHADGKSSDKAVHQARLRHFCRICGNRFKSDGHSRRYPVHGPVDAKTQSLFRKKEKRVTSWPDLIARIFRI
DVKADVDSIHPTEFCHDCWSIMHRKFSSSHSQVYFPRKVTVEWHPHTPSCDICFTAHRGLKRKRHQPNVQLSKKLKTVLN
HARRDRRKRTQARVSSKEVLKKISNCSKIHLSTKLLAVDFPAHFVKSISCQICEHILADPVETSCKHLFCRICILRCLKV
MGSYCPSCRYPCFPTDLESPVKSFLNILNSLMVKCPAQDCNEEVSLEKYNHHVSSHKESKETLVHINKGGRPRQHLLSLT
RRAQKHRLRELKIQVKEFADKEEGGDVKAVCLTLFLLALRARNEHRQADELEAIMQGRGSGLQPAVCLAIRVNTFLSCSQ
YHKMYRTVKAITGRQIFQPLHALRNAEKVLLPGYHPFEWQPPLKNVSSRTDVGIIDGLSGLASSVDEYPVDTIAKRFRYD
SALVSALMDMEEDILEGMRSQDLDDYLNGPFTVVVKESCDGMGDVSEKLGSGPAVPEKAVRFSFTVMRITIEHGSQNVKV
FEEPKPNSELCCKPLCLMLADESDHETLTAILSPLIAEREAMKSSELTLEMGGIPRTFKFIFRGTGYDEKLVREVEGLEA
SGSVYICTLCDTTRLEASQNLVFHSITRSHAENLQRYEVWRSNPYHESVEELRDRVKGVSAKPFIETVPSIDALHCDIGN
AAEFYKIFQLEIGEVYKHPNASKEERKRWQATLDKHLRKRMNLKPIMRMNGNFARKLMTQETVDAVCELIPSEERHEALR
ELMDLYLKMKPVWRSSCPAKECPESLCQYSFNSQRFAELLSTKFKYRYEGKITNYFHKTLAHVPEIIERDGSIGAWASEG
NESGNKLFRRFRKMNARQSKCYEMEDVLKHHWLYTSKYLQKFMNAHNALKSSGFTMNSKETLGDPLGIEDSLESQDSMEF

;
_struct_ref.pdbx_db_isoform            ? 
# 
_struct_ref_seq.align_id                      1 
_struct_ref_seq.ref_id                        1 
_struct_ref_seq.pdbx_PDB_id_code              1RMD 
_struct_ref_seq.pdbx_strand_id                A 
_struct_ref_seq.seq_align_beg                 1 
_struct_ref_seq.pdbx_seq_align_beg_ins_code   ? 
_struct_ref_seq.seq_align_end                 116 
_struct_ref_seq.pdbx_seq_align_end_ins_code   ? 
_struct_ref_seq.pdbx_db_accession             P15919 
_struct_ref_seq.db_align_beg                  265 
_struct_ref_seq.pdbx_db_align_beg_ins_code    ? 
_struct_ref_seq.db_align_end                  380 
_struct_ref_seq.pdbx_db_align_end_ins_code    ? 
_struct_ref_seq.pdbx_auth_seq_align_beg       1 
_struct_ref_seq.pdbx_auth_seq_align_end       116 
# 
_pdbx_struct_assembly.id                   1 
_pdbx_struct_assembly.details              author_defined_assembly 
_pdbx_struct_assembly.method_details       ? 
_pdbx_struct_assembly.oligomeric_details   dimeric 
_pdbx_struct_assembly.oligomeric_count     2 
# 
_pdbx_struct_assembly_gen.assembly_id       1 
_pdbx_struct_assembly_gen.oper_expression   1,2 
_pdbx_struct_assembly_gen.asym_id_list      A,B,C,D,E,F 
# 
loop_
_pdbx_struct_oper_list.id 
_pdbx_struct_oper_list.type 
_pdbx_struct_oper_list.name 
_pdbx_struct_oper_list.symmetry_operation 
_pdbx_struct_oper_list.matrix[1][1] 
_pdbx_struct_oper_list.matrix[1][2] 
_pdbx_struct_oper_list.matrix[1][3] 
_pdbx_struct_oper_list.vector[1] 
_pdbx_struct_oper_list.matrix[2][1] 
_pdbx_struct_oper_list.matrix[2][2] 
_pdbx_struct_oper_list.matrix[2][3] 
_pdbx_struct_oper_list.vector[2] 
_pdbx_struct_oper_list.matrix[3][1] 
_pdbx_struct_oper_list.matrix[3][2] 
_pdbx_struct_oper_list.matrix[3][3] 
_pdbx_struct_oper_list.vector[3] 
1 'identity operation'         1_555 x,y,z          1.0000000000  0.0000000000  0.0000000000  0.0000000000   0.0000000000  1.0000000000  0.0000000000 0.0000000000  0.0000000000  0.0000000000 1.0000000000 0.0000000000 
2 'crystal symmetry operation' 6_555 -x,-x+y,-z+2/3 -0.9939589673 -0.0299673931 -0.1055818483 -24.8839923242 -0.0299673931 -0.8513425287 0.5237536197 -6.1035045387 -0.1055818483 0.5237536197 0.8453014960 0.3085862632 
# 
_struct_biol.id   1 
# 
loop_
_struct_conf.conf_type_id 
_struct_conf.id 
_struct_conf.pdbx_PDB_helix_id 
_struct_conf.beg_label_comp_id 
_struct_conf.beg_label_asym_id 
_struct_conf.beg_label_seq_id 
_struct_conf.pdbx_beg_PDB_ins_code 
_struct_conf.end_label_comp_id 
_struct_conf.end_label_asym_id 
_struct_conf.end_label_seq_id 
_struct_conf.pdbx_end_PDB_ins_code 
_struct_conf.beg_auth_comp_id 
_struct_conf.beg_auth_asym_id 
_struct_conf.beg_auth_seq_id 
_struct_conf.end_auth_comp_id 
_struct_conf.end_auth_asym_id 
_struct_conf.end_auth_seq_id 
_struct_conf.pdbx_PDB_helix_class 
_struct_conf.details 
_struct_conf.pdbx_PDB_helix_length 
HELX_P HELX_P1 1 CYS A 2   ? LYS A 4   ? CYS A 2   LYS A 4   5 ? 3  
HELX_P HELX_P2 2 THR A 9   ? LEU A 11  ? THR A 9   LEU A 11  5 ? 3  
HELX_P HELX_P3 3 ALA A 18  ? SER A 23  ? ALA A 18  SER A 23  1 ? 6  
HELX_P HELX_P4 4 ARG A 47  ? VAL A 56  ? ARG A 47  VAL A 56  1 ? 10 
HELX_P HELX_P5 5 PRO A 70  ? ASP A 72  ? PRO A 70  ASP A 72  5 ? 3  
HELX_P HELX_P6 6 LYS A 78  ? SER A 86  ? LYS A 78  SER A 86  1 ? 9  
HELX_P HELX_P7 7 LEU A 102 ? SER A 110 ? LEU A 102 SER A 110 1 ? 9  
# 
_struct_conf_type.id          HELX_P 
_struct_conf_type.criteria    ? 
_struct_conf_type.reference   ? 
# 
loop_
_struct_conn.id 
_struct_conn.conn_type_id 
_struct_conn.pdbx_leaving_atom_flag 
_struct_conn.pdbx_PDB_id 
_struct_conn.ptnr1_label_asym_id 
_struct_conn.ptnr1_label_comp_id 
_struct_conn.ptnr1_label_seq_id 
_struct_conn.ptnr1_label_atom_id 
_struct_conn.pdbx_ptnr1_label_alt_id 
_struct_conn.pdbx_ptnr1_PDB_ins_code 
_struct_conn.pdbx_ptnr1_standard_comp_id 
_struct_conn.ptnr1_symmetry 
_struct_conn.ptnr2_label_asym_id 
_struct_conn.ptnr2_label_comp_id 
_struct_conn.ptnr2_label_seq_id 
_struct_conn.ptnr2_label_atom_id 
_struct_conn.pdbx_ptnr2_label_alt_id 
_struct_conn.pdbx_ptnr2_PDB_ins_code 
_struct_conn.ptnr1_auth_asym_id 
_struct_conn.ptnr1_auth_comp_id 
_struct_conn.ptnr1_auth_seq_id 
_struct_conn.ptnr2_auth_asym_id 
_struct_conn.ptnr2_auth_comp_id 
_struct_conn.ptnr2_auth_seq_id 
_struct_conn.ptnr2_symmetry 
_struct_conn.pdbx_ptnr3_label_atom_id 
_struct_conn.pdbx_ptnr3_label_seq_id 
_struct_conn.pdbx_ptnr3_label_comp_id 
_struct_conn.pdbx_ptnr3_label_asym_id 
_struct_conn.pdbx_ptnr3_label_alt_id 
_struct_conn.pdbx_ptnr3_PDB_ins_code 
_struct_conn.details 
_struct_conn.pdbx_dist_value 
_struct_conn.pdbx_value_order 
_struct_conn.pdbx_role 
metalc1  metalc ? ? A CYS 2   SG  ? ? ? 1_555 B ZN . ZN ? ? A CYS 2   A ZN 117 1_555 ? ? ? ? ? ? ? 2.311 ? ? 
metalc2  metalc ? ? A HIS 6   ND1 ? ? ? 1_555 B ZN . ZN ? ? A HIS 6   A ZN 117 1_555 ? ? ? ? ? ? ? 1.866 ? ? 
metalc3  metalc ? ? A CYS 26  SG  ? ? ? 1_555 C ZN . ZN ? ? A CYS 26  A ZN 118 1_555 ? ? ? ? ? ? ? 2.330 ? ? 
metalc4  metalc ? ? A CYS 29  SG  ? ? ? 1_555 B ZN . ZN ? ? A CYS 29  A ZN 117 1_555 ? ? ? ? ? ? ? 2.351 ? ? 
metalc5  metalc ? ? A CYS 29  SG  ? ? ? 1_555 C ZN . ZN ? ? A CYS 29  A ZN 118 1_555 ? ? ? ? ? ? ? 2.322 ? ? 
metalc6  metalc ? ? A HIS 31  ND1 ? ? ? 1_555 B ZN . ZN ? ? A HIS 31  A ZN 117 1_555 ? ? ? ? ? ? ? 2.075 ? ? 
metalc7  metalc ? ? A CYS 41  SG  ? ? ? 1_555 D ZN . ZN ? ? A CYS 41  A ZN 119 1_555 ? ? ? ? ? ? ? 2.367 ? ? 
metalc8  metalc ? ? A HIS 43  ND1 ? ? ? 1_555 D ZN . ZN ? ? A HIS 43  A ZN 119 1_555 ? ? ? ? ? ? ? 2.074 ? ? 
metalc9  metalc ? ? A CYS 46  SG  ? ? ? 1_555 C ZN . ZN ? ? A CYS 46  A ZN 118 1_555 ? ? ? ? ? ? ? 2.235 ? ? 
metalc10 metalc ? ? A CYS 49  SG  ? ? ? 1_555 C ZN . ZN ? ? A CYS 49  A ZN 118 1_555 ? ? ? ? ? ? ? 2.264 ? ? 
metalc11 metalc ? ? A CYS 61  SG  ? ? ? 1_555 D ZN . ZN ? ? A CYS 61  A ZN 119 1_555 ? ? ? ? ? ? ? 2.275 ? ? 
metalc12 metalc ? ? A CYS 64  SG  ? ? ? 1_555 D ZN . ZN ? ? A CYS 64  A ZN 119 1_555 ? ? ? ? ? ? ? 2.253 ? ? 
metalc13 metalc ? ? A CYS 91  SG  ? ? ? 1_555 E ZN . ZN ? ? A CYS 91  A ZN 120 1_555 ? ? ? ? ? ? ? 2.313 ? ? 
metalc14 metalc ? ? A CYS 96  SG  ? ? ? 1_555 E ZN . ZN ? ? A CYS 96  A ZN 120 1_555 ? ? ? ? ? ? ? 2.394 ? ? 
metalc15 metalc ? ? A HIS 108 NE2 ? ? ? 1_555 E ZN . ZN ? ? A HIS 108 A ZN 120 1_555 ? ? ? ? ? ? ? 1.991 ? ? 
metalc16 metalc ? ? A HIS 112 NE2 ? ? ? 1_555 E ZN . ZN ? ? A HIS 112 A ZN 120 1_555 ? ? ? ? ? ? ? 1.957 ? ? 
# 
_struct_conn_type.id          metalc 
_struct_conn_type.criteria    ? 
_struct_conn_type.reference   ? 
# 
loop_
_pdbx_struct_conn_angle.id 
_pdbx_struct_conn_angle.ptnr1_label_atom_id 
_pdbx_struct_conn_angle.ptnr1_label_alt_id 
_pdbx_struct_conn_angle.ptnr1_label_asym_id 
_pdbx_struct_conn_angle.ptnr1_label_comp_id 
_pdbx_struct_conn_angle.ptnr1_label_seq_id 
_pdbx_struct_conn_angle.ptnr1_auth_atom_id 
_pdbx_struct_conn_angle.ptnr1_auth_asym_id 
_pdbx_struct_conn_angle.ptnr1_auth_comp_id 
_pdbx_struct_conn_angle.ptnr1_auth_seq_id 
_pdbx_struct_conn_angle.ptnr1_PDB_ins_code 
_pdbx_struct_conn_angle.ptnr1_symmetry 
_pdbx_struct_conn_angle.ptnr2_label_atom_id 
_pdbx_struct_conn_angle.ptnr2_label_alt_id 
_pdbx_struct_conn_angle.ptnr2_label_asym_id 
_pdbx_struct_conn_angle.ptnr2_label_comp_id 
_pdbx_struct_conn_angle.ptnr2_label_seq_id 
_pdbx_struct_conn_angle.ptnr2_auth_atom_id 
_pdbx_struct_conn_angle.ptnr2_auth_asym_id 
_pdbx_struct_conn_angle.ptnr2_auth_comp_id 
_pdbx_struct_conn_angle.ptnr2_auth_seq_id 
_pdbx_struct_conn_angle.ptnr2_PDB_ins_code 
_pdbx_struct_conn_angle.ptnr2_symmetry 
_pdbx_struct_conn_angle.ptnr3_label_atom_id 
_pdbx_struct_conn_angle.ptnr3_label_alt_id 
_pdbx_struct_conn_angle.ptnr3_label_asym_id 
_pdbx_struct_conn_angle.ptnr3_label_comp_id 
_pdbx_struct_conn_angle.ptnr3_label_seq_id 
_pdbx_struct_conn_angle.ptnr3_auth_atom_id 
_pdbx_struct_conn_angle.ptnr3_auth_asym_id 
_pdbx_struct_conn_angle.ptnr3_auth_comp_id 
_pdbx_struct_conn_angle.ptnr3_auth_seq_id 
_pdbx_struct_conn_angle.ptnr3_PDB_ins_code 
_pdbx_struct_conn_angle.ptnr3_symmetry 
_pdbx_struct_conn_angle.value 
_pdbx_struct_conn_angle.value_esd 
1  SG  ? A CYS 2   ? A CYS 2   ? 1_555 ZN ? B ZN . ? A ZN 117 ? 1_555 ND1 ? A HIS 6   ? A HIS 6   ? 1_555 114.1 ? 
2  SG  ? A CYS 2   ? A CYS 2   ? 1_555 ZN ? B ZN . ? A ZN 117 ? 1_555 SG  ? A CYS 29  ? A CYS 29  ? 1_555 110.1 ? 
3  ND1 ? A HIS 6   ? A HIS 6   ? 1_555 ZN ? B ZN . ? A ZN 117 ? 1_555 SG  ? A CYS 29  ? A CYS 29  ? 1_555 111.3 ? 
4  SG  ? A CYS 2   ? A CYS 2   ? 1_555 ZN ? B ZN . ? A ZN 117 ? 1_555 ND1 ? A HIS 31  ? A HIS 31  ? 1_555 106.3 ? 
5  ND1 ? A HIS 6   ? A HIS 6   ? 1_555 ZN ? B ZN . ? A ZN 117 ? 1_555 ND1 ? A HIS 31  ? A HIS 31  ? 1_555 120.9 ? 
6  SG  ? A CYS 29  ? A CYS 29  ? 1_555 ZN ? B ZN . ? A ZN 117 ? 1_555 ND1 ? A HIS 31  ? A HIS 31  ? 1_555 92.0  ? 
7  SG  ? A CYS 26  ? A CYS 26  ? 1_555 ZN ? C ZN . ? A ZN 118 ? 1_555 SG  ? A CYS 29  ? A CYS 29  ? 1_555 99.2  ? 
8  SG  ? A CYS 26  ? A CYS 26  ? 1_555 ZN ? C ZN . ? A ZN 118 ? 1_555 SG  ? A CYS 46  ? A CYS 46  ? 1_555 106.2 ? 
9  SG  ? A CYS 29  ? A CYS 29  ? 1_555 ZN ? C ZN . ? A ZN 118 ? 1_555 SG  ? A CYS 46  ? A CYS 46  ? 1_555 106.3 ? 
10 SG  ? A CYS 26  ? A CYS 26  ? 1_555 ZN ? C ZN . ? A ZN 118 ? 1_555 SG  ? A CYS 49  ? A CYS 49  ? 1_555 122.8 ? 
11 SG  ? A CYS 29  ? A CYS 29  ? 1_555 ZN ? C ZN . ? A ZN 118 ? 1_555 SG  ? A CYS 49  ? A CYS 49  ? 1_555 107.6 ? 
12 SG  ? A CYS 46  ? A CYS 46  ? 1_555 ZN ? C ZN . ? A ZN 118 ? 1_555 SG  ? A CYS 49  ? A CYS 49  ? 1_555 112.9 ? 
13 SG  ? A CYS 41  ? A CYS 41  ? 1_555 ZN ? D ZN . ? A ZN 119 ? 1_555 ND1 ? A HIS 43  ? A HIS 43  ? 1_555 99.6  ? 
14 SG  ? A CYS 41  ? A CYS 41  ? 1_555 ZN ? D ZN . ? A ZN 119 ? 1_555 SG  ? A CYS 61  ? A CYS 61  ? 1_555 106.8 ? 
15 ND1 ? A HIS 43  ? A HIS 43  ? 1_555 ZN ? D ZN . ? A ZN 119 ? 1_555 SG  ? A CYS 61  ? A CYS 61  ? 1_555 114.7 ? 
16 SG  ? A CYS 41  ? A CYS 41  ? 1_555 ZN ? D ZN . ? A ZN 119 ? 1_555 SG  ? A CYS 64  ? A CYS 64  ? 1_555 101.0 ? 
17 ND1 ? A HIS 43  ? A HIS 43  ? 1_555 ZN ? D ZN . ? A ZN 119 ? 1_555 SG  ? A CYS 64  ? A CYS 64  ? 1_555 113.5 ? 
18 SG  ? A CYS 61  ? A CYS 61  ? 1_555 ZN ? D ZN . ? A ZN 119 ? 1_555 SG  ? A CYS 64  ? A CYS 64  ? 1_555 118.1 ? 
19 SG  ? A CYS 91  ? A CYS 91  ? 1_555 ZN ? E ZN . ? A ZN 120 ? 1_555 SG  ? A CYS 96  ? A CYS 96  ? 1_555 114.3 ? 
20 SG  ? A CYS 91  ? A CYS 91  ? 1_555 ZN ? E ZN . ? A ZN 120 ? 1_555 NE2 ? A HIS 108 ? A HIS 108 ? 1_555 99.3  ? 
21 SG  ? A CYS 96  ? A CYS 96  ? 1_555 ZN ? E ZN . ? A ZN 120 ? 1_555 NE2 ? A HIS 108 ? A HIS 108 ? 1_555 111.3 ? 
22 SG  ? A CYS 91  ? A CYS 91  ? 1_555 ZN ? E ZN . ? A ZN 120 ? 1_555 NE2 ? A HIS 112 ? A HIS 112 ? 1_555 105.0 ? 
23 SG  ? A CYS 96  ? A CYS 96  ? 1_555 ZN ? E ZN . ? A ZN 120 ? 1_555 NE2 ? A HIS 112 ? A HIS 112 ? 1_555 119.8 ? 
24 NE2 ? A HIS 108 ? A HIS 108 ? 1_555 ZN ? E ZN . ? A ZN 120 ? 1_555 NE2 ? A HIS 112 ? A HIS 112 ? 1_555 104.8 ? 
# 
loop_
_struct_sheet.id 
_struct_sheet.type 
_struct_sheet.number_strands 
_struct_sheet.details 
A ? 2 ? 
B ? 2 ? 
# 
loop_
_struct_sheet_order.sheet_id 
_struct_sheet_order.range_id_1 
_struct_sheet_order.range_id_2 
_struct_sheet_order.offset 
_struct_sheet_order.sense 
A 1 2 ? anti-parallel 
B 1 2 ? anti-parallel 
# 
loop_
_struct_sheet_range.sheet_id 
_struct_sheet_range.id 
_struct_sheet_range.beg_label_comp_id 
_struct_sheet_range.beg_label_asym_id 
_struct_sheet_range.beg_label_seq_id 
_struct_sheet_range.pdbx_beg_PDB_ins_code 
_struct_sheet_range.end_label_comp_id 
_struct_sheet_range.end_label_asym_id 
_struct_sheet_range.end_label_seq_id 
_struct_sheet_range.pdbx_end_PDB_ins_code 
_struct_sheet_range.beg_auth_comp_id 
_struct_sheet_range.beg_auth_asym_id 
_struct_sheet_range.beg_auth_seq_id 
_struct_sheet_range.end_auth_comp_id 
_struct_sheet_range.end_auth_asym_id 
_struct_sheet_range.end_auth_seq_id 
A 1 PRO A 36 ? GLU A 38  ? PRO A 36 GLU A 38  
A 2 LEU A 44 ? CYS A 46  ? LEU A 44 CYS A 46  
B 1 MET A 88 ? LYS A 90  ? MET A 88 LYS A 90  
B 2 GLU A 99 ? SER A 101 ? GLU A 99 SER A 101 
# 
loop_
_pdbx_struct_sheet_hbond.sheet_id 
_pdbx_struct_sheet_hbond.range_id_1 
_pdbx_struct_sheet_hbond.range_id_2 
_pdbx_struct_sheet_hbond.range_1_label_atom_id 
_pdbx_struct_sheet_hbond.range_1_label_comp_id 
_pdbx_struct_sheet_hbond.range_1_label_asym_id 
_pdbx_struct_sheet_hbond.range_1_label_seq_id 
_pdbx_struct_sheet_hbond.range_1_PDB_ins_code 
_pdbx_struct_sheet_hbond.range_1_auth_atom_id 
_pdbx_struct_sheet_hbond.range_1_auth_comp_id 
_pdbx_struct_sheet_hbond.range_1_auth_asym_id 
_pdbx_struct_sheet_hbond.range_1_auth_seq_id 
_pdbx_struct_sheet_hbond.range_2_label_atom_id 
_pdbx_struct_sheet_hbond.range_2_label_comp_id 
_pdbx_struct_sheet_hbond.range_2_label_asym_id 
_pdbx_struct_sheet_hbond.range_2_label_seq_id 
_pdbx_struct_sheet_hbond.range_2_PDB_ins_code 
_pdbx_struct_sheet_hbond.range_2_auth_atom_id 
_pdbx_struct_sheet_hbond.range_2_auth_comp_id 
_pdbx_struct_sheet_hbond.range_2_auth_asym_id 
_pdbx_struct_sheet_hbond.range_2_auth_seq_id 
A 1 2 O VAL A 37 ? O VAL A 37 N PHE A 45  ? N PHE A 45  
B 1 2 O VAL A 89 ? O VAL A 89 N VAL A 100 ? N VAL A 100 
# 
loop_
_struct_site.id 
_struct_site.pdbx_evidence_code 
_struct_site.pdbx_auth_asym_id 
_struct_site.pdbx_auth_comp_id 
_struct_site.pdbx_auth_seq_id 
_struct_site.pdbx_auth_ins_code 
_struct_site.pdbx_num_residues 
_struct_site.details 
AC1 Software A ZN 117 ? 4 'BINDING SITE FOR RESIDUE ZN A 117' 
AC2 Software A ZN 118 ? 4 'BINDING SITE FOR RESIDUE ZN A 118' 
AC3 Software A ZN 119 ? 4 'BINDING SITE FOR RESIDUE ZN A 119' 
AC4 Software A ZN 120 ? 4 'BINDING SITE FOR RESIDUE ZN A 120' 
# 
loop_
_struct_site_gen.id 
_struct_site_gen.site_id 
_struct_site_gen.pdbx_num_res 
_struct_site_gen.label_comp_id 
_struct_site_gen.label_asym_id 
_struct_site_gen.label_seq_id 
_struct_site_gen.pdbx_auth_ins_code 
_struct_site_gen.auth_comp_id 
_struct_site_gen.auth_asym_id 
_struct_site_gen.auth_seq_id 
_struct_site_gen.label_atom_id 
_struct_site_gen.label_alt_id 
_struct_site_gen.symmetry 
_struct_site_gen.details 
1  AC1 4 CYS A 2   ? CYS A 2   . ? 1_555 ? 
2  AC1 4 HIS A 6   ? HIS A 6   . ? 1_555 ? 
3  AC1 4 CYS A 29  ? CYS A 29  . ? 1_555 ? 
4  AC1 4 HIS A 31  ? HIS A 31  . ? 1_555 ? 
5  AC2 4 CYS A 26  ? CYS A 26  . ? 1_555 ? 
6  AC2 4 CYS A 29  ? CYS A 29  . ? 1_555 ? 
7  AC2 4 CYS A 46  ? CYS A 46  . ? 1_555 ? 
8  AC2 4 CYS A 49  ? CYS A 49  . ? 1_555 ? 
9  AC3 4 CYS A 41  ? CYS A 41  . ? 1_555 ? 
10 AC3 4 HIS A 43  ? HIS A 43  . ? 1_555 ? 
11 AC3 4 CYS A 61  ? CYS A 61  . ? 1_555 ? 
12 AC3 4 CYS A 64  ? CYS A 64  . ? 1_555 ? 
13 AC4 4 CYS A 91  ? CYS A 91  . ? 1_555 ? 
14 AC4 4 CYS A 96  ? CYS A 96  . ? 1_555 ? 
15 AC4 4 HIS A 108 ? HIS A 108 . ? 1_555 ? 
16 AC4 4 HIS A 112 ? HIS A 112 . ? 1_555 ? 
# 
loop_
_pdbx_validate_torsion.id 
_pdbx_validate_torsion.PDB_model_num 
_pdbx_validate_torsion.auth_comp_id 
_pdbx_validate_torsion.auth_asym_id 
_pdbx_validate_torsion.auth_seq_id 
_pdbx_validate_torsion.PDB_ins_code 
_pdbx_validate_torsion.label_alt_id 
_pdbx_validate_torsion.phi 
_pdbx_validate_torsion.psi 
1 1 ILE A 28  ? ? -101.88 -66.61 
2 1 LYS A 55  ? ? -78.45  -72.99 
3 1 ASP A 95  ? ? 68.78   -4.35  
4 1 ASN A 97  ? ? -119.95 54.10  
5 1 SER A 111 ? ? -57.49  -9.28  
6 1 SER A 115 ? ? -68.59  -87.31 
# 
loop_
_chem_comp_atom.comp_id 
_chem_comp_atom.atom_id 
_chem_comp_atom.type_symbol 
_chem_comp_atom.pdbx_aromatic_flag 
_chem_comp_atom.pdbx_stereo_config 
_chem_comp_atom.pdbx_ordinal 
ALA N    N  N N 1   
ALA CA   C  N S 2   
ALA C    C  N N 3   
ALA O    O  N N 4   
ALA CB   C  N N 5   
ALA OXT  O  N N 6   
ALA H    H  N N 7   
ALA H2   H  N N 8   
ALA HA   H  N N 9   
ALA HB1  H  N N 10  
ALA HB2  H  N N 11  
ALA HB3  H  N N 12  
ALA HXT  H  N N 13  
ARG N    N  N N 14  
ARG CA   C  N S 15  
ARG C    C  N N 16  
ARG O    O  N N 17  
ARG CB   C  N N 18  
ARG CG   C  N N 19  
ARG CD   C  N N 20  
ARG NE   N  N N 21  
ARG CZ   C  N N 22  
ARG NH1  N  N N 23  
ARG NH2  N  N N 24  
ARG OXT  O  N N 25  
ARG H    H  N N 26  
ARG H2   H  N N 27  
ARG HA   H  N N 28  
ARG HB2  H  N N 29  
ARG HB3  H  N N 30  
ARG HG2  H  N N 31  
ARG HG3  H  N N 32  
ARG HD2  H  N N 33  
ARG HD3  H  N N 34  
ARG HE   H  N N 35  
ARG HH11 H  N N 36  
ARG HH12 H  N N 37  
ARG HH21 H  N N 38  
ARG HH22 H  N N 39  
ARG HXT  H  N N 40  
ASN N    N  N N 41  
ASN CA   C  N S 42  
ASN C    C  N N 43  
ASN O    O  N N 44  
ASN CB   C  N N 45  
ASN CG   C  N N 46  
ASN OD1  O  N N 47  
ASN ND2  N  N N 48  
ASN OXT  O  N N 49  
ASN H    H  N N 50  
ASN H2   H  N N 51  
ASN HA   H  N N 52  
ASN HB2  H  N N 53  
ASN HB3  H  N N 54  
ASN HD21 H  N N 55  
ASN HD22 H  N N 56  
ASN HXT  H  N N 57  
ASP N    N  N N 58  
ASP CA   C  N S 59  
ASP C    C  N N 60  
ASP O    O  N N 61  
ASP CB   C  N N 62  
ASP CG   C  N N 63  
ASP OD1  O  N N 64  
ASP OD2  O  N N 65  
ASP OXT  O  N N 66  
ASP H    H  N N 67  
ASP H2   H  N N 68  
ASP HA   H  N N 69  
ASP HB2  H  N N 70  
ASP HB3  H  N N 71  
ASP HD2  H  N N 72  
ASP HXT  H  N N 73  
CYS N    N  N N 74  
CYS CA   C  N R 75  
CYS C    C  N N 76  
CYS O    O  N N 77  
CYS CB   C  N N 78  
CYS SG   S  N N 79  
CYS OXT  O  N N 80  
CYS H    H  N N 81  
CYS H2   H  N N 82  
CYS HA   H  N N 83  
CYS HB2  H  N N 84  
CYS HB3  H  N N 85  
CYS HG   H  N N 86  
CYS HXT  H  N N 87  
GLN N    N  N N 88  
GLN CA   C  N S 89  
GLN C    C  N N 90  
GLN O    O  N N 91  
GLN CB   C  N N 92  
GLN CG   C  N N 93  
GLN CD   C  N N 94  
GLN OE1  O  N N 95  
GLN NE2  N  N N 96  
GLN OXT  O  N N 97  
GLN H    H  N N 98  
GLN H2   H  N N 99  
GLN HA   H  N N 100 
GLN HB2  H  N N 101 
GLN HB3  H  N N 102 
GLN HG2  H  N N 103 
GLN HG3  H  N N 104 
GLN HE21 H  N N 105 
GLN HE22 H  N N 106 
GLN HXT  H  N N 107 
GLU N    N  N N 108 
GLU CA   C  N S 109 
GLU C    C  N N 110 
GLU O    O  N N 111 
GLU CB   C  N N 112 
GLU CG   C  N N 113 
GLU CD   C  N N 114 
GLU OE1  O  N N 115 
GLU OE2  O  N N 116 
GLU OXT  O  N N 117 
GLU H    H  N N 118 
GLU H2   H  N N 119 
GLU HA   H  N N 120 
GLU HB2  H  N N 121 
GLU HB3  H  N N 122 
GLU HG2  H  N N 123 
GLU HG3  H  N N 124 
GLU HE2  H  N N 125 
GLU HXT  H  N N 126 
GLY N    N  N N 127 
GLY CA   C  N N 128 
GLY C    C  N N 129 
GLY O    O  N N 130 
GLY OXT  O  N N 131 
GLY H    H  N N 132 
GLY H2   H  N N 133 
GLY HA2  H  N N 134 
GLY HA3  H  N N 135 
GLY HXT  H  N N 136 
HIS N    N  N N 137 
HIS CA   C  N S 138 
HIS C    C  N N 139 
HIS O    O  N N 140 
HIS CB   C  N N 141 
HIS CG   C  Y N 142 
HIS ND1  N  Y N 143 
HIS CD2  C  Y N 144 
HIS CE1  C  Y N 145 
HIS NE2  N  Y N 146 
HIS OXT  O  N N 147 
HIS H    H  N N 148 
HIS H2   H  N N 149 
HIS HA   H  N N 150 
HIS HB2  H  N N 151 
HIS HB3  H  N N 152 
HIS HD1  H  N N 153 
HIS HD2  H  N N 154 
HIS HE1  H  N N 155 
HIS HE2  H  N N 156 
HIS HXT  H  N N 157 
HOH O    O  N N 158 
HOH H1   H  N N 159 
HOH H2   H  N N 160 
ILE N    N  N N 161 
ILE CA   C  N S 162 
ILE C    C  N N 163 
ILE O    O  N N 164 
ILE CB   C  N S 165 
ILE CG1  C  N N 166 
ILE CG2  C  N N 167 
ILE CD1  C  N N 168 
ILE OXT  O  N N 169 
ILE H    H  N N 170 
ILE H2   H  N N 171 
ILE HA   H  N N 172 
ILE HB   H  N N 173 
ILE HG12 H  N N 174 
ILE HG13 H  N N 175 
ILE HG21 H  N N 176 
ILE HG22 H  N N 177 
ILE HG23 H  N N 178 
ILE HD11 H  N N 179 
ILE HD12 H  N N 180 
ILE HD13 H  N N 181 
ILE HXT  H  N N 182 
LEU N    N  N N 183 
LEU CA   C  N S 184 
LEU C    C  N N 185 
LEU O    O  N N 186 
LEU CB   C  N N 187 
LEU CG   C  N N 188 
LEU CD1  C  N N 189 
LEU CD2  C  N N 190 
LEU OXT  O  N N 191 
LEU H    H  N N 192 
LEU H2   H  N N 193 
LEU HA   H  N N 194 
LEU HB2  H  N N 195 
LEU HB3  H  N N 196 
LEU HG   H  N N 197 
LEU HD11 H  N N 198 
LEU HD12 H  N N 199 
LEU HD13 H  N N 200 
LEU HD21 H  N N 201 
LEU HD22 H  N N 202 
LEU HD23 H  N N 203 
LEU HXT  H  N N 204 
LYS N    N  N N 205 
LYS CA   C  N S 206 
LYS C    C  N N 207 
LYS O    O  N N 208 
LYS CB   C  N N 209 
LYS CG   C  N N 210 
LYS CD   C  N N 211 
LYS CE   C  N N 212 
LYS NZ   N  N N 213 
LYS OXT  O  N N 214 
LYS H    H  N N 215 
LYS H2   H  N N 216 
LYS HA   H  N N 217 
LYS HB2  H  N N 218 
LYS HB3  H  N N 219 
LYS HG2  H  N N 220 
LYS HG3  H  N N 221 
LYS HD2  H  N N 222 
LYS HD3  H  N N 223 
LYS HE2  H  N N 224 
LYS HE3  H  N N 225 
LYS HZ1  H  N N 226 
LYS HZ2  H  N N 227 
LYS HZ3  H  N N 228 
LYS HXT  H  N N 229 
MET N    N  N N 230 
MET CA   C  N S 231 
MET C    C  N N 232 
MET O    O  N N 233 
MET CB   C  N N 234 
MET CG   C  N N 235 
MET SD   S  N N 236 
MET CE   C  N N 237 
MET OXT  O  N N 238 
MET H    H  N N 239 
MET H2   H  N N 240 
MET HA   H  N N 241 
MET HB2  H  N N 242 
MET HB3  H  N N 243 
MET HG2  H  N N 244 
MET HG3  H  N N 245 
MET HE1  H  N N 246 
MET HE2  H  N N 247 
MET HE3  H  N N 248 
MET HXT  H  N N 249 
PHE N    N  N N 250 
PHE CA   C  N S 251 
PHE C    C  N N 252 
PHE O    O  N N 253 
PHE CB   C  N N 254 
PHE CG   C  Y N 255 
PHE CD1  C  Y N 256 
PHE CD2  C  Y N 257 
PHE CE1  C  Y N 258 
PHE CE2  C  Y N 259 
PHE CZ   C  Y N 260 
PHE OXT  O  N N 261 
PHE H    H  N N 262 
PHE H2   H  N N 263 
PHE HA   H  N N 264 
PHE HB2  H  N N 265 
PHE HB3  H  N N 266 
PHE HD1  H  N N 267 
PHE HD2  H  N N 268 
PHE HE1  H  N N 269 
PHE HE2  H  N N 270 
PHE HZ   H  N N 271 
PHE HXT  H  N N 272 
PRO N    N  N N 273 
PRO CA   C  N S 274 
PRO C    C  N N 275 
PRO O    O  N N 276 
PRO CB   C  N N 277 
PRO CG   C  N N 278 
PRO CD   C  N N 279 
PRO OXT  O  N N 280 
PRO H    H  N N 281 
PRO HA   H  N N 282 
PRO HB2  H  N N 283 
PRO HB3  H  N N 284 
PRO HG2  H  N N 285 
PRO HG3  H  N N 286 
PRO HD2  H  N N 287 
PRO HD3  H  N N 288 
PRO HXT  H  N N 289 
SER N    N  N N 290 
SER CA   C  N S 291 
SER C    C  N N 292 
SER O    O  N N 293 
SER CB   C  N N 294 
SER OG   O  N N 295 
SER OXT  O  N N 296 
SER H    H  N N 297 
SER H2   H  N N 298 
SER HA   H  N N 299 
SER HB2  H  N N 300 
SER HB3  H  N N 301 
SER HG   H  N N 302 
SER HXT  H  N N 303 
THR N    N  N N 304 
THR CA   C  N S 305 
THR C    C  N N 306 
THR O    O  N N 307 
THR CB   C  N R 308 
THR OG1  O  N N 309 
THR CG2  C  N N 310 
THR OXT  O  N N 311 
THR H    H  N N 312 
THR H2   H  N N 313 
THR HA   H  N N 314 
THR HB   H  N N 315 
THR HG1  H  N N 316 
THR HG21 H  N N 317 
THR HG22 H  N N 318 
THR HG23 H  N N 319 
THR HXT  H  N N 320 
TYR N    N  N N 321 
TYR CA   C  N S 322 
TYR C    C  N N 323 
TYR O    O  N N 324 
TYR CB   C  N N 325 
TYR CG   C  Y N 326 
TYR CD1  C  Y N 327 
TYR CD2  C  Y N 328 
TYR CE1  C  Y N 329 
TYR CE2  C  Y N 330 
TYR CZ   C  Y N 331 
TYR OH   O  N N 332 
TYR OXT  O  N N 333 
TYR H    H  N N 334 
TYR H2   H  N N 335 
TYR HA   H  N N 336 
TYR HB2  H  N N 337 
TYR HB3  H  N N 338 
TYR HD1  H  N N 339 
TYR HD2  H  N N 340 
TYR HE1  H  N N 341 
TYR HE2  H  N N 342 
TYR HH   H  N N 343 
TYR HXT  H  N N 344 
VAL N    N  N N 345 
VAL CA   C  N S 346 
VAL C    C  N N 347 
VAL O    O  N N 348 
VAL CB   C  N N 349 
VAL CG1  C  N N 350 
VAL CG2  C  N N 351 
VAL OXT  O  N N 352 
VAL H    H  N N 353 
VAL H2   H  N N 354 
VAL HA   H  N N 355 
VAL HB   H  N N 356 
VAL HG11 H  N N 357 
VAL HG12 H  N N 358 
VAL HG13 H  N N 359 
VAL HG21 H  N N 360 
VAL HG22 H  N N 361 
VAL HG23 H  N N 362 
VAL HXT  H  N N 363 
ZN  ZN   ZN N N 364 
# 
loop_
_chem_comp_bond.comp_id 
_chem_comp_bond.atom_id_1 
_chem_comp_bond.atom_id_2 
_chem_comp_bond.value_order 
_chem_comp_bond.pdbx_aromatic_flag 
_chem_comp_bond.pdbx_stereo_config 
_chem_comp_bond.pdbx_ordinal 
ALA N   CA   sing N N 1   
ALA N   H    sing N N 2   
ALA N   H2   sing N N 3   
ALA CA  C    sing N N 4   
ALA CA  CB   sing N N 5   
ALA CA  HA   sing N N 6   
ALA C   O    doub N N 7   
ALA C   OXT  sing N N 8   
ALA CB  HB1  sing N N 9   
ALA CB  HB2  sing N N 10  
ALA CB  HB3  sing N N 11  
ALA OXT HXT  sing N N 12  
ARG N   CA   sing N N 13  
ARG N   H    sing N N 14  
ARG N   H2   sing N N 15  
ARG CA  C    sing N N 16  
ARG CA  CB   sing N N 17  
ARG CA  HA   sing N N 18  
ARG C   O    doub N N 19  
ARG C   OXT  sing N N 20  
ARG CB  CG   sing N N 21  
ARG CB  HB2  sing N N 22  
ARG CB  HB3  sing N N 23  
ARG CG  CD   sing N N 24  
ARG CG  HG2  sing N N 25  
ARG CG  HG3  sing N N 26  
ARG CD  NE   sing N N 27  
ARG CD  HD2  sing N N 28  
ARG CD  HD3  sing N N 29  
ARG NE  CZ   sing N N 30  
ARG NE  HE   sing N N 31  
ARG CZ  NH1  sing N N 32  
ARG CZ  NH2  doub N N 33  
ARG NH1 HH11 sing N N 34  
ARG NH1 HH12 sing N N 35  
ARG NH2 HH21 sing N N 36  
ARG NH2 HH22 sing N N 37  
ARG OXT HXT  sing N N 38  
ASN N   CA   sing N N 39  
ASN N   H    sing N N 40  
ASN N   H2   sing N N 41  
ASN CA  C    sing N N 42  
ASN CA  CB   sing N N 43  
ASN CA  HA   sing N N 44  
ASN C   O    doub N N 45  
ASN C   OXT  sing N N 46  
ASN CB  CG   sing N N 47  
ASN CB  HB2  sing N N 48  
ASN CB  HB3  sing N N 49  
ASN CG  OD1  doub N N 50  
ASN CG  ND2  sing N N 51  
ASN ND2 HD21 sing N N 52  
ASN ND2 HD22 sing N N 53  
ASN OXT HXT  sing N N 54  
ASP N   CA   sing N N 55  
ASP N   H    sing N N 56  
ASP N   H2   sing N N 57  
ASP CA  C    sing N N 58  
ASP CA  CB   sing N N 59  
ASP CA  HA   sing N N 60  
ASP C   O    doub N N 61  
ASP C   OXT  sing N N 62  
ASP CB  CG   sing N N 63  
ASP CB  HB2  sing N N 64  
ASP CB  HB3  sing N N 65  
ASP CG  OD1  doub N N 66  
ASP CG  OD2  sing N N 67  
ASP OD2 HD2  sing N N 68  
ASP OXT HXT  sing N N 69  
CYS N   CA   sing N N 70  
CYS N   H    sing N N 71  
CYS N   H2   sing N N 72  
CYS CA  C    sing N N 73  
CYS CA  CB   sing N N 74  
CYS CA  HA   sing N N 75  
CYS C   O    doub N N 76  
CYS C   OXT  sing N N 77  
CYS CB  SG   sing N N 78  
CYS CB  HB2  sing N N 79  
CYS CB  HB3  sing N N 80  
CYS SG  HG   sing N N 81  
CYS OXT HXT  sing N N 82  
GLN N   CA   sing N N 83  
GLN N   H    sing N N 84  
GLN N   H2   sing N N 85  
GLN CA  C    sing N N 86  
GLN CA  CB   sing N N 87  
GLN CA  HA   sing N N 88  
GLN C   O    doub N N 89  
GLN C   OXT  sing N N 90  
GLN CB  CG   sing N N 91  
GLN CB  HB2  sing N N 92  
GLN CB  HB3  sing N N 93  
GLN CG  CD   sing N N 94  
GLN CG  HG2  sing N N 95  
GLN CG  HG3  sing N N 96  
GLN CD  OE1  doub N N 97  
GLN CD  NE2  sing N N 98  
GLN NE2 HE21 sing N N 99  
GLN NE2 HE22 sing N N 100 
GLN OXT HXT  sing N N 101 
GLU N   CA   sing N N 102 
GLU N   H    sing N N 103 
GLU N   H2   sing N N 104 
GLU CA  C    sing N N 105 
GLU CA  CB   sing N N 106 
GLU CA  HA   sing N N 107 
GLU C   O    doub N N 108 
GLU C   OXT  sing N N 109 
GLU CB  CG   sing N N 110 
GLU CB  HB2  sing N N 111 
GLU CB  HB3  sing N N 112 
GLU CG  CD   sing N N 113 
GLU CG  HG2  sing N N 114 
GLU CG  HG3  sing N N 115 
GLU CD  OE1  doub N N 116 
GLU CD  OE2  sing N N 117 
GLU OE2 HE2  sing N N 118 
GLU OXT HXT  sing N N 119 
GLY N   CA   sing N N 120 
GLY N   H    sing N N 121 
GLY N   H2   sing N N 122 
GLY CA  C    sing N N 123 
GLY CA  HA2  sing N N 124 
GLY CA  HA3  sing N N 125 
GLY C   O    doub N N 126 
GLY C   OXT  sing N N 127 
GLY OXT HXT  sing N N 128 
HIS N   CA   sing N N 129 
HIS N   H    sing N N 130 
HIS N   H2   sing N N 131 
HIS CA  C    sing N N 132 
HIS CA  CB   sing N N 133 
HIS CA  HA   sing N N 134 
HIS C   O    doub N N 135 
HIS C   OXT  sing N N 136 
HIS CB  CG   sing N N 137 
HIS CB  HB2  sing N N 138 
HIS CB  HB3  sing N N 139 
HIS CG  ND1  sing Y N 140 
HIS CG  CD2  doub Y N 141 
HIS ND1 CE1  doub Y N 142 
HIS ND1 HD1  sing N N 143 
HIS CD2 NE2  sing Y N 144 
HIS CD2 HD2  sing N N 145 
HIS CE1 NE2  sing Y N 146 
HIS CE1 HE1  sing N N 147 
HIS NE2 HE2  sing N N 148 
HIS OXT HXT  sing N N 149 
HOH O   H1   sing N N 150 
HOH O   H2   sing N N 151 
ILE N   CA   sing N N 152 
ILE N   H    sing N N 153 
ILE N   H2   sing N N 154 
ILE CA  C    sing N N 155 
ILE CA  CB   sing N N 156 
ILE CA  HA   sing N N 157 
ILE C   O    doub N N 158 
ILE C   OXT  sing N N 159 
ILE CB  CG1  sing N N 160 
ILE CB  CG2  sing N N 161 
ILE CB  HB   sing N N 162 
ILE CG1 CD1  sing N N 163 
ILE CG1 HG12 sing N N 164 
ILE CG1 HG13 sing N N 165 
ILE CG2 HG21 sing N N 166 
ILE CG2 HG22 sing N N 167 
ILE CG2 HG23 sing N N 168 
ILE CD1 HD11 sing N N 169 
ILE CD1 HD12 sing N N 170 
ILE CD1 HD13 sing N N 171 
ILE OXT HXT  sing N N 172 
LEU N   CA   sing N N 173 
LEU N   H    sing N N 174 
LEU N   H2   sing N N 175 
LEU CA  C    sing N N 176 
LEU CA  CB   sing N N 177 
LEU CA  HA   sing N N 178 
LEU C   O    doub N N 179 
LEU C   OXT  sing N N 180 
LEU CB  CG   sing N N 181 
LEU CB  HB2  sing N N 182 
LEU CB  HB3  sing N N 183 
LEU CG  CD1  sing N N 184 
LEU CG  CD2  sing N N 185 
LEU CG  HG   sing N N 186 
LEU CD1 HD11 sing N N 187 
LEU CD1 HD12 sing N N 188 
LEU CD1 HD13 sing N N 189 
LEU CD2 HD21 sing N N 190 
LEU CD2 HD22 sing N N 191 
LEU CD2 HD23 sing N N 192 
LEU OXT HXT  sing N N 193 
LYS N   CA   sing N N 194 
LYS N   H    sing N N 195 
LYS N   H2   sing N N 196 
LYS CA  C    sing N N 197 
LYS CA  CB   sing N N 198 
LYS CA  HA   sing N N 199 
LYS C   O    doub N N 200 
LYS C   OXT  sing N N 201 
LYS CB  CG   sing N N 202 
LYS CB  HB2  sing N N 203 
LYS CB  HB3  sing N N 204 
LYS CG  CD   sing N N 205 
LYS CG  HG2  sing N N 206 
LYS CG  HG3  sing N N 207 
LYS CD  CE   sing N N 208 
LYS CD  HD2  sing N N 209 
LYS CD  HD3  sing N N 210 
LYS CE  NZ   sing N N 211 
LYS CE  HE2  sing N N 212 
LYS CE  HE3  sing N N 213 
LYS NZ  HZ1  sing N N 214 
LYS NZ  HZ2  sing N N 215 
LYS NZ  HZ3  sing N N 216 
LYS OXT HXT  sing N N 217 
MET N   CA   sing N N 218 
MET N   H    sing N N 219 
MET N   H2   sing N N 220 
MET CA  C    sing N N 221 
MET CA  CB   sing N N 222 
MET CA  HA   sing N N 223 
MET C   O    doub N N 224 
MET C   OXT  sing N N 225 
MET CB  CG   sing N N 226 
MET CB  HB2  sing N N 227 
MET CB  HB3  sing N N 228 
MET CG  SD   sing N N 229 
MET CG  HG2  sing N N 230 
MET CG  HG3  sing N N 231 
MET SD  CE   sing N N 232 
MET CE  HE1  sing N N 233 
MET CE  HE2  sing N N 234 
MET CE  HE3  sing N N 235 
MET OXT HXT  sing N N 236 
PHE N   CA   sing N N 237 
PHE N   H    sing N N 238 
PHE N   H2   sing N N 239 
PHE CA  C    sing N N 240 
PHE CA  CB   sing N N 241 
PHE CA  HA   sing N N 242 
PHE C   O    doub N N 243 
PHE C   OXT  sing N N 244 
PHE CB  CG   sing N N 245 
PHE CB  HB2  sing N N 246 
PHE CB  HB3  sing N N 247 
PHE CG  CD1  doub Y N 248 
PHE CG  CD2  sing Y N 249 
PHE CD1 CE1  sing Y N 250 
PHE CD1 HD1  sing N N 251 
PHE CD2 CE2  doub Y N 252 
PHE CD2 HD2  sing N N 253 
PHE CE1 CZ   doub Y N 254 
PHE CE1 HE1  sing N N 255 
PHE CE2 CZ   sing Y N 256 
PHE CE2 HE2  sing N N 257 
PHE CZ  HZ   sing N N 258 
PHE OXT HXT  sing N N 259 
PRO N   CA   sing N N 260 
PRO N   CD   sing N N 261 
PRO N   H    sing N N 262 
PRO CA  C    sing N N 263 
PRO CA  CB   sing N N 264 
PRO CA  HA   sing N N 265 
PRO C   O    doub N N 266 
PRO C   OXT  sing N N 267 
PRO CB  CG   sing N N 268 
PRO CB  HB2  sing N N 269 
PRO CB  HB3  sing N N 270 
PRO CG  CD   sing N N 271 
PRO CG  HG2  sing N N 272 
PRO CG  HG3  sing N N 273 
PRO CD  HD2  sing N N 274 
PRO CD  HD3  sing N N 275 
PRO OXT HXT  sing N N 276 
SER N   CA   sing N N 277 
SER N   H    sing N N 278 
SER N   H2   sing N N 279 
SER CA  C    sing N N 280 
SER CA  CB   sing N N 281 
SER CA  HA   sing N N 282 
SER C   O    doub N N 283 
SER C   OXT  sing N N 284 
SER CB  OG   sing N N 285 
SER CB  HB2  sing N N 286 
SER CB  HB3  sing N N 287 
SER OG  HG   sing N N 288 
SER OXT HXT  sing N N 289 
THR N   CA   sing N N 290 
THR N   H    sing N N 291 
THR N   H2   sing N N 292 
THR CA  C    sing N N 293 
THR CA  CB   sing N N 294 
THR CA  HA   sing N N 295 
THR C   O    doub N N 296 
THR C   OXT  sing N N 297 
THR CB  OG1  sing N N 298 
THR CB  CG2  sing N N 299 
THR CB  HB   sing N N 300 
THR OG1 HG1  sing N N 301 
THR CG2 HG21 sing N N 302 
THR CG2 HG22 sing N N 303 
THR CG2 HG23 sing N N 304 
THR OXT HXT  sing N N 305 
TYR N   CA   sing N N 306 
TYR N   H    sing N N 307 
TYR N   H2   sing N N 308 
TYR CA  C    sing N N 309 
TYR CA  CB   sing N N 310 
TYR CA  HA   sing N N 311 
TYR C   O    doub N N 312 
TYR C   OXT  sing N N 313 
TYR CB  CG   sing N N 314 
TYR CB  HB2  sing N N 315 
TYR CB  HB3  sing N N 316 
TYR CG  CD1  doub Y N 317 
TYR CG  CD2  sing Y N 318 
TYR CD1 CE1  sing Y N 319 
TYR CD1 HD1  sing N N 320 
TYR CD2 CE2  doub Y N 321 
TYR CD2 HD2  sing N N 322 
TYR CE1 CZ   doub Y N 323 
TYR CE1 HE1  sing N N 324 
TYR CE2 CZ   sing Y N 325 
TYR CE2 HE2  sing N N 326 
TYR CZ  OH   sing N N 327 
TYR OH  HH   sing N N 328 
TYR OXT HXT  sing N N 329 
VAL N   CA   sing N N 330 
VAL N   H    sing N N 331 
VAL N   H2   sing N N 332 
VAL CA  C    sing N N 333 
VAL CA  CB   sing N N 334 
VAL CA  HA   sing N N 335 
VAL C   O    doub N N 336 
VAL C   OXT  sing N N 337 
VAL CB  CG1  sing N N 338 
VAL CB  CG2  sing N N 339 
VAL CB  HB   sing N N 340 
VAL CG1 HG11 sing N N 341 
VAL CG1 HG12 sing N N 342 
VAL CG1 HG13 sing N N 343 
VAL CG2 HG21 sing N N 344 
VAL CG2 HG22 sing N N 345 
VAL CG2 HG23 sing N N 346 
VAL OXT HXT  sing N N 347 
# 
_atom_sites.entry_id                    1RMD 
_atom_sites.fract_transf_matrix[1][1]   0.01055155 
_atom_sites.fract_transf_matrix[1][2]   0.01655448 
_atom_sites.fract_transf_matrix[1][3]   -0.00409481 
_atom_sites.fract_transf_matrix[2][1]   0.00432135 
_atom_sites.fract_transf_matrix[2][2]   0.01301221 
_atom_sites.fract_transf_matrix[2][3]   0.01463459 
_atom_sites.fract_transf_matrix[3][1]   0.00862183 
_atom_sites.fract_transf_matrix[3][2]   -0.00502089 
_atom_sites.fract_transf_matrix[3][3]   0.00191840 
_atom_sites.fract_transf_vector[1]      0.182439 
_atom_sites.fract_transf_vector[2]      0.638957 
_atom_sites.fract_transf_vector[3]      0.425004 
# 
loop_
_atom_type.symbol 
C  
N  
O  
S  
ZN 
# 
loop_
_atom_site.group_PDB 
_atom_site.id 
_atom_site.type_symbol 
_atom_site.label_atom_id 
_atom_site.label_alt_id 
_atom_site.label_comp_id 
_atom_site.label_asym_id 
_atom_site.label_entity_id 
_atom_site.label_seq_id 
_atom_site.pdbx_PDB_ins_code 
_atom_site.Cartn_x 
_atom_site.Cartn_y 
_atom_site.Cartn_z 
_atom_site.occupancy 
_atom_site.B_iso_or_equiv 
_atom_site.pdbx_formal_charge 
_atom_site.auth_seq_id 
_atom_site.auth_comp_id 
_atom_site.auth_asym_id 
_atom_site.auth_atom_id 
_atom_site.pdbx_PDB_model_num 
ATOM   1   N  N   . ASN A 1 1   ? 13.607  -3.537  -6.238  1.00 37.25 ? 1   ASN A N   1 
ATOM   2   C  CA  . ASN A 1 1   ? 12.222  -3.016  -6.464  1.00 36.11 ? 1   ASN A CA  1 
ATOM   3   C  C   . ASN A 1 1   ? 11.581  -2.406  -5.213  1.00 33.55 ? 1   ASN A C   1 
ATOM   4   O  O   . ASN A 1 1   ? 12.242  -2.242  -4.177  1.00 33.59 ? 1   ASN A O   1 
ATOM   5   C  CB  . ASN A 1 1   ? 11.328  -4.137  -7.006  1.00 40.18 ? 1   ASN A CB  1 
ATOM   6   C  CG  . ASN A 1 1   ? 11.430  -5.415  -6.194  1.00 42.71 ? 1   ASN A CG  1 
ATOM   7   O  OD1 . ASN A 1 1   ? 12.096  -5.460  -5.159  1.00 49.46 ? 1   ASN A OD1 1 
ATOM   8   N  ND2 . ASN A 1 1   ? 10.771  -6.470  -6.669  1.00 45.85 ? 1   ASN A ND2 1 
ATOM   9   N  N   . CYS A 1 2   ? 10.298  -2.053  -5.316  1.00 28.40 ? 2   CYS A N   1 
ATOM   10  C  CA  . CYS A 1 2   ? 9.571   -1.481  -4.175  1.00 28.25 ? 2   CYS A CA  1 
ATOM   11  C  C   . CYS A 1 2   ? 9.244   -2.545  -3.127  1.00 26.42 ? 2   CYS A C   1 
ATOM   12  O  O   . CYS A 1 2   ? 8.683   -2.245  -2.076  1.00 27.83 ? 2   CYS A O   1 
ATOM   13  C  CB  . CYS A 1 2   ? 8.285   -0.782  -4.634  1.00 26.23 ? 2   CYS A CB  1 
ATOM   14  S  SG  . CYS A 1 2   ? 7.151   -1.799  -5.580  1.00 21.06 ? 2   CYS A SG  1 
ATOM   15  N  N   . SER A 1 3   ? 9.576   -3.791  -3.448  1.00 25.33 ? 3   SER A N   1 
ATOM   16  C  CA  . SER A 1 3   ? 9.357   -4.936  -2.570  1.00 25.26 ? 3   SER A CA  1 
ATOM   17  C  C   . SER A 1 3   ? 10.276  -4.825  -1.353  1.00 24.36 ? 3   SER A C   1 
ATOM   18  O  O   . SER A 1 3   ? 10.016  -5.428  -0.308  1.00 24.59 ? 3   SER A O   1 
ATOM   19  C  CB  . SER A 1 3   ? 9.641   -6.235  -3.341  1.00 26.33 ? 3   SER A CB  1 
ATOM   20  O  OG  . SER A 1 3   ? 8.952   -7.357  -2.810  1.00 32.06 ? 3   SER A OG  1 
ATOM   21  N  N   . LYS A 1 4   ? 11.353  -4.057  -1.504  1.00 24.65 ? 4   LYS A N   1 
ATOM   22  C  CA  . LYS A 1 4   ? 12.325  -3.821  -0.424  1.00 26.89 ? 4   LYS A CA  1 
ATOM   23  C  C   . LYS A 1 4   ? 11.753  -2.841  0.585   1.00 27.65 ? 4   LYS A C   1 
ATOM   24  O  O   . LYS A 1 4   ? 12.220  -2.772  1.723   1.00 27.77 ? 4   LYS A O   1 
ATOM   25  C  CB  . LYS A 1 4   ? 13.611  -3.184  -0.970  1.00 23.67 ? 4   LYS A CB  1 
ATOM   26  C  CG  . LYS A 1 4   ? 14.517  -4.132  -1.698  1.00 27.40 ? 4   LYS A CG  1 
ATOM   27  C  CD  . LYS A 1 4   ? 15.826  -3.463  -2.059  1.00 22.76 ? 4   LYS A CD  1 
ATOM   28  C  CE  . LYS A 1 4   ? 16.938  -4.457  -1.988  1.00 9.82  ? 4   LYS A CE  1 
ATOM   29  N  NZ  . LYS A 1 4   ? 18.164  -3.832  -2.455  1.00 24.93 ? 4   LYS A NZ  1 
ATOM   30  N  N   . ILE A 1 5   ? 10.773  -2.060  0.132   1.00 26.14 ? 5   ILE A N   1 
ATOM   31  C  CA  . ILE A 1 5   ? 10.151  -1.027  0.940   1.00 26.27 ? 5   ILE A CA  1 
ATOM   32  C  C   . ILE A 1 5   ? 8.655   -1.203  1.189   1.00 26.60 ? 5   ILE A C   1 
ATOM   33  O  O   . ILE A 1 5   ? 8.084   -0.518  2.055   1.00 21.76 ? 5   ILE A O   1 
ATOM   34  C  CB  . ILE A 1 5   ? 10.378  0.378   0.302   1.00 28.67 ? 5   ILE A CB  1 
ATOM   35  C  CG1 . ILE A 1 5   ? 10.113  0.339   -1.209  1.00 30.18 ? 5   ILE A CG1 1 
ATOM   36  C  CG2 . ILE A 1 5   ? 11.789  0.867   0.588   1.00 32.08 ? 5   ILE A CG2 1 
ATOM   37  C  CD1 . ILE A 1 5   ? 10.174  1.687   -1.884  1.00 31.21 ? 5   ILE A CD1 1 
ATOM   38  N  N   . HIS A 1 6   ? 8.031   -2.110  0.434   1.00 25.18 ? 6   HIS A N   1 
ATOM   39  C  CA  . HIS A 1 6   ? 6.595   -2.357  0.553   1.00 22.43 ? 6   HIS A CA  1 
ATOM   40  C  C   . HIS A 1 6   ? 6.228   -3.694  1.193   1.00 20.05 ? 6   HIS A C   1 
ATOM   41  O  O   . HIS A 1 6   ? 7.000   -4.642  1.143   1.00 14.95 ? 6   HIS A O   1 
ATOM   42  C  CB  . HIS A 1 6   ? 5.955   -2.239  -0.825  1.00 19.92 ? 6   HIS A CB  1 
ATOM   43  C  CG  . HIS A 1 6   ? 5.955   -0.848  -1.370  1.00 20.06 ? 6   HIS A CG  1 
ATOM   44  N  ND1 . HIS A 1 6   ? 5.590   -0.585  -2.676  1.00 16.46 ? 6   HIS A ND1 1 
ATOM   45  C  CD2 . HIS A 1 6   ? 6.308   0.312   -0.762  1.00 20.79 ? 6   HIS A CD2 1 
ATOM   46  C  CE1 . HIS A 1 6   ? 5.744   0.716   -2.833  1.00 20.77 ? 6   HIS A CE1 1 
ATOM   47  N  NE2 . HIS A 1 6   ? 6.178   1.307   -1.701  1.00 21.53 ? 6   HIS A NE2 1 
ATOM   48  N  N   . LEU A 1 7   ? 5.053   -3.755  1.816   1.00 15.72 ? 7   LEU A N   1 
ATOM   49  C  CA  . LEU A 1 7   ? 4.603   -4.983  2.446   1.00 20.87 ? 7   LEU A CA  1 
ATOM   50  C  C   . LEU A 1 7   ? 3.707   -5.816  1.509   1.00 21.13 ? 7   LEU A C   1 
ATOM   51  O  O   . LEU A 1 7   ? 2.867   -5.263  0.793   1.00 20.29 ? 7   LEU A O   1 
ATOM   52  C  CB  . LEU A 1 7   ? 3.862   -4.662  3.746   1.00 21.07 ? 7   LEU A CB  1 
ATOM   53  C  CG  . LEU A 1 7   ? 4.476   -5.167  5.060   1.00 24.13 ? 7   LEU A CG  1 
ATOM   54  C  CD1 . LEU A 1 7   ? 6.007   -4.922  5.137   1.00 16.06 ? 7   LEU A CD1 1 
ATOM   55  C  CD2 . LEU A 1 7   ? 3.753   -4.481  6.213   1.00 25.51 ? 7   LEU A CD2 1 
ATOM   56  N  N   . SER A 1 8   ? 3.921   -7.134  1.493   1.00 16.69 ? 8   SER A N   1 
ATOM   57  C  CA  . SER A 1 8   ? 3.136   -8.058  0.671   1.00 14.82 ? 8   SER A CA  1 
ATOM   58  C  C   . SER A 1 8   ? 1.805   -8.319  1.351   1.00 17.01 ? 8   SER A C   1 
ATOM   59  O  O   . SER A 1 8   ? 1.747   -8.450  2.586   1.00 18.20 ? 8   SER A O   1 
ATOM   60  C  CB  . SER A 1 8   ? 3.862   -9.401  0.515   1.00 16.93 ? 8   SER A CB  1 
ATOM   61  O  OG  . SER A 1 8   ? 2.956   -10.415 0.095   1.00 15.42 ? 8   SER A OG  1 
ATOM   62  N  N   . THR A 1 9   ? 0.737   -8.443  0.569   1.00 14.02 ? 9   THR A N   1 
ATOM   63  C  CA  . THR A 1 9   ? -0.556  -8.693  1.174   1.00 14.95 ? 9   THR A CA  1 
ATOM   64  C  C   . THR A 1 9   ? -0.629  -10.058 1.896   1.00 17.29 ? 9   THR A C   1 
ATOM   65  O  O   . THR A 1 9   ? -1.541  -10.309 2.698   1.00 19.28 ? 9   THR A O   1 
ATOM   66  C  CB  . THR A 1 9   ? -1.699  -8.568  0.156   1.00 16.07 ? 9   THR A CB  1 
ATOM   67  O  OG1 . THR A 1 9   ? -1.489  -9.482  -0.919  1.00 15.85 ? 9   THR A OG1 1 
ATOM   68  C  CG2 . THR A 1 9   ? -1.764  -7.152  -0.397  1.00 19.06 ? 9   THR A CG2 1 
ATOM   69  N  N   . LYS A 1 10  ? 0.343   -10.930 1.668   1.00 16.13 ? 10  LYS A N   1 
ATOM   70  C  CA  . LYS A 1 10  ? 0.285   -12.216 2.331   1.00 21.31 ? 10  LYS A CA  1 
ATOM   71  C  C   . LYS A 1 10  ? 0.680   -12.072 3.798   1.00 19.86 ? 10  LYS A C   1 
ATOM   72  O  O   . LYS A 1 10  ? 0.550   -13.023 4.563   1.00 21.29 ? 10  LYS A O   1 
ATOM   73  C  CB  . LYS A 1 10  ? 1.106   -13.289 1.586   1.00 27.45 ? 10  LYS A CB  1 
ATOM   74  C  CG  . LYS A 1 10  ? 2.613   -13.117 1.646   1.00 42.69 ? 10  LYS A CG  1 
ATOM   75  C  CD  . LYS A 1 10  ? 3.277   -13.746 0.427   1.00 51.68 ? 10  LYS A CD  1 
ATOM   76  C  CE  . LYS A 1 10  ? 4.770   -13.408 0.369   1.00 55.89 ? 10  LYS A CE  1 
ATOM   77  N  NZ  . LYS A 1 10  ? 5.366   -13.755 -0.965  1.00 56.88 ? 10  LYS A NZ  1 
ATOM   78  N  N   . LEU A 1 11  ? 1.114   -10.873 4.201   1.00 17.01 ? 11  LEU A N   1 
ATOM   79  C  CA  . LEU A 1 11  ? 1.463   -10.640 5.597   1.00 16.12 ? 11  LEU A CA  1 
ATOM   80  C  C   . LEU A 1 11  ? 0.226   -10.258 6.413   1.00 20.10 ? 11  LEU A C   1 
ATOM   81  O  O   . LEU A 1 11  ? 0.304   -10.099 7.635   1.00 15.13 ? 11  LEU A O   1 
ATOM   82  C  CB  . LEU A 1 11  ? 2.546   -9.569  5.744   1.00 15.55 ? 11  LEU A CB  1 
ATOM   83  C  CG  . LEU A 1 11  ? 3.918   -9.891  5.130   1.00 21.51 ? 11  LEU A CG  1 
ATOM   84  C  CD1 . LEU A 1 11  ? 4.938   -8.788  5.457   1.00 18.27 ? 11  LEU A CD1 1 
ATOM   85  C  CD2 . LEU A 1 11  ? 4.400   -11.237 5.659   1.00 17.71 ? 11  LEU A CD2 1 
ATOM   86  N  N   . LEU A 1 12  ? -0.918  -10.107 5.737   1.00 21.46 ? 12  LEU A N   1 
ATOM   87  C  CA  . LEU A 1 12  ? -2.167  -9.754  6.419   1.00 19.76 ? 12  LEU A CA  1 
ATOM   88  C  C   . LEU A 1 12  ? -2.571  -10.881 7.349   1.00 22.19 ? 12  LEU A C   1 
ATOM   89  O  O   . LEU A 1 12  ? -2.628  -12.046 6.943   1.00 18.17 ? 12  LEU A O   1 
ATOM   90  C  CB  . LEU A 1 12  ? -3.293  -9.540  5.410   1.00 19.64 ? 12  LEU A CB  1 
ATOM   91  C  CG  . LEU A 1 12  ? -3.292  -8.220  4.636   1.00 25.00 ? 12  LEU A CG  1 
ATOM   92  C  CD1 . LEU A 1 12  ? -4.354  -8.232  3.526   1.00 18.26 ? 12  LEU A CD1 1 
ATOM   93  C  CD2 . LEU A 1 12  ? -3.485  -7.057  5.616   1.00 18.28 ? 12  LEU A CD2 1 
ATOM   94  N  N   . ALA A 1 13  ? -2.880  -10.524 8.590   1.00 21.09 ? 13  ALA A N   1 
ATOM   95  C  CA  . ALA A 1 13  ? -3.294  -11.494 9.589   1.00 23.83 ? 13  ALA A CA  1 
ATOM   96  C  C   . ALA A 1 13  ? -4.619  -12.142 9.220   1.00 25.32 ? 13  ALA A C   1 
ATOM   97  O  O   . ALA A 1 13  ? -4.766  -13.361 9.248   1.00 27.91 ? 13  ALA A O   1 
ATOM   98  C  CB  . ALA A 1 13  ? -3.421  -10.815 10.943  1.00 22.64 ? 13  ALA A CB  1 
ATOM   99  N  N   . VAL A 1 14  ? -5.583  -11.312 8.866   1.00 24.82 ? 14  VAL A N   1 
ATOM   100 C  CA  . VAL A 1 14  ? -6.911  -11.781 8.531   1.00 25.61 ? 14  VAL A CA  1 
ATOM   101 C  C   . VAL A 1 14  ? -7.052  -12.261 7.101   1.00 24.14 ? 14  VAL A C   1 
ATOM   102 O  O   . VAL A 1 14  ? -6.499  -11.660 6.185   1.00 25.49 ? 14  VAL A O   1 
ATOM   103 C  CB  . VAL A 1 14  ? -7.922  -10.664 8.762   1.00 25.53 ? 14  VAL A CB  1 
ATOM   104 C  CG1 . VAL A 1 14  ? -9.321  -11.170 8.519   1.00 24.61 ? 14  VAL A CG1 1 
ATOM   105 C  CG2 . VAL A 1 14  ? -7.773  -10.131 10.176  1.00 24.64 ? 14  VAL A CG2 1 
ATOM   106 N  N   . ASP A 1 15  ? -7.842  -13.312 6.914   1.00 22.37 ? 15  ASP A N   1 
ATOM   107 C  CA  . ASP A 1 15  ? -8.102  -13.857 5.583   1.00 24.36 ? 15  ASP A CA  1 
ATOM   108 C  C   . ASP A 1 15  ? -9.326  -13.164 4.941   1.00 23.63 ? 15  ASP A C   1 
ATOM   109 O  O   . ASP A 1 15  ? -10.437 -13.724 4.900   1.00 25.06 ? 15  ASP A O   1 
ATOM   110 C  CB  . ASP A 1 15  ? -8.332  -15.369 5.689   1.00 30.13 ? 15  ASP A CB  1 
ATOM   111 C  CG  . ASP A 1 15  ? -8.401  -16.044 4.333   1.00 35.84 ? 15  ASP A CG  1 
ATOM   112 O  OD1 . ASP A 1 15  ? -7.922  -15.446 3.344   1.00 37.65 ? 15  ASP A OD1 1 
ATOM   113 O  OD2 . ASP A 1 15  ? -8.948  -17.166 4.250   1.00 39.22 ? 15  ASP A OD2 1 
ATOM   114 N  N   . PHE A 1 16  ? -9.122  -11.962 4.412   1.00 19.65 ? 16  PHE A N   1 
ATOM   115 C  CA  . PHE A 1 16  ? -10.208 -11.181 3.805   1.00 18.42 ? 16  PHE A CA  1 
ATOM   116 C  C   . PHE A 1 16  ? -10.665 -11.684 2.421   1.00 17.84 ? 16  PHE A C   1 
ATOM   117 O  O   . PHE A 1 16  ? -9.941  -12.448 1.764   1.00 16.49 ? 16  PHE A O   1 
ATOM   118 C  CB  . PHE A 1 16  ? -9.741  -9.725  3.640   1.00 21.05 ? 16  PHE A CB  1 
ATOM   119 C  CG  . PHE A 1 16  ? -9.594  -8.954  4.932   1.00 15.67 ? 16  PHE A CG  1 
ATOM   120 C  CD1 . PHE A 1 16  ? -10.686 -8.710  5.745   1.00 16.76 ? 16  PHE A CD1 1 
ATOM   121 C  CD2 . PHE A 1 16  ? -8.358  -8.435  5.302   1.00 16.73 ? 16  PHE A CD2 1 
ATOM   122 C  CE1 . PHE A 1 16  ? -10.561 -7.954  6.913   1.00 20.65 ? 16  PHE A CE1 1 
ATOM   123 C  CE2 . PHE A 1 16  ? -8.215  -7.678  6.464   1.00 21.29 ? 16  PHE A CE2 1 
ATOM   124 C  CZ  . PHE A 1 16  ? -9.320  -7.435  7.276   1.00 17.79 ? 16  PHE A CZ  1 
ATOM   125 N  N   . PRO A 1 17  ? -11.885 -11.281 1.964   1.00 15.95 ? 17  PRO A N   1 
ATOM   126 C  CA  . PRO A 1 17  ? -12.413 -11.686 0.634   1.00 9.51  ? 17  PRO A CA  1 
ATOM   127 C  C   . PRO A 1 17  ? -11.456 -11.085 -0.402  1.00 13.85 ? 17  PRO A C   1 
ATOM   128 O  O   . PRO A 1 17  ? -10.841 -10.043 -0.130  1.00 14.71 ? 17  PRO A O   1 
ATOM   129 C  CB  . PRO A 1 17  ? -13.769 -11.004 0.587   1.00 11.22 ? 17  PRO A CB  1 
ATOM   130 C  CG  . PRO A 1 17  ? -14.192 -11.055 2.040   1.00 9.10  ? 17  PRO A CG  1 
ATOM   131 C  CD  . PRO A 1 17  ? -12.935 -10.633 2.776   1.00 6.31  ? 17  PRO A CD  1 
ATOM   132 N  N   . ALA A 1 18  ? -11.312 -11.718 -1.567  1.00 11.55 ? 18  ALA A N   1 
ATOM   133 C  CA  . ALA A 1 18  ? -10.346 -11.235 -2.569  1.00 13.58 ? 18  ALA A CA  1 
ATOM   134 C  C   . ALA A 1 18  ? -10.543 -9.820  -3.115  1.00 12.16 ? 18  ALA A C   1 
ATOM   135 O  O   . ALA A 1 18  ? -9.547  -9.118  -3.397  1.00 11.21 ? 18  ALA A O   1 
ATOM   136 C  CB  . ALA A 1 18  ? -10.220 -12.205 -3.726  1.00 12.60 ? 18  ALA A CB  1 
ATOM   137 N  N   . HIS A 1 19  ? -11.795 -9.395  -3.277  1.00 4.09  ? 19  HIS A N   1 
ATOM   138 C  CA  . HIS A 1 19  ? -12.019 -8.057  -3.816  1.00 6.69  ? 19  HIS A CA  1 
ATOM   139 C  C   . HIS A 1 19  ? -11.647 -6.996  -2.794  1.00 9.50  ? 19  HIS A C   1 
ATOM   140 O  O   . HIS A 1 19  ? -11.153 -5.934  -3.163  1.00 13.04 ? 19  HIS A O   1 
ATOM   141 C  CB  . HIS A 1 19  ? -13.425 -7.899  -4.361  1.00 4.91  ? 19  HIS A CB  1 
ATOM   142 C  CG  . HIS A 1 19  ? -13.691 -8.699  -5.614  1.00 13.27 ? 19  HIS A CG  1 
ATOM   143 N  ND1 . HIS A 1 19  ? -12.718 -8.966  -6.556  1.00 18.73 ? 19  HIS A ND1 1 
ATOM   144 C  CD2 . HIS A 1 19  ? -14.823 -9.297  -6.071  1.00 12.61 ? 19  HIS A CD2 1 
ATOM   145 C  CE1 . HIS A 1 19  ? -13.232 -9.695  -7.537  1.00 14.24 ? 19  HIS A CE1 1 
ATOM   146 N  NE2 . HIS A 1 19  ? -14.510 -9.906  -7.266  1.00 19.91 ? 19  HIS A NE2 1 
ATOM   147 N  N   . PHE A 1 20  ? -11.783 -7.316  -1.511  1.00 8.11  ? 20  PHE A N   1 
ATOM   148 C  CA  . PHE A 1 20  ? -11.415 -6.360  -0.485  1.00 13.45 ? 20  PHE A CA  1 
ATOM   149 C  C   . PHE A 1 20  ? -9.883  -6.256  -0.439  1.00 14.14 ? 20  PHE A C   1 
ATOM   150 O  O   . PHE A 1 20  ? -9.338  -5.163  -0.298  1.00 13.12 ? 20  PHE A O   1 
ATOM   151 C  CB  . PHE A 1 20  ? -11.966 -6.744  0.889   1.00 11.67 ? 20  PHE A CB  1 
ATOM   152 C  CG  . PHE A 1 20  ? -11.474 -5.855  2.004   1.00 15.45 ? 20  PHE A CG  1 
ATOM   153 C  CD1 . PHE A 1 20  ? -11.989 -4.569  2.169   1.00 14.62 ? 20  PHE A CD1 1 
ATOM   154 C  CD2 . PHE A 1 20  ? -10.467 -6.282  2.851   1.00 9.48  ? 20  PHE A CD2 1 
ATOM   155 C  CE1 . PHE A 1 20  ? -11.501 -3.715  3.168   1.00 10.89 ? 20  PHE A CE1 1 
ATOM   156 C  CE2 . PHE A 1 20  ? -9.974  -5.433  3.854   1.00 15.46 ? 20  PHE A CE2 1 
ATOM   157 C  CZ  . PHE A 1 20  ? -10.494 -4.147  4.009   1.00 5.13  ? 20  PHE A CZ  1 
ATOM   158 N  N   . VAL A 1 21  ? -9.201  -7.393  -0.549  1.00 12.16 ? 21  VAL A N   1 
ATOM   159 C  CA  . VAL A 1 21  ? -7.753  -7.406  -0.535  1.00 13.87 ? 21  VAL A CA  1 
ATOM   160 C  C   . VAL A 1 21  ? -7.222  -6.543  -1.684  1.00 19.59 ? 21  VAL A C   1 
ATOM   161 O  O   . VAL A 1 21  ? -6.212  -5.816  -1.559  1.00 15.82 ? 21  VAL A O   1 
ATOM   162 C  CB  . VAL A 1 21  ? -7.207  -8.814  -0.728  1.00 9.26  ? 21  VAL A CB  1 
ATOM   163 C  CG1 . VAL A 1 21  ? -5.679  -8.757  -0.932  1.00 13.80 ? 21  VAL A CG1 1 
ATOM   164 C  CG2 . VAL A 1 21  ? -7.518  -9.659  0.483   1.00 13.03 ? 21  VAL A CG2 1 
ATOM   165 N  N   . LYS A 1 22  ? -7.907  -6.658  -2.816  1.00 18.69 ? 22  LYS A N   1 
ATOM   166 C  CA  . LYS A 1 22  ? -7.556  -5.921  -4.013  1.00 19.48 ? 22  LYS A CA  1 
ATOM   167 C  C   . LYS A 1 22  ? -7.734  -4.397  -3.792  1.00 19.02 ? 22  LYS A C   1 
ATOM   168 O  O   . LYS A 1 22  ? -6.919  -3.576  -4.272  1.00 10.21 ? 22  LYS A O   1 
ATOM   169 C  CB  . LYS A 1 22  ? -8.450  -6.420  -5.143  1.00 26.95 ? 22  LYS A CB  1 
ATOM   170 C  CG  . LYS A 1 22  ? -8.269  -5.725  -6.465  1.00 31.56 ? 22  LYS A CG  1 
ATOM   171 C  CD  . LYS A 1 22  ? -9.502  -4.931  -6.837  1.00 36.46 ? 22  LYS A CD  1 
ATOM   172 C  CE  . LYS A 1 22  ? -9.308  -4.335  -8.201  1.00 40.89 ? 22  LYS A CE  1 
ATOM   173 N  NZ  . LYS A 1 22  ? -8.989  -5.428  -9.119  1.00 45.93 ? 22  LYS A NZ  1 
ATOM   174 N  N   . SER A 1 23  ? -8.773  -4.045  -3.022  1.00 14.81 ? 23  SER A N   1 
ATOM   175 C  CA  . SER A 1 23  ? -9.103  -2.651  -2.724  1.00 15.27 ? 23  SER A CA  1 
ATOM   176 C  C   . SER A 1 23  ? -8.044  -1.945  -1.901  1.00 15.56 ? 23  SER A C   1 
ATOM   177 O  O   . SER A 1 23  ? -7.923  -0.742  -1.994  1.00 9.87  ? 23  SER A O   1 
ATOM   178 C  CB  . SER A 1 23  ? -10.449 -2.530  -2.009  1.00 15.11 ? 23  SER A CB  1 
ATOM   179 O  OG  . SER A 1 23  ? -10.384 -2.939  -0.649  1.00 20.08 ? 23  SER A OG  1 
ATOM   180 N  N   . ILE A 1 24  ? -7.309  -2.676  -1.066  1.00 14.87 ? 24  ILE A N   1 
ATOM   181 C  CA  . ILE A 1 24  ? -6.270  -2.037  -0.269  1.00 10.74 ? 24  ILE A CA  1 
ATOM   182 C  C   . ILE A 1 24  ? -4.859  -2.236  -0.831  1.00 12.38 ? 24  ILE A C   1 
ATOM   183 O  O   . ILE A 1 24  ? -3.861  -1.938  -0.156  1.00 13.44 ? 24  ILE A O   1 
ATOM   184 C  CB  . ILE A 1 24  ? -6.389  -2.424  1.234   1.00 13.14 ? 24  ILE A CB  1 
ATOM   185 C  CG1 . ILE A 1 24  ? -6.402  -3.963  1.427   1.00 6.63  ? 24  ILE A CG1 1 
ATOM   186 C  CG2 . ILE A 1 24  ? -7.698  -1.838  1.777   1.00 12.80 ? 24  ILE A CG2 1 
ATOM   187 C  CD1 . ILE A 1 24  ? -5.043  -4.677  1.183   1.00 2.81  ? 24  ILE A CD1 1 
ATOM   188 N  N   . SER A 1 25  ? -4.790  -2.734  -2.069  1.00 11.49 ? 25  SER A N   1 
ATOM   189 C  CA  . SER A 1 25  ? -3.520  -2.971  -2.767  1.00 15.12 ? 25  SER A CA  1 
ATOM   190 C  C   . SER A 1 25  ? -3.207  -1.915  -3.862  1.00 14.28 ? 25  SER A C   1 
ATOM   191 O  O   . SER A 1 25  ? -4.101  -1.309  -4.445  1.00 13.70 ? 25  SER A O   1 
ATOM   192 C  CB  . SER A 1 25  ? -3.517  -4.367  -3.411  1.00 12.25 ? 25  SER A CB  1 
ATOM   193 O  OG  . SER A 1 25  ? -3.809  -5.387  -2.470  1.00 18.74 ? 25  SER A OG  1 
ATOM   194 N  N   . CYS A 1 26  ? -1.927  -1.688  -4.117  1.00 15.10 ? 26  CYS A N   1 
ATOM   195 C  CA  . CYS A 1 26  ? -1.506  -0.754  -5.154  1.00 17.94 ? 26  CYS A CA  1 
ATOM   196 C  C   . CYS A 1 26  ? -1.774  -1.430  -6.492  1.00 18.73 ? 26  CYS A C   1 
ATOM   197 O  O   . CYS A 1 26  ? -1.279  -2.517  -6.746  1.00 18.49 ? 26  CYS A O   1 
ATOM   198 C  CB  . CYS A 1 26  ? -0.010  -0.444  -5.012  1.00 16.32 ? 26  CYS A CB  1 
ATOM   199 S  SG  . CYS A 1 26  ? 0.690   0.307   -6.473  1.00 17.54 ? 26  CYS A SG  1 
ATOM   200 N  N   . GLN A 1 27  ? -2.546  -0.781  -7.359  1.00 26.19 ? 27  GLN A N   1 
ATOM   201 C  CA  . GLN A 1 27  ? -2.895  -1.381  -8.653  1.00 26.18 ? 27  GLN A CA  1 
ATOM   202 C  C   . GLN A 1 27  ? -1.765  -1.576  -9.667  1.00 25.49 ? 27  GLN A C   1 
ATOM   203 O  O   . GLN A 1 27  ? -1.967  -2.204  -10.706 1.00 26.55 ? 27  GLN A O   1 
ATOM   204 C  CB  . GLN A 1 27  ? -4.111  -0.689  -9.269  1.00 26.70 ? 27  GLN A CB  1 
ATOM   205 C  CG  . GLN A 1 27  ? -5.385  -0.822  -8.426  1.00 29.57 ? 27  GLN A CG  1 
ATOM   206 C  CD  . GLN A 1 27  ? -5.657  -2.251  -7.991  1.00 29.07 ? 27  GLN A CD  1 
ATOM   207 O  OE1 . GLN A 1 27  ? -6.075  -3.086  -8.784  1.00 35.32 ? 27  GLN A OE1 1 
ATOM   208 N  NE2 . GLN A 1 27  ? -5.438  -2.531  -6.720  1.00 30.79 ? 27  GLN A NE2 1 
ATOM   209 N  N   . ILE A 1 28  ? -0.579  -1.063  -9.332  1.00 23.88 ? 28  ILE A N   1 
ATOM   210 C  CA  . ILE A 1 28  ? 0.629   -1.233  -10.148 1.00 19.87 ? 28  ILE A CA  1 
ATOM   211 C  C   . ILE A 1 28  ? 1.521   -2.324  -9.523  1.00 16.76 ? 28  ILE A C   1 
ATOM   212 O  O   . ILE A 1 28  ? 1.647   -3.399  -10.059 1.00 16.39 ? 28  ILE A O   1 
ATOM   213 C  CB  . ILE A 1 28  ? 1.439   0.077   -10.251 1.00 18.25 ? 28  ILE A CB  1 
ATOM   214 C  CG1 . ILE A 1 28  ? 0.734   1.037   -11.210 1.00 18.88 ? 28  ILE A CG1 1 
ATOM   215 C  CG2 . ILE A 1 28  ? 2.864   -0.195  -10.747 1.00 20.96 ? 28  ILE A CG2 1 
ATOM   216 C  CD1 . ILE A 1 28  ? 1.286   2.453   -11.181 1.00 20.30 ? 28  ILE A CD1 1 
ATOM   217 N  N   . CYS A 1 29  ? 2.063   -2.058  -8.344  1.00 19.20 ? 29  CYS A N   1 
ATOM   218 C  CA  . CYS A 1 29  ? 2.948   -2.989  -7.672  1.00 19.74 ? 29  CYS A CA  1 
ATOM   219 C  C   . CYS A 1 29  ? 2.286   -4.132  -6.904  1.00 22.70 ? 29  CYS A C   1 
ATOM   220 O  O   . CYS A 1 29  ? 2.961   -5.100  -6.559  1.00 28.44 ? 29  CYS A O   1 
ATOM   221 C  CB  . CYS A 1 29  ? 3.938   -2.224  -6.769  1.00 20.14 ? 29  CYS A CB  1 
ATOM   222 S  SG  . CYS A 1 29  ? 3.359   -1.614  -5.157  1.00 19.27 ? 29  CYS A SG  1 
ATOM   223 N  N   . GLU A 1 30  ? 0.985   -4.031  -6.632  1.00 22.26 ? 30  GLU A N   1 
ATOM   224 C  CA  . GLU A 1 30  ? 0.249   -5.076  -5.895  1.00 21.68 ? 30  GLU A CA  1 
ATOM   225 C  C   . GLU A 1 30  ? 0.559   -5.254  -4.405  1.00 20.23 ? 30  GLU A C   1 
ATOM   226 O  O   . GLU A 1 30  ? 0.042   -6.156  -3.749  1.00 19.73 ? 30  GLU A O   1 
ATOM   227 C  CB  . GLU A 1 30  ? 0.356   -6.419  -6.607  1.00 21.41 ? 30  GLU A CB  1 
ATOM   228 C  CG  . GLU A 1 30  ? -0.471  -6.449  -7.864  1.00 29.58 ? 30  GLU A CG  1 
ATOM   229 C  CD  . GLU A 1 30  ? -0.402  -7.765  -8.582  1.00 34.94 ? 30  GLU A CD  1 
ATOM   230 O  OE1 . GLU A 1 30  ? -0.335  -8.825  -7.921  1.00 45.72 ? 30  GLU A OE1 1 
ATOM   231 O  OE2 . GLU A 1 30  ? -0.429  -7.741  -9.819  1.00 37.75 ? 30  GLU A OE2 1 
ATOM   232 N  N   . HIS A 1 31  ? 1.404   -4.402  -3.856  1.00 18.27 ? 31  HIS A N   1 
ATOM   233 C  CA  . HIS A 1 31  ? 1.708   -4.509  -2.435  1.00 20.61 ? 31  HIS A CA  1 
ATOM   234 C  C   . HIS A 1 31  ? 0.598   -3.789  -1.665  1.00 19.02 ? 31  HIS A C   1 
ATOM   235 O  O   . HIS A 1 31  ? -0.317  -3.220  -2.285  1.00 20.78 ? 31  HIS A O   1 
ATOM   236 C  CB  . HIS A 1 31  ? 3.052   -3.837  -2.152  1.00 17.40 ? 31  HIS A CB  1 
ATOM   237 C  CG  . HIS A 1 31  ? 4.209   -4.520  -2.802  1.00 17.29 ? 31  HIS A CG  1 
ATOM   238 N  ND1 . HIS A 1 31  ? 5.061   -3.837  -3.629  1.00 21.35 ? 31  HIS A ND1 1 
ATOM   239 C  CD2 . HIS A 1 31  ? 4.675   -5.773  -2.601  1.00 16.10 ? 31  HIS A CD2 1 
ATOM   240 C  CE1 . HIS A 1 31  ? 6.032   -4.688  -3.903  1.00 20.56 ? 31  HIS A CE1 1 
ATOM   241 N  NE2 . HIS A 1 31  ? 5.838   -5.872  -3.302  1.00 15.53 ? 31  HIS A NE2 1 
ATOM   242 N  N   . ILE A 1 32  ? 0.636   -3.856  -0.333  1.00 13.80 ? 32  ILE A N   1 
ATOM   243 C  CA  . ILE A 1 32  ? -0.342  -3.102  0.456   1.00 16.38 ? 32  ILE A CA  1 
ATOM   244 C  C   . ILE A 1 32  ? 0.000   -1.621  0.157   1.00 19.63 ? 32  ILE A C   1 
ATOM   245 O  O   . ILE A 1 32  ? 1.181   -1.224  0.208   1.00 16.35 ? 32  ILE A O   1 
ATOM   246 C  CB  . ILE A 1 32  ? -0.181  -3.333  1.968   1.00 11.44 ? 32  ILE A CB  1 
ATOM   247 C  CG1 . ILE A 1 32  ? -0.378  -4.809  2.297   1.00 16.73 ? 32  ILE A CG1 1 
ATOM   248 C  CG2 . ILE A 1 32  ? -1.194  -2.497  2.729   1.00 5.14  ? 32  ILE A CG2 1 
ATOM   249 C  CD1 . ILE A 1 32  ? -0.171  -5.142  3.770   1.00 17.57 ? 32  ILE A CD1 1 
ATOM   250 N  N   . LEU A 1 33  ? -0.996  -0.822  -0.214  1.00 18.06 ? 33  LEU A N   1 
ATOM   251 C  CA  . LEU A 1 33  ? -0.735  0.596   -0.529  1.00 19.44 ? 33  LEU A CA  1 
ATOM   252 C  C   . LEU A 1 33  ? 0.194   1.290   0.476   1.00 17.05 ? 33  LEU A C   1 
ATOM   253 O  O   . LEU A 1 33  ? -0.019  1.232   1.692   1.00 15.30 ? 33  LEU A O   1 
ATOM   254 C  CB  . LEU A 1 33  ? -2.051  1.391   -0.586  1.00 22.36 ? 33  LEU A CB  1 
ATOM   255 C  CG  . LEU A 1 33  ? -3.011  1.108   -1.734  1.00 22.49 ? 33  LEU A CG  1 
ATOM   256 C  CD1 . LEU A 1 33  ? -4.431  1.468   -1.331  1.00 21.72 ? 33  LEU A CD1 1 
ATOM   257 C  CD2 . LEU A 1 33  ? -2.572  1.873   -2.950  1.00 19.58 ? 33  LEU A CD2 1 
ATOM   258 N  N   . ALA A 1 34  ? 1.222   1.950   -0.034  1.00 13.30 ? 34  ALA A N   1 
ATOM   259 C  CA  . ALA A 1 34  ? 2.132   2.674   0.845   1.00 18.80 ? 34  ALA A CA  1 
ATOM   260 C  C   . ALA A 1 34  ? 2.000   4.103   0.382   1.00 15.86 ? 34  ALA A C   1 
ATOM   261 O  O   . ALA A 1 34  ? 2.346   4.397   -0.753  1.00 24.18 ? 34  ALA A O   1 
ATOM   262 C  CB  . ALA A 1 34  ? 3.575   2.170   0.665   1.00 16.71 ? 34  ALA A CB  1 
ATOM   263 N  N   . ASP A 1 35  ? 1.479   4.981   1.237   1.00 20.29 ? 35  ASP A N   1 
ATOM   264 C  CA  . ASP A 1 35  ? 1.249   6.408   0.907   1.00 20.17 ? 35  ASP A CA  1 
ATOM   265 C  C   . ASP A 1 35  ? 0.345   6.469   -0.301  1.00 20.39 ? 35  ASP A C   1 
ATOM   266 O  O   . ASP A 1 35  ? 0.750   6.939   -1.373  1.00 22.70 ? 35  ASP A O   1 
ATOM   267 C  CB  . ASP A 1 35  ? 2.573   7.110   0.588   1.00 24.63 ? 35  ASP A CB  1 
ATOM   268 C  CG  . ASP A 1 35  ? 2.450   8.626   0.575   1.00 27.49 ? 35  ASP A CG  1 
ATOM   269 O  OD1 . ASP A 1 35  ? 1.433   9.152   1.073   1.00 24.45 ? 35  ASP A OD1 1 
ATOM   270 O  OD2 . ASP A 1 35  ? 3.384   9.291   0.074   1.00 31.17 ? 35  ASP A OD2 1 
ATOM   271 N  N   . PRO A 1 36  ? -0.909  5.998   -0.157  1.00 21.38 ? 36  PRO A N   1 
ATOM   272 C  CA  . PRO A 1 36  ? -1.877  5.986   -1.267  1.00 18.55 ? 36  PRO A CA  1 
ATOM   273 C  C   . PRO A 1 36  ? -2.335  7.335   -1.773  1.00 18.95 ? 36  PRO A C   1 
ATOM   274 O  O   . PRO A 1 36  ? -2.432  8.287   -1.017  1.00 21.40 ? 36  PRO A O   1 
ATOM   275 C  CB  . PRO A 1 36  ? -3.052  5.218   -0.666  1.00 17.66 ? 36  PRO A CB  1 
ATOM   276 C  CG  . PRO A 1 36  ? -3.019  5.651   0.777   1.00 16.88 ? 36  PRO A CG  1 
ATOM   277 C  CD  . PRO A 1 36  ? -1.542  5.536   1.093   1.00 15.70 ? 36  PRO A CD  1 
ATOM   278 N  N   . VAL A 1 37  ? -2.538  7.421   -3.081  1.00 20.68 ? 37  VAL A N   1 
ATOM   279 C  CA  . VAL A 1 37  ? -3.079  8.625   -3.715  1.00 21.35 ? 37  VAL A CA  1 
ATOM   280 C  C   . VAL A 1 37  ? -4.161  8.101   -4.626  1.00 21.04 ? 37  VAL A C   1 
ATOM   281 O  O   . VAL A 1 37  ? -4.062  6.981   -5.162  1.00 23.19 ? 37  VAL A O   1 
ATOM   282 C  CB  . VAL A 1 37  ? -2.061  9.438   -4.560  1.00 19.61 ? 37  VAL A CB  1 
ATOM   283 C  CG1 . VAL A 1 37  ? -1.082  10.125  -3.655  1.00 23.56 ? 37  VAL A CG1 1 
ATOM   284 C  CG2 . VAL A 1 37  ? -1.340  8.561   -5.565  1.00 22.77 ? 37  VAL A CG2 1 
ATOM   285 N  N   . GLU A 1 38  ? -5.180  8.920   -4.826  1.00 17.58 ? 38  GLU A N   1 
ATOM   286 C  CA  . GLU A 1 38  ? -6.315  8.562   -5.646  1.00 19.30 ? 38  GLU A CA  1 
ATOM   287 C  C   . GLU A 1 38  ? -6.391  9.403   -6.917  1.00 21.62 ? 38  GLU A C   1 
ATOM   288 O  O   . GLU A 1 38  ? -6.272  10.644  -6.878  1.00 21.10 ? 38  GLU A O   1 
ATOM   289 C  CB  . GLU A 1 38  ? -7.599  8.723   -4.820  1.00 15.37 ? 38  GLU A CB  1 
ATOM   290 C  CG  . GLU A 1 38  ? -8.868  8.307   -5.520  1.00 18.15 ? 38  GLU A CG  1 
ATOM   291 C  CD  . GLU A 1 38  ? -10.074 8.286   -4.588  1.00 15.85 ? 38  GLU A CD  1 
ATOM   292 O  OE1 . GLU A 1 38  ? -9.918  8.509   -3.390  1.00 18.33 ? 38  GLU A OE1 1 
ATOM   293 O  OE2 . GLU A 1 38  ? -11.194 8.012   -5.060  1.00 23.02 ? 38  GLU A OE2 1 
ATOM   294 N  N   . THR A 1 39  ? -6.556  8.707   -8.039  1.00 21.55 ? 39  THR A N   1 
ATOM   295 C  CA  . THR A 1 39  ? -6.682  9.344   -9.341  1.00 19.90 ? 39  THR A CA  1 
ATOM   296 C  C   . THR A 1 39  ? -8.093  9.901   -9.463  1.00 21.50 ? 39  THR A C   1 
ATOM   297 O  O   . THR A 1 39  ? -8.983  9.515   -8.697  1.00 22.45 ? 39  THR A O   1 
ATOM   298 C  CB  . THR A 1 39  ? -6.461  8.339   -10.499 1.00 21.90 ? 39  THR A CB  1 
ATOM   299 O  OG1 . THR A 1 39  ? -7.490  7.334   -10.475 1.00 18.93 ? 39  THR A OG1 1 
ATOM   300 C  CG2 . THR A 1 39  ? -5.098  7.696   -10.395 1.00 15.63 ? 39  THR A CG2 1 
ATOM   301 N  N   . SER A 1 40  ? -8.302  10.791  -10.433 1.00 22.60 ? 40  SER A N   1 
ATOM   302 C  CA  . SER A 1 40  ? -9.622  11.387  -10.664 1.00 23.23 ? 40  SER A CA  1 
ATOM   303 C  C   . SER A 1 40  ? -10.659 10.271  -10.870 1.00 23.52 ? 40  SER A C   1 
ATOM   304 O  O   . SER A 1 40  ? -11.803 10.359  -10.385 1.00 22.19 ? 40  SER A O   1 
ATOM   305 C  CB  . SER A 1 40  ? -9.561  12.330  -11.878 1.00 24.28 ? 40  SER A CB  1 
ATOM   306 O  OG  . SER A 1 40  ? -8.647  13.401  -11.637 1.00 24.23 ? 40  SER A OG  1 
ATOM   307 N  N   . CYS A 1 41  ? -10.198 9.173   -11.470 1.00 19.73 ? 41  CYS A N   1 
ATOM   308 C  CA  . CYS A 1 41  ? -11.042 8.019   -11.732 1.00 19.74 ? 41  CYS A CA  1 
ATOM   309 C  C   . CYS A 1 41  ? -11.218 7.055   -10.537 1.00 19.27 ? 41  CYS A C   1 
ATOM   310 O  O   . CYS A 1 41  ? -11.657 5.917   -10.714 1.00 20.45 ? 41  CYS A O   1 
ATOM   311 C  CB  . CYS A 1 41  ? -10.543 7.285   -12.986 1.00 17.91 ? 41  CYS A CB  1 
ATOM   312 S  SG  . CYS A 1 41  ? -8.753  6.998   -13.027 1.00 15.41 ? 41  CYS A SG  1 
ATOM   313 N  N   . LYS A 1 42  ? -10.875 7.511   -9.331  1.00 18.23 ? 42  LYS A N   1 
ATOM   314 C  CA  . LYS A 1 42  ? -11.044 6.732   -8.094  1.00 17.75 ? 42  LYS A CA  1 
ATOM   315 C  C   . LYS A 1 42  ? -10.241 5.439   -7.954  1.00 19.11 ? 42  LYS A C   1 
ATOM   316 O  O   . LYS A 1 42  ? -10.675 4.491   -7.302  1.00 19.36 ? 42  LYS A O   1 
ATOM   317 C  CB  . LYS A 1 42  ? -12.525 6.409   -7.865  1.00 22.39 ? 42  LYS A CB  1 
ATOM   318 C  CG  . LYS A 1 42  ? -13.480 7.585   -8.027  1.00 22.74 ? 42  LYS A CG  1 
ATOM   319 C  CD  . LYS A 1 42  ? -13.684 8.341   -6.751  1.00 27.52 ? 42  LYS A CD  1 
ATOM   320 C  CE  . LYS A 1 42  ? -14.773 9.368   -6.942  1.00 37.80 ? 42  LYS A CE  1 
ATOM   321 N  NZ  . LYS A 1 42  ? -16.046 8.749   -7.493  1.00 42.21 ? 42  LYS A NZ  1 
ATOM   322 N  N   . HIS A 1 43  ? -9.080  5.386   -8.576  1.00 18.89 ? 43  HIS A N   1 
ATOM   323 C  CA  . HIS A 1 43  ? -8.243  4.220   -8.468  1.00 13.21 ? 43  HIS A CA  1 
ATOM   324 C  C   . HIS A 1 43  ? -7.047  4.532   -7.567  1.00 17.36 ? 43  HIS A C   1 
ATOM   325 O  O   . HIS A 1 43  ? -6.579  5.667   -7.528  1.00 14.21 ? 43  HIS A O   1 
ATOM   326 C  CB  . HIS A 1 43  ? -7.820  3.805   -9.863  1.00 16.40 ? 43  HIS A CB  1 
ATOM   327 C  CG  . HIS A 1 43  ? -8.958  3.290   -10.675 1.00 18.66 ? 43  HIS A CG  1 
ATOM   328 N  ND1 . HIS A 1 43  ? -9.278  3.840   -11.891 1.00 24.24 ? 43  HIS A ND1 1 
ATOM   329 C  CD2 . HIS A 1 43  ? -9.820  2.297   -10.399 1.00 19.72 ? 43  HIS A CD2 1 
ATOM   330 C  CE1 . HIS A 1 43  ? -10.316 3.154   -12.320 1.00 24.75 ? 43  HIS A CE1 1 
ATOM   331 N  NE2 . HIS A 1 43  ? -10.678 2.209   -11.449 1.00 14.35 ? 43  HIS A NE2 1 
ATOM   332 N  N   . LEU A 1 44  ? -6.543  3.519   -6.859  1.00 16.82 ? 44  LEU A N   1 
ATOM   333 C  CA  . LEU A 1 44  ? -5.432  3.704   -5.922  1.00 18.28 ? 44  LEU A CA  1 
ATOM   334 C  C   . LEU A 1 44  ? -4.050  3.153   -6.316  1.00 16.73 ? 44  LEU A C   1 
ATOM   335 O  O   . LEU A 1 44  ? -3.948  2.093   -6.929  1.00 19.42 ? 44  LEU A O   1 
ATOM   336 C  CB  . LEU A 1 44  ? -5.838  3.141   -4.558  1.00 17.12 ? 44  LEU A CB  1 
ATOM   337 C  CG  . LEU A 1 44  ? -7.130  3.723   -3.966  1.00 18.55 ? 44  LEU A CG  1 
ATOM   338 C  CD1 . LEU A 1 44  ? -7.390  3.143   -2.619  1.00 9.50  ? 44  LEU A CD1 1 
ATOM   339 C  CD2 . LEU A 1 44  ? -7.044  5.238   -3.866  1.00 13.63 ? 44  LEU A CD2 1 
ATOM   340 N  N   . PHE A 1 45  ? -2.998  3.896   -5.970  1.00 15.07 ? 45  PHE A N   1 
ATOM   341 C  CA  . PHE A 1 45  ? -1.594  3.518   -6.239  1.00 17.27 ? 45  PHE A CA  1 
ATOM   342 C  C   . PHE A 1 45  ? -0.695  4.199   -5.203  1.00 18.21 ? 45  PHE A C   1 
ATOM   343 O  O   . PHE A 1 45  ? -1.018  5.292   -4.722  1.00 19.09 ? 45  PHE A O   1 
ATOM   344 C  CB  . PHE A 1 45  ? -1.105  4.012   -7.613  1.00 16.69 ? 45  PHE A CB  1 
ATOM   345 C  CG  . PHE A 1 45  ? -2.035  3.718   -8.729  1.00 19.25 ? 45  PHE A CG  1 
ATOM   346 C  CD1 . PHE A 1 45  ? -3.062  4.601   -9.036  1.00 18.52 ? 45  PHE A CD1 1 
ATOM   347 C  CD2 . PHE A 1 45  ? -1.934  2.529   -9.440  1.00 20.45 ? 45  PHE A CD2 1 
ATOM   348 C  CE1 . PHE A 1 45  ? -3.990  4.311   -10.040 1.00 16.38 ? 45  PHE A CE1 1 
ATOM   349 C  CE2 . PHE A 1 45  ? -2.852  2.221   -10.450 1.00 22.69 ? 45  PHE A CE2 1 
ATOM   350 C  CZ  . PHE A 1 45  ? -3.896  3.124   -10.748 1.00 21.31 ? 45  PHE A CZ  1 
ATOM   351 N  N   . CYS A 1 46  ? 0.435   3.566   -4.865  1.00 20.99 ? 46  CYS A N   1 
ATOM   352 C  CA  . CYS A 1 46  ? 1.392   4.161   -3.921  1.00 20.09 ? 46  CYS A CA  1 
ATOM   353 C  C   . CYS A 1 46  ? 1.867   5.420   -4.645  1.00 20.75 ? 46  CYS A C   1 
ATOM   354 O  O   . CYS A 1 46  ? 2.104   5.362   -5.853  1.00 20.57 ? 46  CYS A O   1 
ATOM   355 C  CB  . CYS A 1 46  ? 2.633   3.267   -3.729  1.00 19.21 ? 46  CYS A CB  1 
ATOM   356 S  SG  . CYS A 1 46  ? 2.406   1.475   -3.469  1.00 20.10 ? 46  CYS A SG  1 
ATOM   357 N  N   . ARG A 1 47  ? 2.009   6.541   -3.934  1.00 25.00 ? 47  ARG A N   1 
ATOM   358 C  CA  . ARG A 1 47  ? 2.492   7.799   -4.544  1.00 26.48 ? 47  ARG A CA  1 
ATOM   359 C  C   . ARG A 1 47  ? 3.684   7.613   -5.503  1.00 24.57 ? 47  ARG A C   1 
ATOM   360 O  O   . ARG A 1 47  ? 3.703   8.214   -6.566  1.00 26.66 ? 47  ARG A O   1 
ATOM   361 C  CB  . ARG A 1 47  ? 2.881   8.814   -3.454  1.00 32.22 ? 47  ARG A CB  1 
ATOM   362 C  CG  . ARG A 1 47  ? 3.674   10.048  -3.921  1.00 31.34 ? 47  ARG A CG  1 
ATOM   363 C  CD  . ARG A 1 47  ? 2.796   11.239  -4.326  1.00 36.45 ? 47  ARG A CD  1 
ATOM   364 N  NE  . ARG A 1 47  ? 1.801   11.617  -3.319  1.00 31.64 ? 47  ARG A NE  1 
ATOM   365 C  CZ  . ARG A 1 47  ? 2.042   11.716  -2.017  1.00 34.62 ? 47  ARG A CZ  1 
ATOM   366 N  NH1 . ARG A 1 47  ? 3.256   11.476  -1.545  1.00 36.38 ? 47  ARG A NH1 1 
ATOM   367 N  NH2 . ARG A 1 47  ? 1.051   11.982  -1.168  1.00 33.76 ? 47  ARG A NH2 1 
ATOM   368 N  N   . ILE A 1 48  ? 4.662   6.775   -5.160  1.00 23.36 ? 48  ILE A N   1 
ATOM   369 C  CA  . ILE A 1 48  ? 5.795   6.603   -6.053  1.00 27.21 ? 48  ILE A CA  1 
ATOM   370 C  C   . ILE A 1 48  ? 5.505   5.733   -7.254  1.00 28.50 ? 48  ILE A C   1 
ATOM   371 O  O   . ILE A 1 48  ? 6.064   5.950   -8.329  1.00 34.52 ? 48  ILE A O   1 
ATOM   372 C  CB  . ILE A 1 48  ? 7.080   6.038   -5.359  1.00 25.77 ? 48  ILE A CB  1 
ATOM   373 C  CG1 . ILE A 1 48  ? 6.854   4.595   -4.899  1.00 31.60 ? 48  ILE A CG1 1 
ATOM   374 C  CG2 . ILE A 1 48  ? 7.505   6.940   -4.208  1.00 24.35 ? 48  ILE A CG2 1 
ATOM   375 C  CD1 . ILE A 1 48  ? 8.107   3.907   -4.332  1.00 33.13 ? 48  ILE A CD1 1 
ATOM   376 N  N   . CYS A 1 49  ? 4.634   4.748   -7.099  1.00 26.91 ? 49  CYS A N   1 
ATOM   377 C  CA  . CYS A 1 49  ? 4.378   3.858   -8.228  1.00 25.29 ? 49  CYS A CA  1 
ATOM   378 C  C   . CYS A 1 49  ? 3.671   4.566   -9.374  1.00 26.44 ? 49  CYS A C   1 
ATOM   379 O  O   . CYS A 1 49  ? 4.060   4.422   -10.541 1.00 25.67 ? 49  CYS A O   1 
ATOM   380 C  CB  . CYS A 1 49  ? 3.599   2.623   -7.785  1.00 21.26 ? 49  CYS A CB  1 
ATOM   381 S  SG  . CYS A 1 49  ? 4.506   1.607   -6.574  1.00 18.47 ? 49  CYS A SG  1 
ATOM   382 N  N   . ILE A 1 50  ? 2.684   5.382   -9.024  1.00 24.93 ? 50  ILE A N   1 
ATOM   383 C  CA  . ILE A 1 50  ? 1.908   6.093   -10.028 1.00 27.53 ? 50  ILE A CA  1 
ATOM   384 C  C   . ILE A 1 50  ? 2.715   7.193   -10.753 1.00 28.72 ? 50  ILE A C   1 
ATOM   385 O  O   . ILE A 1 50  ? 2.726   7.243   -11.982 1.00 26.01 ? 50  ILE A O   1 
ATOM   386 C  CB  . ILE A 1 50  ? 0.569   6.615   -9.439  1.00 18.69 ? 50  ILE A CB  1 
ATOM   387 C  CG1 . ILE A 1 50  ? -0.294  7.208   -10.554 1.00 20.46 ? 50  ILE A CG1 1 
ATOM   388 C  CG2 . ILE A 1 50  ? 0.816   7.578   -8.285  1.00 13.36 ? 50  ILE A CG2 1 
ATOM   389 C  CD1 . ILE A 1 50  ? -0.580  6.230   -11.689 1.00 18.09 ? 50  ILE A CD1 1 
ATOM   390 N  N   . LEU A 1 51  ? 3.467   7.992   -10.004 1.00 29.33 ? 51  LEU A N   1 
ATOM   391 C  CA  . LEU A 1 51  ? 4.253   9.050   -10.618 1.00 31.12 ? 51  LEU A CA  1 
ATOM   392 C  C   . LEU A 1 51  ? 5.263   8.501   -11.624 1.00 35.28 ? 51  LEU A C   1 
ATOM   393 O  O   . LEU A 1 51  ? 5.535   9.133   -12.642 1.00 34.50 ? 51  LEU A O   1 
ATOM   394 C  CB  . LEU A 1 51  ? 4.965   9.869   -9.545  1.00 29.03 ? 51  LEU A CB  1 
ATOM   395 C  CG  . LEU A 1 51  ? 4.044   10.798  -8.753  1.00 27.75 ? 51  LEU A CG  1 
ATOM   396 C  CD1 . LEU A 1 51  ? 4.776   11.510  -7.610  1.00 24.00 ? 51  LEU A CD1 1 
ATOM   397 C  CD2 . LEU A 1 51  ? 3.462   11.799  -9.722  1.00 25.41 ? 51  LEU A CD2 1 
ATOM   398 N  N   . ARG A 1 52  ? 5.814   7.322   -11.361 1.00 35.46 ? 52  ARG A N   1 
ATOM   399 C  CA  . ARG A 1 52  ? 6.778   6.781   -12.297 1.00 38.24 ? 52  ARG A CA  1 
ATOM   400 C  C   . ARG A 1 52  ? 6.073   6.331   -13.566 1.00 40.47 ? 52  ARG A C   1 
ATOM   401 O  O   . ARG A 1 52  ? 6.583   6.536   -14.662 1.00 42.43 ? 52  ARG A O   1 
ATOM   402 C  CB  . ARG A 1 52  ? 7.587   5.645   -11.662 1.00 40.03 ? 52  ARG A CB  1 
ATOM   403 C  CG  . ARG A 1 52  ? 8.610   4.958   -12.589 1.00 46.22 ? 52  ARG A CG  1 
ATOM   404 C  CD  . ARG A 1 52  ? 8.017   3.772   -13.370 1.00 52.98 ? 52  ARG A CD  1 
ATOM   405 N  NE  . ARG A 1 52  ? 7.194   2.921   -12.501 1.00 62.84 ? 52  ARG A NE  1 
ATOM   406 C  CZ  . ARG A 1 52  ? 6.445   1.893   -12.911 1.00 65.56 ? 52  ARG A CZ  1 
ATOM   407 N  NH1 . ARG A 1 52  ? 6.405   1.541   -14.193 1.00 67.12 ? 52  ARG A NH1 1 
ATOM   408 N  NH2 . ARG A 1 52  ? 5.665   1.260   -12.041 1.00 67.46 ? 52  ARG A NH2 1 
ATOM   409 N  N   . CYS A 1 53  ? 4.891   5.738   -13.421 1.00 42.51 ? 53  CYS A N   1 
ATOM   410 C  CA  . CYS A 1 53  ? 4.131   5.249   -14.576 1.00 43.46 ? 53  CYS A CA  1 
ATOM   411 C  C   . CYS A 1 53  ? 3.660   6.380   -15.459 1.00 41.90 ? 53  CYS A C   1 
ATOM   412 O  O   . CYS A 1 53  ? 3.533   6.215   -16.668 1.00 40.70 ? 53  CYS A O   1 
ATOM   413 C  CB  . CYS A 1 53  ? 2.915   4.430   -14.135 1.00 45.61 ? 53  CYS A CB  1 
ATOM   414 S  SG  . CYS A 1 53  ? 3.221   2.674   -13.966 1.00 51.97 ? 53  CYS A SG  1 
ATOM   415 N  N   . LEU A 1 54  ? 3.366   7.517   -14.837 1.00 42.28 ? 54  LEU A N   1 
ATOM   416 C  CA  . LEU A 1 54  ? 2.905   8.690   -15.564 1.00 44.14 ? 54  LEU A CA  1 
ATOM   417 C  C   . LEU A 1 54  ? 4.061   9.249   -16.370 1.00 45.97 ? 54  LEU A C   1 
ATOM   418 O  O   . LEU A 1 54  ? 3.871   9.771   -17.472 1.00 48.06 ? 54  LEU A O   1 
ATOM   419 C  CB  . LEU A 1 54  ? 2.368   9.739   -14.599 1.00 41.72 ? 54  LEU A CB  1 
ATOM   420 C  CG  . LEU A 1 54  ? 1.100   9.303   -13.862 1.00 40.32 ? 54  LEU A CG  1 
ATOM   421 C  CD1 . LEU A 1 54  ? 0.685   10.407  -12.916 1.00 42.40 ? 54  LEU A CD1 1 
ATOM   422 C  CD2 . LEU A 1 54  ? -0.027  8.970   -14.852 1.00 37.85 ? 54  LEU A CD2 1 
ATOM   423 N  N   . LYS A 1 55  ? 5.267   9.091   -15.835 1.00 45.56 ? 55  LYS A N   1 
ATOM   424 C  CA  . LYS A 1 55  ? 6.445   9.570   -16.526 1.00 46.97 ? 55  LYS A CA  1 
ATOM   425 C  C   . LYS A 1 55  ? 6.838   8.593   -17.647 1.00 45.18 ? 55  LYS A C   1 
ATOM   426 O  O   . LYS A 1 55  ? 6.529   8.814   -18.811 1.00 45.07 ? 55  LYS A O   1 
ATOM   427 C  CB  . LYS A 1 55  ? 7.598   9.797   -15.542 1.00 47.69 ? 55  LYS A CB  1 
ATOM   428 C  CG  . LYS A 1 55  ? 8.567   10.884  -15.989 1.00 54.48 ? 55  LYS A CG  1 
ATOM   429 C  CD  . LYS A 1 55  ? 9.703   11.145  -14.979 1.00 61.19 ? 55  LYS A CD  1 
ATOM   430 C  CE  . LYS A 1 55  ? 10.613  9.927   -14.816 1.00 63.86 ? 55  LYS A CE  1 
ATOM   431 N  NZ  . LYS A 1 55  ? 11.175  9.432   -16.116 1.00 64.75 ? 55  LYS A NZ  1 
ATOM   432 N  N   . VAL A 1 56  ? 7.378   7.444   -17.277 1.00 43.22 ? 56  VAL A N   1 
ATOM   433 C  CA  . VAL A 1 56  ? 7.831   6.481   -18.267 1.00 42.41 ? 56  VAL A CA  1 
ATOM   434 C  C   . VAL A 1 56  ? 6.813   5.875   -19.219 1.00 41.23 ? 56  VAL A C   1 
ATOM   435 O  O   . VAL A 1 56  ? 7.176   5.496   -20.325 1.00 42.68 ? 56  VAL A O   1 
ATOM   436 C  CB  . VAL A 1 56  ? 8.625   5.342   -17.604 1.00 42.40 ? 56  VAL A CB  1 
ATOM   437 C  CG1 . VAL A 1 56  ? 9.707   5.927   -16.693 1.00 40.43 ? 56  VAL A CG1 1 
ATOM   438 C  CG2 . VAL A 1 56  ? 7.690   4.429   -16.817 1.00 45.35 ? 56  VAL A CG2 1 
ATOM   439 N  N   . MET A 1 57  ? 5.546   5.811   -18.823 1.00 42.94 ? 57  MET A N   1 
ATOM   440 C  CA  . MET A 1 57  ? 4.520   5.196   -19.675 1.00 45.44 ? 57  MET A CA  1 
ATOM   441 C  C   . MET A 1 57  ? 3.531   6.117   -20.383 1.00 44.98 ? 57  MET A C   1 
ATOM   442 O  O   . MET A 1 57  ? 3.049   5.796   -21.473 1.00 46.05 ? 57  MET A O   1 
ATOM   443 C  CB  . MET A 1 57  ? 3.733   4.146   -18.886 1.00 49.11 ? 57  MET A CB  1 
ATOM   444 C  CG  . MET A 1 57  ? 4.463   2.832   -18.673 1.00 53.61 ? 57  MET A CG  1 
ATOM   445 S  SD  . MET A 1 57  ? 4.679   1.923   -20.218 1.00 56.35 ? 57  MET A SD  1 
ATOM   446 C  CE  . MET A 1 57  ? 2.962   1.390   -20.570 1.00 56.87 ? 57  MET A CE  1 
ATOM   447 N  N   . GLY A 1 58  ? 3.198   7.240   -19.762 1.00 41.32 ? 58  GLY A N   1 
ATOM   448 C  CA  . GLY A 1 58  ? 2.253   8.136   -20.387 1.00 37.27 ? 58  GLY A CA  1 
ATOM   449 C  C   . GLY A 1 58  ? 1.283   8.677   -19.367 1.00 36.38 ? 58  GLY A C   1 
ATOM   450 O  O   . GLY A 1 58  ? 1.240   8.216   -18.222 1.00 36.50 ? 58  GLY A O   1 
ATOM   451 N  N   . SER A 1 59  ? 0.498   9.660   -19.786 1.00 33.03 ? 59  SER A N   1 
ATOM   452 C  CA  . SER A 1 59  ? -0.463  10.275  -18.900 1.00 32.83 ? 59  SER A CA  1 
ATOM   453 C  C   . SER A 1 59  ? -1.844  9.641   -19.002 1.00 32.98 ? 59  SER A C   1 
ATOM   454 O  O   . SER A 1 59  ? -2.814  10.266  -19.447 1.00 31.09 ? 59  SER A O   1 
ATOM   455 C  CB  . SER A 1 59  ? -0.478  11.785  -19.107 1.00 30.71 ? 59  SER A CB  1 
ATOM   456 O  OG  . SER A 1 59  ? 0.782   12.310  -18.710 1.00 28.18 ? 59  SER A OG  1 
ATOM   457 N  N   . TYR A 1 60  ? -1.892  8.378   -18.574 1.00 31.06 ? 60  TYR A N   1 
ATOM   458 C  CA  . TYR A 1 60  ? -3.099  7.563   -18.548 1.00 29.69 ? 60  TYR A CA  1 
ATOM   459 C  C   . TYR A 1 60  ? -3.091  6.631   -17.337 1.00 26.56 ? 60  TYR A C   1 
ATOM   460 O  O   . TYR A 1 60  ? -2.032  6.128   -16.947 1.00 20.68 ? 60  TYR A O   1 
ATOM   461 C  CB  . TYR A 1 60  ? -3.179  6.739   -19.814 1.00 32.15 ? 60  TYR A CB  1 
ATOM   462 C  CG  . TYR A 1 60  ? -3.400  7.574   -21.029 1.00 33.88 ? 60  TYR A CG  1 
ATOM   463 C  CD1 . TYR A 1 60  ? -4.589  8.287   -21.202 1.00 34.07 ? 60  TYR A CD1 1 
ATOM   464 C  CD2 . TYR A 1 60  ? -2.423  7.661   -22.005 1.00 38.07 ? 60  TYR A CD2 1 
ATOM   465 C  CE1 . TYR A 1 60  ? -4.793  9.073   -22.326 1.00 37.45 ? 60  TYR A CE1 1 
ATOM   466 C  CE2 . TYR A 1 60  ? -2.612  8.444   -23.141 1.00 40.57 ? 60  TYR A CE2 1 
ATOM   467 C  CZ  . TYR A 1 60  ? -3.793  9.138   -23.293 1.00 39.48 ? 60  TYR A CZ  1 
ATOM   468 O  OH  . TYR A 1 60  ? -3.950  9.905   -24.413 1.00 42.02 ? 60  TYR A OH  1 
ATOM   469 N  N   . CYS A 1 61  ? -4.266  6.393   -16.755 1.00 24.79 ? 61  CYS A N   1 
ATOM   470 C  CA  . CYS A 1 61  ? -4.403  5.523   -15.580 1.00 19.81 ? 61  CYS A CA  1 
ATOM   471 C  C   . CYS A 1 61  ? -4.082  4.084   -15.909 1.00 18.29 ? 61  CYS A C   1 
ATOM   472 O  O   . CYS A 1 61  ? -4.668  3.502   -16.820 1.00 16.57 ? 61  CYS A O   1 
ATOM   473 C  CB  . CYS A 1 61  ? -5.828  5.573   -15.025 1.00 22.52 ? 61  CYS A CB  1 
ATOM   474 S  SG  . CYS A 1 61  ? -6.119  4.437   -13.646 1.00 23.48 ? 61  CYS A SG  1 
ATOM   475 N  N   . PRO A 1 62  ? -3.175  3.464   -15.138 1.00 19.09 ? 62  PRO A N   1 
ATOM   476 C  CA  . PRO A 1 62  ? -2.814  2.064   -15.398 1.00 20.38 ? 62  PRO A CA  1 
ATOM   477 C  C   . PRO A 1 62  ? -4.030  1.117   -15.317 1.00 21.58 ? 62  PRO A C   1 
ATOM   478 O  O   . PRO A 1 62  ? -4.090  0.117   -16.035 1.00 20.98 ? 62  PRO A O   1 
ATOM   479 C  CB  . PRO A 1 62  ? -1.799  1.770   -14.292 1.00 21.11 ? 62  PRO A CB  1 
ATOM   480 C  CG  . PRO A 1 62  ? -1.214  3.116   -13.983 1.00 17.99 ? 62  PRO A CG  1 
ATOM   481 C  CD  . PRO A 1 62  ? -2.428  3.991   -13.987 1.00 17.96 ? 62  PRO A CD  1 
ATOM   482 N  N   . SER A 1 63  ? -4.994  1.442   -14.452 1.00 22.27 ? 63  SER A N   1 
ATOM   483 C  CA  . SER A 1 63  ? -6.192  0.625   -14.275 1.00 21.56 ? 63  SER A CA  1 
ATOM   484 C  C   . SER A 1 63  ? -7.195  0.756   -15.406 1.00 25.34 ? 63  SER A C   1 
ATOM   485 O  O   . SER A 1 63  ? -7.564  -0.247  -16.029 1.00 26.08 ? 63  SER A O   1 
ATOM   486 C  CB  . SER A 1 63  ? -6.913  0.994   -12.979 1.00 23.28 ? 63  SER A CB  1 
ATOM   487 O  OG  . SER A 1 63  ? -6.167  0.636   -11.831 1.00 32.17 ? 63  SER A OG  1 
ATOM   488 N  N   . CYS A 1 64  ? -7.624  1.990   -15.681 1.00 23.17 ? 64  CYS A N   1 
ATOM   489 C  CA  . CYS A 1 64  ? -8.635  2.217   -16.707 1.00 21.55 ? 64  CYS A CA  1 
ATOM   490 C  C   . CYS A 1 64  ? -8.241  2.937   -17.988 1.00 23.11 ? 64  CYS A C   1 
ATOM   491 O  O   . CYS A 1 64  ? -9.038  3.010   -18.928 1.00 23.72 ? 64  CYS A O   1 
ATOM   492 C  CB  . CYS A 1 64  ? -9.857  2.887   -16.085 1.00 18.17 ? 64  CYS A CB  1 
ATOM   493 S  SG  . CYS A 1 64  ? -9.563  4.502   -15.438 1.00 18.62 ? 64  CYS A SG  1 
ATOM   494 N  N   . ARG A 1 65  ? -7.029  3.489   -18.020 1.00 30.01 ? 65  ARG A N   1 
ATOM   495 C  CA  . ARG A 1 65  ? -6.494  4.178   -19.208 1.00 30.85 ? 65  ARG A CA  1 
ATOM   496 C  C   . ARG A 1 65  ? -7.104  5.534   -19.499 1.00 30.50 ? 65  ARG A C   1 
ATOM   497 O  O   . ARG A 1 65  ? -7.028  6.028   -20.626 1.00 31.90 ? 65  ARG A O   1 
ATOM   498 C  CB  . ARG A 1 65  ? -6.624  3.294   -20.458 1.00 36.38 ? 65  ARG A CB  1 
ATOM   499 C  CG  . ARG A 1 65  ? -5.800  1.993   -20.449 1.00 47.96 ? 65  ARG A CG  1 
ATOM   500 C  CD  . ARG A 1 65  ? -6.328  1.002   -21.496 1.00 51.59 ? 65  ARG A CD  1 
ATOM   501 N  NE  . ARG A 1 65  ? -7.641  0.475   -21.107 1.00 59.29 ? 65  ARG A NE  1 
ATOM   502 C  CZ  . ARG A 1 65  ? -8.779  0.627   -21.802 1.00 63.49 ? 65  ARG A CZ  1 
ATOM   503 N  NH1 . ARG A 1 65  ? -8.803  1.299   -22.959 1.00 64.67 ? 65  ARG A NH1 1 
ATOM   504 N  NH2 . ARG A 1 65  ? -9.911  0.125   -21.319 1.00 61.69 ? 65  ARG A NH2 1 
ATOM   505 N  N   . TYR A 1 66  ? -7.727  6.129   -18.493 1.00 31.64 ? 66  TYR A N   1 
ATOM   506 C  CA  . TYR A 1 66  ? -8.355  7.450   -18.641 1.00 33.68 ? 66  TYR A CA  1 
ATOM   507 C  C   . TYR A 1 66  ? -7.237  8.465   -18.344 1.00 29.63 ? 66  TYR A C   1 
ATOM   508 O  O   . TYR A 1 66  ? -6.403  8.229   -17.468 1.00 26.36 ? 66  TYR A O   1 
ATOM   509 C  CB  . TYR A 1 66  ? -9.511  7.566   -17.630 1.00 39.50 ? 66  TYR A CB  1 
ATOM   510 C  CG  . TYR A 1 66  ? -10.584 8.594   -17.930 1.00 47.68 ? 66  TYR A CG  1 
ATOM   511 C  CD1 . TYR A 1 66  ? -11.393 8.478   -19.059 1.00 51.09 ? 66  TYR A CD1 1 
ATOM   512 C  CD2 . TYR A 1 66  ? -10.819 9.666   -17.050 1.00 51.26 ? 66  TYR A CD2 1 
ATOM   513 C  CE1 . TYR A 1 66  ? -12.410 9.404   -19.317 1.00 57.55 ? 66  TYR A CE1 1 
ATOM   514 C  CE2 . TYR A 1 66  ? -11.827 10.600  -17.291 1.00 54.50 ? 66  TYR A CE2 1 
ATOM   515 C  CZ  . TYR A 1 66  ? -12.629 10.467  -18.429 1.00 58.41 ? 66  TYR A CZ  1 
ATOM   516 O  OH  . TYR A 1 66  ? -13.630 11.394  -18.696 1.00 55.67 ? 66  TYR A OH  1 
ATOM   517 N  N   . PRO A 1 67  ? -7.175  9.579   -19.103 1.00 29.14 ? 67  PRO A N   1 
ATOM   518 C  CA  . PRO A 1 67  ? -6.135  10.602  -18.893 1.00 27.79 ? 67  PRO A CA  1 
ATOM   519 C  C   . PRO A 1 67  ? -5.863  10.860  -17.407 1.00 26.09 ? 67  PRO A C   1 
ATOM   520 O  O   . PRO A 1 67  ? -6.790  11.068  -16.633 1.00 26.65 ? 67  PRO A O   1 
ATOM   521 C  CB  . PRO A 1 67  ? -6.712  11.814  -19.606 1.00 24.48 ? 67  PRO A CB  1 
ATOM   522 C  CG  . PRO A 1 67  ? -7.431  11.173  -20.764 1.00 25.99 ? 67  PRO A CG  1 
ATOM   523 C  CD  . PRO A 1 67  ? -8.144  10.018  -20.127 1.00 27.18 ? 67  PRO A CD  1 
ATOM   524 N  N   . CYS A 1 68  ? -4.587  10.821  -17.027 1.00 26.58 ? 68  CYS A N   1 
ATOM   525 C  CA  . CYS A 1 68  ? -4.181  10.982  -15.640 1.00 27.32 ? 68  CYS A CA  1 
ATOM   526 C  C   . CYS A 1 68  ? -2.926  11.839  -15.452 1.00 26.69 ? 68  CYS A C   1 
ATOM   527 O  O   . CYS A 1 68  ? -1.878  11.549  -16.012 1.00 27.41 ? 68  CYS A O   1 
ATOM   528 C  CB  . CYS A 1 68  ? -3.955  9.585   -15.042 1.00 27.44 ? 68  CYS A CB  1 
ATOM   529 S  SG  . CYS A 1 68  ? -3.633  9.549   -13.272 1.00 30.87 ? 68  CYS A SG  1 
ATOM   530 N  N   . PHE A 1 69  ? -3.017  12.856  -14.599 1.00 28.36 ? 69  PHE A N   1 
ATOM   531 C  CA  . PHE A 1 69  ? -1.887  13.741  -14.360 1.00 30.91 ? 69  PHE A CA  1 
ATOM   532 C  C   . PHE A 1 69  ? -1.483  13.833  -12.901 1.00 31.05 ? 69  PHE A C   1 
ATOM   533 O  O   . PHE A 1 69  ? -2.335  13.746  -12.017 1.00 35.31 ? 69  PHE A O   1 
ATOM   534 C  CB  . PHE A 1 69  ? -2.216  15.147  -14.884 1.00 33.04 ? 69  PHE A CB  1 
ATOM   535 C  CG  . PHE A 1 69  ? -2.427  15.186  -16.369 1.00 32.64 ? 69  PHE A CG  1 
ATOM   536 C  CD1 . PHE A 1 69  ? -3.666  14.883  -16.910 1.00 30.17 ? 69  PHE A CD1 1 
ATOM   537 C  CD2 . PHE A 1 69  ? -1.361  15.437  -17.226 1.00 29.83 ? 69  PHE A CD2 1 
ATOM   538 C  CE1 . PHE A 1 69  ? -3.844  14.793  -18.292 1.00 34.59 ? 69  PHE A CE1 1 
ATOM   539 C  CE2 . PHE A 1 69  ? -1.524  15.350  -18.593 1.00 36.06 ? 69  PHE A CE2 1 
ATOM   540 C  CZ  . PHE A 1 69  ? -2.777  15.030  -19.132 1.00 36.15 ? 69  PHE A CZ  1 
ATOM   541 N  N   . PRO A 1 70  ? -0.177  14.014  -12.627 1.00 28.82 ? 70  PRO A N   1 
ATOM   542 C  CA  . PRO A 1 70  ? 0.378   14.131  -11.271 1.00 30.13 ? 70  PRO A CA  1 
ATOM   543 C  C   . PRO A 1 70  ? -0.385  15.126  -10.425 1.00 31.50 ? 70  PRO A C   1 
ATOM   544 O  O   . PRO A 1 70  ? -0.623  14.905  -9.236  1.00 32.13 ? 70  PRO A O   1 
ATOM   545 C  CB  . PRO A 1 70  ? 1.792   14.611  -11.533 1.00 28.28 ? 70  PRO A CB  1 
ATOM   546 C  CG  . PRO A 1 70  ? 2.155   13.779  -12.733 1.00 29.68 ? 70  PRO A CG  1 
ATOM   547 C  CD  . PRO A 1 70  ? 0.910   13.910  -13.617 1.00 27.98 ? 70  PRO A CD  1 
ATOM   548 N  N   . THR A 1 71  ? -0.837  16.182  -11.084 1.00 31.78 ? 71  THR A N   1 
ATOM   549 C  CA  . THR A 1 71  ? -1.589  17.241  -10.448 1.00 29.38 ? 71  THR A CA  1 
ATOM   550 C  C   . THR A 1 71  ? -3.004  16.811  -10.010 1.00 29.03 ? 71  THR A C   1 
ATOM   551 O  O   . THR A 1 71  ? -3.663  17.502  -9.236  1.00 24.30 ? 71  THR A O   1 
ATOM   552 C  CB  . THR A 1 71  ? -1.627  18.465  -11.384 1.00 32.95 ? 71  THR A CB  1 
ATOM   553 O  OG1 . THR A 1 71  ? -2.344  19.527  -10.756 1.00 35.00 ? 71  THR A OG1 1 
ATOM   554 C  CG2 . THR A 1 71  ? -2.244  18.109  -12.749 1.00 32.44 ? 71  THR A CG2 1 
ATOM   555 N  N   . ASP A 1 72  ? -3.449  15.649  -10.469 1.00 27.13 ? 72  ASP A N   1 
ATOM   556 C  CA  . ASP A 1 72  ? -4.770  15.130  -10.112 1.00 29.51 ? 72  ASP A CA  1 
ATOM   557 C  C   . ASP A 1 72  ? -4.716  14.245  -8.860  1.00 30.93 ? 72  ASP A C   1 
ATOM   558 O  O   . ASP A 1 72  ? -5.764  13.899  -8.268  1.00 27.24 ? 72  ASP A O   1 
ATOM   559 C  CB  . ASP A 1 72  ? -5.299  14.249  -11.243 1.00 30.27 ? 72  ASP A CB  1 
ATOM   560 C  CG  . ASP A 1 72  ? -5.937  15.028  -12.346 1.00 31.16 ? 72  ASP A CG  1 
ATOM   561 O  OD1 . ASP A 1 72  ? -6.749  15.929  -12.027 1.00 30.94 ? 72  ASP A OD1 1 
ATOM   562 O  OD2 . ASP A 1 72  ? -5.656  14.692  -13.523 1.00 33.99 ? 72  ASP A OD2 1 
ATOM   563 N  N   . LEU A 1 73  ? -3.496  13.870  -8.474  1.00 28.23 ? 73  LEU A N   1 
ATOM   564 C  CA  . LEU A 1 73  ? -3.305  12.950  -7.358  1.00 28.33 ? 73  LEU A CA  1 
ATOM   565 C  C   . LEU A 1 73  ? -3.620  13.453  -5.968  1.00 26.64 ? 73  LEU A C   1 
ATOM   566 O  O   . LEU A 1 73  ? -2.886  14.265  -5.415  1.00 26.81 ? 73  LEU A O   1 
ATOM   567 C  CB  . LEU A 1 73  ? -1.909  12.324  -7.429  1.00 28.42 ? 73  LEU A CB  1 
ATOM   568 C  CG  . LEU A 1 73  ? -1.740  11.106  -8.363  1.00 30.31 ? 73  LEU A CG  1 
ATOM   569 C  CD1 . LEU A 1 73  ? -2.963  10.822  -9.205  1.00 27.78 ? 73  LEU A CD1 1 
ATOM   570 C  CD2 . LEU A 1 73  ? -0.528  11.285  -9.252  1.00 26.76 ? 73  LEU A CD2 1 
ATOM   571 N  N   . GLU A 1 74  ? -4.731  12.979  -5.419  1.00 21.92 ? 74  GLU A N   1 
ATOM   572 C  CA  . GLU A 1 74  ? -5.144  13.377  -4.090  1.00 22.24 ? 74  GLU A CA  1 
ATOM   573 C  C   . GLU A 1 74  ? -4.985  12.260  -3.092  1.00 22.35 ? 74  GLU A C   1 
ATOM   574 O  O   . GLU A 1 74  ? -4.531  11.171  -3.424  1.00 24.58 ? 74  GLU A O   1 
ATOM   575 C  CB  . GLU A 1 74  ? -6.604  13.810  -4.102  1.00 25.65 ? 74  GLU A CB  1 
ATOM   576 C  CG  . GLU A 1 74  ? -6.859  15.223  -4.661  1.00 37.15 ? 74  GLU A CG  1 
ATOM   577 C  CD  . GLU A 1 74  ? -6.104  16.321  -3.913  1.00 39.70 ? 74  GLU A CD  1 
ATOM   578 O  OE1 . GLU A 1 74  ? -6.282  16.458  -2.668  1.00 46.86 ? 74  GLU A OE1 1 
ATOM   579 O  OE2 . GLU A 1 74  ? -5.323  17.040  -4.578  1.00 35.23 ? 74  GLU A OE2 1 
ATOM   580 N  N   . SER A 1 75  ? -5.349  12.541  -1.852  1.00 22.82 ? 75  SER A N   1 
ATOM   581 C  CA  . SER A 1 75  ? -5.280  11.535  -0.814  1.00 22.14 ? 75  SER A CA  1 
ATOM   582 C  C   . SER A 1 75  ? -6.653  10.862  -0.710  1.00 22.64 ? 75  SER A C   1 
ATOM   583 O  O   . SER A 1 75  ? -7.675  11.499  -0.946  1.00 18.26 ? 75  SER A O   1 
ATOM   584 C  CB  . SER A 1 75  ? -4.935  12.199  0.510   1.00 25.12 ? 75  SER A CB  1 
ATOM   585 O  OG  . SER A 1 75  ? -4.986  11.253  1.553   1.00 28.16 ? 75  SER A OG  1 
ATOM   586 N  N   . PRO A 1 76  ? -6.692  9.544   -0.444  1.00 20.62 ? 76  PRO A N   1 
ATOM   587 C  CA  . PRO A 1 76  ? -7.989  8.869   -0.325  1.00 17.77 ? 76  PRO A CA  1 
ATOM   588 C  C   . PRO A 1 76  ? -8.756  9.497   0.845   1.00 16.67 ? 76  PRO A C   1 
ATOM   589 O  O   . PRO A 1 76  ? -8.150  10.020  1.797   1.00 13.29 ? 76  PRO A O   1 
ATOM   590 C  CB  . PRO A 1 76  ? -7.593  7.431   0.040   1.00 12.83 ? 76  PRO A CB  1 
ATOM   591 C  CG  . PRO A 1 76  ? -6.281  7.268   -0.600  1.00 14.49 ? 76  PRO A CG  1 
ATOM   592 C  CD  . PRO A 1 76  ? -5.588  8.572   -0.332  1.00 19.31 ? 76  PRO A CD  1 
ATOM   593 N  N   . VAL A 1 77  ? -10.077 9.391   0.790   1.00 11.34 ? 77  VAL A N   1 
ATOM   594 C  CA  . VAL A 1 77  ? -10.953 9.911   1.823   1.00 14.67 ? 77  VAL A CA  1 
ATOM   595 C  C   . VAL A 1 77  ? -10.470 9.378   3.191   1.00 18.65 ? 77  VAL A C   1 
ATOM   596 O  O   . VAL A 1 77  ? -9.840  8.326   3.265   1.00 20.56 ? 77  VAL A O   1 
ATOM   597 C  CB  . VAL A 1 77  ? -12.395 9.491   1.487   1.00 14.65 ? 77  VAL A CB  1 
ATOM   598 C  CG1 . VAL A 1 77  ? -12.711 8.131   2.061   1.00 14.96 ? 77  VAL A CG1 1 
ATOM   599 C  CG2 . VAL A 1 77  ? -13.391 10.553  1.879   1.00 21.32 ? 77  VAL A CG2 1 
ATOM   600 N  N   . LYS A 1 78  ? -10.793 10.082  4.269   1.00 24.24 ? 78  LYS A N   1 
ATOM   601 C  CA  . LYS A 1 78  ? -10.338 9.693   5.608   1.00 23.92 ? 78  LYS A CA  1 
ATOM   602 C  C   . LYS A 1 78  ? -10.753 8.297   6.060   1.00 24.57 ? 78  LYS A C   1 
ATOM   603 O  O   . LYS A 1 78  ? -9.920  7.532   6.564   1.00 24.17 ? 78  LYS A O   1 
ATOM   604 C  CB  . LYS A 1 78  ? -10.799 10.707  6.653   1.00 24.64 ? 78  LYS A CB  1 
ATOM   605 C  CG  . LYS A 1 78  ? -10.309 10.362  8.055   1.00 30.36 ? 78  LYS A CG  1 
ATOM   606 C  CD  . LYS A 1 78  ? -8.782  10.480  8.129   1.00 37.89 ? 78  LYS A CD  1 
ATOM   607 C  CE  . LYS A 1 78  ? -8.213  10.071  9.494   1.00 41.89 ? 78  LYS A CE  1 
ATOM   608 N  NZ  . LYS A 1 78  ? -8.956  10.643  10.672  1.00 47.12 ? 78  LYS A NZ  1 
ATOM   609 N  N   . SER A 1 79  ? -12.048 7.993   5.917   1.00 23.81 ? 79  SER A N   1 
ATOM   610 C  CA  . SER A 1 79  ? -12.606 6.690   6.310   1.00 23.41 ? 79  SER A CA  1 
ATOM   611 C  C   . SER A 1 79  ? -11.921 5.523   5.643   1.00 22.05 ? 79  SER A C   1 
ATOM   612 O  O   . SER A 1 79  ? -11.891 4.434   6.208   1.00 24.71 ? 79  SER A O   1 
ATOM   613 C  CB  . SER A 1 79  ? -14.107 6.614   6.031   1.00 20.80 ? 79  SER A CB  1 
ATOM   614 O  OG  . SER A 1 79  ? -14.746 7.760   6.562   1.00 26.79 ? 79  SER A OG  1 
ATOM   615 N  N   . PHE A 1 80  ? -11.424 5.725   4.424   1.00 19.55 ? 80  PHE A N   1 
ATOM   616 C  CA  . PHE A 1 80  ? -10.714 4.646   3.742   1.00 19.16 ? 80  PHE A CA  1 
ATOM   617 C  C   . PHE A 1 80  ? -9.352  4.527   4.385   1.00 19.28 ? 80  PHE A C   1 
ATOM   618 O  O   . PHE A 1 80  ? -8.891  3.431   4.691   1.00 21.01 ? 80  PHE A O   1 
ATOM   619 C  CB  . PHE A 1 80  ? -10.531 4.901   2.252   1.00 16.88 ? 80  PHE A CB  1 
ATOM   620 C  CG  . PHE A 1 80  ? -9.759  3.815   1.574   1.00 16.44 ? 80  PHE A CG  1 
ATOM   621 C  CD1 . PHE A 1 80  ? -10.344 2.570   1.351   1.00 16.88 ? 80  PHE A CD1 1 
ATOM   622 C  CD2 . PHE A 1 80  ? -8.420  3.984   1.266   1.00 12.56 ? 80  PHE A CD2 1 
ATOM   623 C  CE1 . PHE A 1 80  ? -9.587  1.508   0.832   1.00 14.74 ? 80  PHE A CE1 1 
ATOM   624 C  CE2 . PHE A 1 80  ? -7.658  2.929   0.751   1.00 13.31 ? 80  PHE A CE2 1 
ATOM   625 C  CZ  . PHE A 1 80  ? -8.239  1.697   0.536   1.00 9.67  ? 80  PHE A CZ  1 
ATOM   626 N  N   . LEU A 1 81  ? -8.699  5.665   4.589   1.00 21.19 ? 81  LEU A N   1 
ATOM   627 C  CA  . LEU A 1 81  ? -7.395  5.654   5.240   1.00 19.00 ? 81  LEU A CA  1 
ATOM   628 C  C   . LEU A 1 81  ? -7.458  4.960   6.594   1.00 21.01 ? 81  LEU A C   1 
ATOM   629 O  O   . LEU A 1 81  ? -6.510  4.283   6.985   1.00 18.13 ? 81  LEU A O   1 
ATOM   630 C  CB  . LEU A 1 81  ? -6.861  7.066   5.441   1.00 16.56 ? 81  LEU A CB  1 
ATOM   631 C  CG  . LEU A 1 81  ? -6.484  7.809   4.174   1.00 17.38 ? 81  LEU A CG  1 
ATOM   632 C  CD1 . LEU A 1 81  ? -5.809  9.081   4.609   1.00 18.20 ? 81  LEU A CD1 1 
ATOM   633 C  CD2 . LEU A 1 81  ? -5.549  6.958   3.277   1.00 17.60 ? 81  LEU A CD2 1 
ATOM   634 N  N   . ASN A 1 82  ? -8.570  5.132   7.309   1.00 19.94 ? 82  ASN A N   1 
ATOM   635 C  CA  . ASN A 1 82  ? -8.725  4.504   8.620   1.00 23.79 ? 82  ASN A CA  1 
ATOM   636 C  C   . ASN A 1 82  ? -8.762  2.981   8.558   1.00 24.83 ? 82  ASN A C   1 
ATOM   637 O  O   . ASN A 1 82  ? -8.194  2.306   9.422   1.00 23.24 ? 82  ASN A O   1 
ATOM   638 C  CB  . ASN A 1 82  ? -9.992  5.001   9.306   1.00 27.35 ? 82  ASN A CB  1 
ATOM   639 C  CG  . ASN A 1 82  ? -9.884  6.436   9.784   1.00 25.55 ? 82  ASN A CG  1 
ATOM   640 O  OD1 . ASN A 1 82  ? -10.876 7.020   10.219  1.00 26.78 ? 82  ASN A OD1 1 
ATOM   641 N  ND2 . ASN A 1 82  ? -8.690  7.007   9.721   1.00 23.60 ? 82  ASN A ND2 1 
ATOM   642 N  N   . ILE A 1 83  ? -9.447  2.448   7.543   1.00 21.10 ? 83  ILE A N   1 
ATOM   643 C  CA  . ILE A 1 83  ? -9.567  1.003   7.348   1.00 17.83 ? 83  ILE A CA  1 
ATOM   644 C  C   . ILE A 1 83  ? -8.194  0.404   6.973   1.00 19.80 ? 83  ILE A C   1 
ATOM   645 O  O   . ILE A 1 83  ? -7.732  -0.603  7.538   1.00 18.49 ? 83  ILE A O   1 
ATOM   646 C  CB  . ILE A 1 83  ? -10.626 0.714   6.266   1.00 15.62 ? 83  ILE A CB  1 
ATOM   647 C  CG1 . ILE A 1 83  ? -12.026 1.068   6.815   1.00 15.00 ? 83  ILE A CG1 1 
ATOM   648 C  CG2 . ILE A 1 83  ? -10.536 -0.717  5.833   1.00 13.59 ? 83  ILE A CG2 1 
ATOM   649 C  CD1 . ILE A 1 83  ? -13.141 1.250   5.768   1.00 5.23  ? 83  ILE A CD1 1 
ATOM   650 N  N   . LEU A 1 84  ? -7.515  1.093   6.068   1.00 21.12 ? 84  LEU A N   1 
ATOM   651 C  CA  . LEU A 1 84  ? -6.195  0.703   5.610   1.00 21.52 ? 84  LEU A CA  1 
ATOM   652 C  C   . LEU A 1 84  ? -5.174  0.763   6.745   1.00 21.27 ? 84  LEU A C   1 
ATOM   653 O  O   . LEU A 1 84  ? -4.494  -0.215  7.010   1.00 25.42 ? 84  LEU A O   1 
ATOM   654 C  CB  . LEU A 1 84  ? -5.755  1.642   4.490   1.00 18.68 ? 84  LEU A CB  1 
ATOM   655 C  CG  . LEU A 1 84  ? -4.291  1.572   4.068   1.00 22.94 ? 84  LEU A CG  1 
ATOM   656 C  CD1 . LEU A 1 84  ? -4.071  0.334   3.183   1.00 16.13 ? 84  LEU A CD1 1 
ATOM   657 C  CD2 . LEU A 1 84  ? -3.907  2.877   3.332   1.00 15.93 ? 84  LEU A CD2 1 
ATOM   658 N  N   . ASN A 1 85  ? -5.073  1.909   7.412   1.00 23.83 ? 85  ASN A N   1 
ATOM   659 C  CA  . ASN A 1 85  ? -4.103  2.091   8.502   1.00 25.37 ? 85  ASN A CA  1 
ATOM   660 C  C   . ASN A 1 85  ? -4.294  1.171   9.715   1.00 26.61 ? 85  ASN A C   1 
ATOM   661 O  O   . ASN A 1 85  ? -3.389  1.052   10.558  1.00 25.78 ? 85  ASN A O   1 
ATOM   662 C  CB  . ASN A 1 85  ? -4.045  3.563   8.953   1.00 21.72 ? 85  ASN A CB  1 
ATOM   663 C  CG  . ASN A 1 85  ? -3.269  4.447   7.983   1.00 17.00 ? 85  ASN A CG  1 
ATOM   664 O  OD1 . ASN A 1 85  ? -2.157  4.103   7.568   1.00 19.52 ? 85  ASN A OD1 1 
ATOM   665 N  ND2 . ASN A 1 85  ? -3.845  5.598   7.625   1.00 18.15 ? 85  ASN A ND2 1 
ATOM   666 N  N   . SER A 1 86  ? -5.453  0.505   9.775   1.00 25.88 ? 86  SER A N   1 
ATOM   667 C  CA  . SER A 1 86  ? -5.774  -0.419  10.867  1.00 26.01 ? 86  SER A CA  1 
ATOM   668 C  C   . SER A 1 86  ? -5.554  -1.899  10.578  1.00 24.39 ? 86  SER A C   1 
ATOM   669 O  O   . SER A 1 86  ? -5.598  -2.721  11.505  1.00 22.44 ? 86  SER A O   1 
ATOM   670 C  CB  . SER A 1 86  ? -7.210  -0.227  11.277  1.00 25.42 ? 86  SER A CB  1 
ATOM   671 O  OG  . SER A 1 86  ? -7.407  1.127   11.606  1.00 36.49 ? 86  SER A OG  1 
ATOM   672 N  N   . LEU A 1 87  ? -5.335  -2.244  9.308   1.00 21.89 ? 87  LEU A N   1 
ATOM   673 C  CA  . LEU A 1 87  ? -5.133  -3.652  8.927   1.00 25.13 ? 87  LEU A CA  1 
ATOM   674 C  C   . LEU A 1 87  ? -4.090  -4.344  9.827   1.00 25.74 ? 87  LEU A C   1 
ATOM   675 O  O   . LEU A 1 87  ? -3.021  -3.791  10.101  1.00 29.50 ? 87  LEU A O   1 
ATOM   676 C  CB  . LEU A 1 87  ? -4.688  -3.786  7.450   1.00 19.45 ? 87  LEU A CB  1 
ATOM   677 C  CG  . LEU A 1 87  ? -5.516  -3.252  6.286   1.00 20.31 ? 87  LEU A CG  1 
ATOM   678 C  CD1 . LEU A 1 87  ? -4.845  -3.647  4.958   1.00 15.57 ? 87  LEU A CD1 1 
ATOM   679 C  CD2 . LEU A 1 87  ? -6.936  -3.800  6.345   1.00 22.11 ? 87  LEU A CD2 1 
ATOM   680 N  N   . MET A 1 88  ? -4.399  -5.544  10.301  1.00 22.15 ? 88  MET A N   1 
ATOM   681 C  CA  . MET A 1 88  ? -3.439  -6.236  11.140  1.00 21.50 ? 88  MET A CA  1 
ATOM   682 C  C   . MET A 1 88  ? -2.460  -7.038  10.256  1.00 23.27 ? 88  MET A C   1 
ATOM   683 O  O   . MET A 1 88  ? -2.858  -7.721  9.302   1.00 18.18 ? 88  MET A O   1 
ATOM   684 C  CB  . MET A 1 88  ? -4.171  -7.131  12.134  1.00 23.56 ? 88  MET A CB  1 
ATOM   685 C  CG  . MET A 1 88  ? -5.020  -6.365  13.144  1.00 24.27 ? 88  MET A CG  1 
ATOM   686 S  SD  . MET A 1 88  ? -4.025  -5.169  14.083  1.00 33.14 ? 88  MET A SD  1 
ATOM   687 C  CE  . MET A 1 88  ? -2.889  -6.277  14.947  1.00 24.99 ? 88  MET A CE  1 
ATOM   688 N  N   . VAL A 1 89  ? -1.172  -6.929  10.546  1.00 21.49 ? 89  VAL A N   1 
ATOM   689 C  CA  . VAL A 1 89  ? -0.185  -7.647  9.761   1.00 24.33 ? 89  VAL A CA  1 
ATOM   690 C  C   . VAL A 1 89  ? 0.778   -8.478  10.621  1.00 23.95 ? 89  VAL A C   1 
ATOM   691 O  O   . VAL A 1 89  ? 1.142   -8.078  11.728  1.00 22.93 ? 89  VAL A O   1 
ATOM   692 C  CB  . VAL A 1 89  ? 0.550   -6.675  8.805   1.00 24.73 ? 89  VAL A CB  1 
ATOM   693 C  CG1 . VAL A 1 89  ? 0.545   -5.264  9.398   1.00 29.09 ? 89  VAL A CG1 1 
ATOM   694 C  CG2 . VAL A 1 89  ? 1.975   -7.151  8.516   1.00 23.27 ? 89  VAL A CG2 1 
ATOM   695 N  N   . LYS A 1 90  ? 1.080   -9.684  10.144  1.00 23.80 ? 90  LYS A N   1 
ATOM   696 C  CA  . LYS A 1 90  ? 1.984   -10.596 10.819  1.00 22.73 ? 90  LYS A CA  1 
ATOM   697 C  C   . LYS A 1 90  ? 3.436   -10.274 10.494  1.00 23.20 ? 90  LYS A C   1 
ATOM   698 O  O   . LYS A 1 90  ? 3.913   -10.506 9.371   1.00 23.38 ? 90  LYS A O   1 
ATOM   699 C  CB  . LYS A 1 90  ? 1.689   -12.056 10.424  1.00 21.99 ? 90  LYS A CB  1 
ATOM   700 C  CG  . LYS A 1 90  ? 0.390   -12.630 11.008  1.00 29.52 ? 90  LYS A CG  1 
ATOM   701 C  CD  . LYS A 1 90  ? 0.026   -13.970 10.361  1.00 33.17 ? 90  LYS A CD  1 
ATOM   702 C  CE  . LYS A 1 90  ? -0.070  -13.821 8.839   1.00 33.76 ? 90  LYS A CE  1 
ATOM   703 N  NZ  . LYS A 1 90  ? -0.427  -15.077 8.147   1.00 32.52 ? 90  LYS A NZ  1 
ATOM   704 N  N   . CYS A 1 91  ? 4.152   -9.780  11.499  1.00 23.19 ? 91  CYS A N   1 
ATOM   705 C  CA  . CYS A 1 91  ? 5.574   -9.451  11.360  1.00 22.75 ? 91  CYS A CA  1 
ATOM   706 C  C   . CYS A 1 91  ? 6.309   -10.757 11.037  1.00 17.45 ? 91  CYS A C   1 
ATOM   707 O  O   . CYS A 1 91  ? 6.099   -11.763 11.691  1.00 17.88 ? 91  CYS A O   1 
ATOM   708 C  CB  . CYS A 1 91  ? 6.094   -8.837  12.665  1.00 21.78 ? 91  CYS A CB  1 
ATOM   709 S  SG  . CYS A 1 91  ? 7.876   -8.698  12.743  1.00 29.76 ? 91  CYS A SG  1 
ATOM   710 N  N   . PRO A 1 92  ? 7.118   -10.766 9.965   1.00 18.69 ? 92  PRO A N   1 
ATOM   711 C  CA  . PRO A 1 92  ? 7.892   -11.924 9.493   1.00 17.31 ? 92  PRO A CA  1 
ATOM   712 C  C   . PRO A 1 92  ? 9.306   -12.070 10.092  1.00 18.54 ? 92  PRO A C   1 
ATOM   713 O  O   . PRO A 1 92  ? 10.097  -12.933 9.694   1.00 16.19 ? 92  PRO A O   1 
ATOM   714 C  CB  . PRO A 1 92  ? 7.925   -11.705 7.975   1.00 13.85 ? 92  PRO A CB  1 
ATOM   715 C  CG  . PRO A 1 92  ? 8.106   -10.204 7.885   1.00 13.62 ? 92  PRO A CG  1 
ATOM   716 C  CD  . PRO A 1 92  ? 7.217   -9.634  9.018   1.00 12.09 ? 92  PRO A CD  1 
ATOM   717 N  N   . ALA A 1 93  ? 9.637   -11.206 11.033  1.00 20.05 ? 93  ALA A N   1 
ATOM   718 C  CA  . ALA A 1 93  ? 10.942  -11.300 11.670  1.00 26.05 ? 93  ALA A CA  1 
ATOM   719 C  C   . ALA A 1 93  ? 11.008  -12.663 12.372  1.00 28.10 ? 93  ALA A C   1 
ATOM   720 O  O   . ALA A 1 93  ? 10.069  -13.045 13.067  1.00 25.99 ? 93  ALA A O   1 
ATOM   721 C  CB  . ALA A 1 93  ? 11.111  -10.173 12.681  1.00 23.33 ? 93  ALA A CB  1 
ATOM   722 N  N   . GLN A 1 94  ? 12.121  -13.376 12.190  1.00 31.29 ? 94  GLN A N   1 
ATOM   723 C  CA  . GLN A 1 94  ? 12.352  -14.703 12.775  1.00 34.99 ? 94  GLN A CA  1 
ATOM   724 C  C   . GLN A 1 94  ? 11.946  -14.854 14.246  1.00 35.18 ? 94  GLN A C   1 
ATOM   725 O  O   . GLN A 1 94  ? 12.383  -14.082 15.092  1.00 36.82 ? 94  GLN A O   1 
ATOM   726 C  CB  . GLN A 1 94  ? 13.830  -15.040 12.608  1.00 40.92 ? 94  GLN A CB  1 
ATOM   727 C  CG  . GLN A 1 94  ? 14.263  -16.417 13.060  1.00 48.43 ? 94  GLN A CG  1 
ATOM   728 C  CD  . GLN A 1 94  ? 15.711  -16.706 12.672  1.00 51.14 ? 94  GLN A CD  1 
ATOM   729 O  OE1 . GLN A 1 94  ? 16.589  -15.839 12.792  1.00 52.09 ? 94  GLN A OE1 1 
ATOM   730 N  NE2 . GLN A 1 94  ? 15.960  -17.918 12.185  1.00 46.26 ? 94  GLN A NE2 1 
ATOM   731 N  N   . ASP A 1 95  ? 11.097  -15.843 14.533  1.00 38.41 ? 95  ASP A N   1 
ATOM   732 C  CA  . ASP A 1 95  ? 10.612  -16.128 15.892  1.00 41.86 ? 95  ASP A CA  1 
ATOM   733 C  C   . ASP A 1 95  ? 9.674   -15.122 16.543  1.00 43.09 ? 95  ASP A C   1 
ATOM   734 O  O   . ASP A 1 95  ? 9.213   -15.325 17.674  1.00 43.18 ? 95  ASP A O   1 
ATOM   735 C  CB  . ASP A 1 95  ? 11.767  -16.426 16.842  1.00 49.33 ? 95  ASP A CB  1 
ATOM   736 C  CG  . ASP A 1 95  ? 12.194  -17.872 16.782  1.00 55.18 ? 95  ASP A CG  1 
ATOM   737 O  OD1 . ASP A 1 95  ? 11.543  -18.709 17.453  1.00 59.22 ? 95  ASP A OD1 1 
ATOM   738 O  OD2 . ASP A 1 95  ? 13.162  -18.175 16.049  1.00 59.45 ? 95  ASP A OD2 1 
ATOM   739 N  N   . CYS A 1 96  ? 9.433   -14.009 15.861  1.00 43.30 ? 96  CYS A N   1 
ATOM   740 C  CA  . CYS A 1 96  ? 8.510   -13.005 16.366  1.00 39.18 ? 96  CYS A CA  1 
ATOM   741 C  C   . CYS A 1 96  ? 7.124   -13.460 15.924  1.00 38.15 ? 96  CYS A C   1 
ATOM   742 O  O   . CYS A 1 96  ? 6.886   -13.744 14.740  1.00 36.88 ? 96  CYS A O   1 
ATOM   743 C  CB  . CYS A 1 96  ? 8.817   -11.632 15.778  1.00 37.17 ? 96  CYS A CB  1 
ATOM   744 S  SG  . CYS A 1 96  ? 7.622   -10.418 16.295  1.00 29.25 ? 96  CYS A SG  1 
ATOM   745 N  N   . ASN A 1 97  ? 6.221   -13.588 16.876  1.00 36.69 ? 97  ASN A N   1 
ATOM   746 C  CA  . ASN A 1 97  ? 4.882   -14.030 16.526  1.00 41.55 ? 97  ASN A CA  1 
ATOM   747 C  C   . ASN A 1 97  ? 3.924   -12.943 16.938  1.00 39.87 ? 97  ASN A C   1 
ATOM   748 O  O   . ASN A 1 97  ? 2.938   -13.159 17.657  1.00 39.81 ? 97  ASN A O   1 
ATOM   749 C  CB  . ASN A 1 97  ? 4.568   -15.373 17.193  1.00 45.46 ? 97  ASN A CB  1 
ATOM   750 C  CG  . ASN A 1 97  ? 5.478   -16.498 16.691  1.00 50.18 ? 97  ASN A CG  1 
ATOM   751 O  OD1 . ASN A 1 97  ? 5.226   -17.099 15.645  1.00 49.29 ? 97  ASN A OD1 1 
ATOM   752 N  ND2 . ASN A 1 97  ? 6.559   -16.762 17.429  1.00 56.91 ? 97  ASN A ND2 1 
ATOM   753 N  N   . GLU A 1 98  ? 4.228   -11.759 16.439  1.00 37.52 ? 98  GLU A N   1 
ATOM   754 C  CA  . GLU A 1 98  ? 3.455   -10.584 16.753  1.00 36.78 ? 98  GLU A CA  1 
ATOM   755 C  C   . GLU A 1 98  ? 2.722   -10.044 15.546  1.00 31.54 ? 98  GLU A C   1 
ATOM   756 O  O   . GLU A 1 98  ? 3.212   -10.085 14.417  1.00 30.48 ? 98  GLU A O   1 
ATOM   757 C  CB  . GLU A 1 98  ? 4.380   -9.517  17.347  1.00 41.62 ? 98  GLU A CB  1 
ATOM   758 C  CG  . GLU A 1 98  ? 4.258   -9.322  18.846  1.00 44.57 ? 98  GLU A CG  1 
ATOM   759 C  CD  . GLU A 1 98  ? 3.630   -7.981  19.170  1.00 51.60 ? 98  GLU A CD  1 
ATOM   760 O  OE1 . GLU A 1 98  ? 2.401   -7.836  18.988  1.00 55.54 ? 98  GLU A OE1 1 
ATOM   761 O  OE2 . GLU A 1 98  ? 4.366   -7.054  19.570  1.00 54.82 ? 98  GLU A OE2 1 
ATOM   762 N  N   . GLU A 1 99  ? 1.520   -9.567  15.806  1.00 27.11 ? 99  GLU A N   1 
ATOM   763 C  CA  . GLU A 1 99  ? 0.675   -8.988  14.792  1.00 24.01 ? 99  GLU A CA  1 
ATOM   764 C  C   . GLU A 1 99  ? 0.453   -7.537  15.214  1.00 24.61 ? 99  GLU A C   1 
ATOM   765 O  O   . GLU A 1 99  ? 0.192   -7.272  16.378  1.00 26.26 ? 99  GLU A O   1 
ATOM   766 C  CB  . GLU A 1 99  ? -0.647  -9.768  14.728  1.00 17.37 ? 99  GLU A CB  1 
ATOM   767 C  CG  . GLU A 1 99  ? -0.426  -11.279 14.560  1.00 21.60 ? 99  GLU A CG  1 
ATOM   768 C  CD  . GLU A 1 99  ? -1.676  -12.069 14.145  1.00 26.22 ? 99  GLU A CD  1 
ATOM   769 O  OE1 . GLU A 1 99  ? -2.807  -11.534 14.235  1.00 32.80 ? 99  GLU A OE1 1 
ATOM   770 O  OE2 . GLU A 1 99  ? -1.529  -13.241 13.726  1.00 25.37 ? 99  GLU A OE2 1 
ATOM   771 N  N   . VAL A 1 100 ? 0.611   -6.594  14.288  1.00 23.33 ? 100 VAL A N   1 
ATOM   772 C  CA  . VAL A 1 100 ? 0.410   -5.179  14.597  1.00 22.73 ? 100 VAL A CA  1 
ATOM   773 C  C   . VAL A 1 100 ? -0.301  -4.461  13.434  1.00 23.67 ? 100 VAL A C   1 
ATOM   774 O  O   . VAL A 1 100 ? -0.268  -4.924  12.285  1.00 23.12 ? 100 VAL A O   1 
ATOM   775 C  CB  . VAL A 1 100 ? 1.756   -4.445  14.852  1.00 24.46 ? 100 VAL A CB  1 
ATOM   776 C  CG1 . VAL A 1 100 ? 2.442   -4.978  16.089  1.00 23.70 ? 100 VAL A CG1 1 
ATOM   777 C  CG2 . VAL A 1 100 ? 2.666   -4.585  13.640  1.00 26.22 ? 100 VAL A CG2 1 
ATOM   778 N  N   . SER A 1 101 ? -0.893  -3.306  13.733  1.00 23.21 ? 101 SER A N   1 
ATOM   779 C  CA  . SER A 1 101 ? -1.601  -2.516  12.736  1.00 22.66 ? 101 SER A CA  1 
ATOM   780 C  C   . SER A 1 101 ? -0.601  -1.903  11.769  1.00 24.59 ? 101 SER A C   1 
ATOM   781 O  O   . SER A 1 101 ? 0.562   -1.698  12.118  1.00 25.14 ? 101 SER A O   1 
ATOM   782 C  CB  . SER A 1 101 ? -2.400  -1.409  13.397  1.00 22.12 ? 101 SER A CB  1 
ATOM   783 O  OG  . SER A 1 101 ? -1.546  -0.368  13.792  1.00 22.63 ? 101 SER A OG  1 
ATOM   784 N  N   . LEU A 1 102 ? -1.075  -1.589  10.569  1.00 23.34 ? 102 LEU A N   1 
ATOM   785 C  CA  . LEU A 1 102 ? -0.248  -1.019  9.523   1.00 21.08 ? 102 LEU A CA  1 
ATOM   786 C  C   . LEU A 1 102 ? 0.435   0.265   9.956   1.00 24.68 ? 102 LEU A C   1 
ATOM   787 O  O   . LEU A 1 102 ? 1.597   0.492   9.617   1.00 28.23 ? 102 LEU A O   1 
ATOM   788 C  CB  . LEU A 1 102 ? -1.090  -0.739  8.285   1.00 16.36 ? 102 LEU A CB  1 
ATOM   789 C  CG  . LEU A 1 102 ? -0.223  -0.455  7.062   1.00 18.20 ? 102 LEU A CG  1 
ATOM   790 C  CD1 . LEU A 1 102 ? 0.535   -1.735  6.713   1.00 15.32 ? 102 LEU A CD1 1 
ATOM   791 C  CD2 . LEU A 1 102 ? -1.077  0.018   5.885   1.00 15.92 ? 102 LEU A CD2 1 
ATOM   792 N  N   . GLU A 1 103 ? -0.267  1.105   10.711  1.00 25.44 ? 103 GLU A N   1 
ATOM   793 C  CA  . GLU A 1 103 ? 0.317   2.368   11.164  1.00 28.39 ? 103 GLU A CA  1 
ATOM   794 C  C   . GLU A 1 103 ? 1.347   2.172   12.270  1.00 28.88 ? 103 GLU A C   1 
ATOM   795 O  O   . GLU A 1 103 ? 2.269   2.967   12.413  1.00 30.22 ? 103 GLU A O   1 
ATOM   796 C  CB  . GLU A 1 103 ? -0.770  3.339   11.607  1.00 31.94 ? 103 GLU A CB  1 
ATOM   797 C  CG  . GLU A 1 103 ? -1.639  2.825   12.732  1.00 35.60 ? 103 GLU A CG  1 
ATOM   798 C  CD  . GLU A 1 103 ? -2.901  3.657   12.970  1.00 37.94 ? 103 GLU A CD  1 
ATOM   799 O  OE1 . GLU A 1 103 ? -3.135  4.685   12.271  1.00 34.14 ? 103 GLU A OE1 1 
ATOM   800 O  OE2 . GLU A 1 103 ? -3.674  3.260   13.872  1.00 41.34 ? 103 GLU A OE2 1 
ATOM   801 N  N   . LYS A 1 104 ? 1.222   1.087   13.029  1.00 27.92 ? 104 LYS A N   1 
ATOM   802 C  CA  . LYS A 1 104 ? 2.184   0.813   14.090  1.00 28.65 ? 104 LYS A CA  1 
ATOM   803 C  C   . LYS A 1 104 ? 3.308   -0.125  13.643  1.00 26.34 ? 104 LYS A C   1 
ATOM   804 O  O   . LYS A 1 104 ? 4.231   -0.399  14.402  1.00 25.96 ? 104 LYS A O   1 
ATOM   805 C  CB  . LYS A 1 104 ? 1.482   0.246   15.328  1.00 31.82 ? 104 LYS A CB  1 
ATOM   806 C  CG  . LYS A 1 104 ? 0.763   1.315   16.165  1.00 42.42 ? 104 LYS A CG  1 
ATOM   807 C  CD  . LYS A 1 104 ? 0.245   0.793   17.525  1.00 48.19 ? 104 LYS A CD  1 
ATOM   808 C  CE  . LYS A 1 104 ? 1.362   0.166   18.410  1.00 55.05 ? 104 LYS A CE  1 
ATOM   809 N  NZ  . LYS A 1 104 ? 2.520   1.068   18.768  1.00 51.48 ? 104 LYS A NZ  1 
ATOM   810 N  N   . TYR A 1 105 ? 3.278   -0.541  12.385  1.00 22.52 ? 105 TYR A N   1 
ATOM   811 C  CA  . TYR A 1 105 ? 4.277   -1.457  11.885  1.00 24.17 ? 105 TYR A CA  1 
ATOM   812 C  C   . TYR A 1 105 ? 5.709   -0.951  11.879  1.00 26.48 ? 105 TYR A C   1 
ATOM   813 O  O   . TYR A 1 105 ? 6.572   -1.587  12.459  1.00 28.78 ? 105 TYR A O   1 
ATOM   814 C  CB  . TYR A 1 105 ? 3.889   -1.961  10.515  1.00 22.59 ? 105 TYR A CB  1 
ATOM   815 C  CG  . TYR A 1 105 ? 4.747   -3.100  10.040  1.00 21.82 ? 105 TYR A CG  1 
ATOM   816 C  CD1 . TYR A 1 105 ? 4.518   -4.404  10.473  1.00 20.81 ? 105 TYR A CD1 1 
ATOM   817 C  CD2 . TYR A 1 105 ? 5.752   -2.882  9.107   1.00 19.26 ? 105 TYR A CD2 1 
ATOM   818 C  CE1 . TYR A 1 105 ? 5.274   -5.461  9.979   1.00 22.58 ? 105 TYR A CE1 1 
ATOM   819 C  CE2 . TYR A 1 105 ? 6.505   -3.924  8.609   1.00 18.53 ? 105 TYR A CE2 1 
ATOM   820 C  CZ  . TYR A 1 105 ? 6.269   -5.208  9.038   1.00 21.12 ? 105 TYR A CZ  1 
ATOM   821 O  OH  . TYR A 1 105 ? 7.041   -6.226  8.508   1.00 21.01 ? 105 TYR A OH  1 
ATOM   822 N  N   . ASN A 1 106 ? 5.984   0.167   11.222  1.00 29.75 ? 106 ASN A N   1 
ATOM   823 C  CA  . ASN A 1 106 ? 7.351   0.690   11.204  1.00 34.70 ? 106 ASN A CA  1 
ATOM   824 C  C   . ASN A 1 106 ? 7.958   0.873   12.587  1.00 37.34 ? 106 ASN A C   1 
ATOM   825 O  O   . ASN A 1 106 ? 9.165   0.739   12.767  1.00 38.52 ? 106 ASN A O   1 
ATOM   826 C  CB  . ASN A 1 106 ? 7.403   2.006   10.460  1.00 35.62 ? 106 ASN A CB  1 
ATOM   827 C  CG  . ASN A 1 106 ? 7.087   1.839   9.008   1.00 39.60 ? 106 ASN A CG  1 
ATOM   828 O  OD1 . ASN A 1 106 ? 6.586   0.794   8.590   1.00 40.86 ? 106 ASN A OD1 1 
ATOM   829 N  ND2 . ASN A 1 106 ? 7.398   2.854   8.214   1.00 42.02 ? 106 ASN A ND2 1 
ATOM   830 N  N   . HIS A 1 107 ? 7.124   1.201   13.563  1.00 38.96 ? 107 HIS A N   1 
ATOM   831 C  CA  . HIS A 1 107 ? 7.602   1.381   14.914  1.00 36.98 ? 107 HIS A CA  1 
ATOM   832 C  C   . HIS A 1 107 ? 7.962   0.038   15.513  1.00 35.40 ? 107 HIS A C   1 
ATOM   833 O  O   . HIS A 1 107 ? 8.921   -0.064  16.287  1.00 33.78 ? 107 HIS A O   1 
ATOM   834 C  CB  . HIS A 1 107 ? 6.550   2.060   15.786  1.00 41.59 ? 107 HIS A CB  1 
ATOM   835 C  CG  . HIS A 1 107 ? 6.959   2.170   17.219  1.00 45.33 ? 107 HIS A CG  1 
ATOM   836 N  ND1 . HIS A 1 107 ? 8.010   2.970   17.634  1.00 45.00 ? 107 HIS A ND1 1 
ATOM   837 C  CD2 . HIS A 1 107 ? 6.521   1.531   18.330  1.00 45.18 ? 107 HIS A CD2 1 
ATOM   838 C  CE1 . HIS A 1 107 ? 8.194   2.816   18.927  1.00 46.58 ? 107 HIS A CE1 1 
ATOM   839 N  NE2 . HIS A 1 107 ? 7.302   1.944   19.377  1.00 47.09 ? 107 HIS A NE2 1 
ATOM   840 N  N   . HIS A 1 108 ? 7.164   -0.982  15.188  1.00 34.78 ? 108 HIS A N   1 
ATOM   841 C  CA  . HIS A 1 108 ? 7.405   -2.334  15.683  1.00 32.97 ? 108 HIS A CA  1 
ATOM   842 C  C   . HIS A 1 108 ? 8.674   -2.878  15.078  1.00 35.13 ? 108 HIS A C   1 
ATOM   843 O  O   . HIS A 1 108 ? 9.455   -3.527  15.780  1.00 40.68 ? 108 HIS A O   1 
ATOM   844 C  CB  . HIS A 1 108 ? 6.257   -3.299  15.353  1.00 30.56 ? 108 HIS A CB  1 
ATOM   845 C  CG  . HIS A 1 108 ? 6.600   -4.747  15.592  1.00 31.68 ? 108 HIS A CG  1 
ATOM   846 N  ND1 . HIS A 1 108 ? 6.640   -5.332  16.832  1.00 30.07 ? 108 HIS A ND1 1 
ATOM   847 C  CD2 . HIS A 1 108 ? 6.953   -5.727  14.721  1.00 31.24 ? 108 HIS A CD2 1 
ATOM   848 C  CE1 . HIS A 1 108 ? 7.011   -6.620  16.690  1.00 28.52 ? 108 HIS A CE1 1 
ATOM   849 N  NE2 . HIS A 1 108 ? 7.216   -6.920  15.426  1.00 27.49 ? 108 HIS A NE2 1 
ATOM   850 N  N   . VAL A 1 109 ? 8.872   -2.659  13.779  1.00 31.57 ? 109 VAL A N   1 
ATOM   851 C  CA  . VAL A 1 109 ? 10.069  -3.172  13.153  1.00 33.74 ? 109 VAL A CA  1 
ATOM   852 C  C   . VAL A 1 109 ? 11.302  -2.586  13.811  1.00 36.30 ? 109 VAL A C   1 
ATOM   853 O  O   . VAL A 1 109 ? 12.151  -3.343  14.292  1.00 35.92 ? 109 VAL A O   1 
ATOM   854 C  CB  . VAL A 1 109 ? 10.102  -2.982  11.603  1.00 33.17 ? 109 VAL A CB  1 
ATOM   855 C  CG1 . VAL A 1 109 ? 8.983   -3.780  10.970  1.00 33.15 ? 109 VAL A CG1 1 
ATOM   856 C  CG2 . VAL A 1 109 ? 9.980   -1.529  11.213  1.00 35.09 ? 109 VAL A CG2 1 
ATOM   857 N  N   . SER A 1 110 ? 11.327  -1.258  13.952  1.00 37.79 ? 110 SER A N   1 
ATOM   858 C  CA  . SER A 1 110 ? 12.463  -0.544  14.537  1.00 41.68 ? 110 SER A CA  1 
ATOM   859 C  C   . SER A 1 110 ? 12.718  -0.990  15.963  1.00 44.42 ? 110 SER A C   1 
ATOM   860 O  O   . SER A 1 110 ? 13.832  -1.390  16.322  1.00 47.40 ? 110 SER A O   1 
ATOM   861 C  CB  . SER A 1 110 ? 12.217  0.960   14.532  1.00 42.78 ? 110 SER A CB  1 
ATOM   862 O  OG  . SER A 1 110 ? 11.361  1.328   15.601  1.00 50.84 ? 110 SER A OG  1 
ATOM   863 N  N   . SER A 1 111 ? 11.664  -0.969  16.767  1.00 44.02 ? 111 SER A N   1 
ATOM   864 C  CA  . SER A 1 111 ? 11.771  -1.372  18.155  1.00 45.10 ? 111 SER A CA  1 
ATOM   865 C  C   . SER A 1 111 ? 12.299  -2.802  18.339  1.00 43.59 ? 111 SER A C   1 
ATOM   866 O  O   . SER A 1 111 ? 12.596  -3.207  19.457  1.00 46.57 ? 111 SER A O   1 
ATOM   867 C  CB  . SER A 1 111 ? 10.418  -1.201  18.840  1.00 45.68 ? 111 SER A CB  1 
ATOM   868 O  OG  . SER A 1 111 ? 9.421   -1.978  18.194  1.00 51.83 ? 111 SER A OG  1 
ATOM   869 N  N   . HIS A 1 112 ? 12.413  -3.562  17.253  1.00 43.66 ? 112 HIS A N   1 
ATOM   870 C  CA  . HIS A 1 112 ? 12.918  -4.936  17.324  1.00 46.06 ? 112 HIS A CA  1 
ATOM   871 C  C   . HIS A 1 112 ? 14.323  -4.883  17.906  1.00 48.01 ? 112 HIS A C   1 
ATOM   872 O  O   . HIS A 1 112 ? 15.134  -4.059  17.481  1.00 51.76 ? 112 HIS A O   1 
ATOM   873 C  CB  . HIS A 1 112 ? 12.971  -5.572  15.923  1.00 44.84 ? 112 HIS A CB  1 
ATOM   874 C  CG  . HIS A 1 112 ? 11.959  -6.655  15.702  1.00 45.59 ? 112 HIS A CG  1 
ATOM   875 N  ND1 . HIS A 1 112 ? 12.127  -7.965  16.111  1.00 48.58 ? 112 HIS A ND1 1 
ATOM   876 C  CD2 . HIS A 1 112 ? 10.746  -6.623  15.087  1.00 40.51 ? 112 HIS A CD2 1 
ATOM   877 C  CE1 . HIS A 1 112 ? 11.043  -8.669  15.741  1.00 43.64 ? 112 HIS A CE1 1 
ATOM   878 N  NE2 . HIS A 1 112 ? 10.169  -7.901  15.114  1.00 37.06 ? 112 HIS A NE2 1 
ATOM   879 N  N   . LYS A 1 113 ? 14.604  -5.740  18.886  1.00 49.06 ? 113 LYS A N   1 
ATOM   880 C  CA  . LYS A 1 113 ? 15.924  -5.778  19.529  1.00 49.63 ? 113 LYS A CA  1 
ATOM   881 C  C   . LYS A 1 113 ? 16.958  -6.461  18.618  1.00 48.39 ? 113 LYS A C   1 
ATOM   882 O  O   . LYS A 1 113 ? 16.736  -7.571  18.144  1.00 46.16 ? 113 LYS A O   1 
ATOM   883 C  CB  . LYS A 1 113 ? 15.818  -6.500  20.881  1.00 53.52 ? 113 LYS A CB  1 
ATOM   884 C  CG  . LYS A 1 113 ? 16.993  -6.316  21.842  1.00 58.56 ? 113 LYS A CG  1 
ATOM   885 C  CD  . LYS A 1 113 ? 17.034  -4.902  22.427  1.00 64.88 ? 113 LYS A CD  1 
ATOM   886 C  CE  . LYS A 1 113 ? 18.104  -4.777  23.531  1.00 67.80 ? 113 LYS A CE  1 
ATOM   887 N  NZ  . LYS A 1 113 ? 18.340  -3.376  24.031  1.00 64.07 ? 113 LYS A NZ  1 
ATOM   888 N  N   . GLU A 1 114 ? 18.071  -5.777  18.355  1.00 50.24 ? 114 GLU A N   1 
ATOM   889 C  CA  . GLU A 1 114 ? 19.123  -6.324  17.491  1.00 54.08 ? 114 GLU A CA  1 
ATOM   890 C  C   . GLU A 1 114 ? 20.030  -7.323  18.234  1.00 55.75 ? 114 GLU A C   1 
ATOM   891 O  O   . GLU A 1 114 ? 19.906  -7.476  19.453  1.00 55.61 ? 114 GLU A O   1 
ATOM   892 C  CB  . GLU A 1 114 ? 19.976  -5.188  16.904  1.00 56.18 ? 114 GLU A CB  1 
ATOM   893 C  CG  . GLU A 1 114 ? 19.237  -4.135  16.056  1.00 58.02 ? 114 GLU A CG  1 
ATOM   894 C  CD  . GLU A 1 114 ? 20.194  -3.267  15.205  1.00 61.52 ? 114 GLU A CD  1 
ATOM   895 O  OE1 . GLU A 1 114 ? 21.414  -3.525  15.210  1.00 63.05 ? 114 GLU A OE1 1 
ATOM   896 O  OE2 . GLU A 1 114 ? 19.736  -2.341  14.503  1.00 60.48 ? 114 GLU A OE2 1 
ATOM   897 N  N   . SER A 1 115 ? 20.928  -7.996  17.506  1.00 57.04 ? 115 SER A N   1 
ATOM   898 C  CA  . SER A 1 115 ? 21.864  -8.965  18.103  1.00 60.26 ? 115 SER A CA  1 
ATOM   899 C  C   . SER A 1 115 ? 22.915  -8.280  19.002  1.00 64.33 ? 115 SER A C   1 
ATOM   900 O  O   . SER A 1 115 ? 22.729  -8.211  20.222  1.00 66.97 ? 115 SER A O   1 
ATOM   901 C  CB  . SER A 1 115 ? 22.547  -9.810  17.016  1.00 56.54 ? 115 SER A CB  1 
ATOM   902 O  OG  . SER A 1 115 ? 21.607  -10.617 16.330  1.00 49.56 ? 115 SER A OG  1 
ATOM   903 N  N   . LYS A 1 116 ? 24.030  -7.840  18.414  1.00 67.23 ? 116 LYS A N   1 
ATOM   904 C  CA  . LYS A 1 116 ? 25.106  -7.122  19.122  1.00 70.68 ? 116 LYS A CA  1 
ATOM   905 C  C   . LYS A 1 116 ? 25.556  -7.679  20.479  1.00 72.84 ? 116 LYS A C   1 
ATOM   906 O  O   . LYS A 1 116 ? 26.549  -7.121  21.012  1.00 73.36 ? 116 LYS A O   1 
ATOM   907 C  CB  . LYS A 1 116 ? 24.734  -5.652  19.295  1.00 71.75 ? 116 LYS A CB  1 
ATOM   908 C  CG  . LYS A 1 116 ? 24.347  -4.994  18.018  1.00 73.74 ? 116 LYS A CG  1 
ATOM   909 C  CD  . LYS A 1 116 ? 24.057  -3.532  18.214  1.00 76.40 ? 116 LYS A CD  1 
ATOM   910 C  CE  . LYS A 1 116 ? 23.544  -2.979  16.913  1.00 77.72 ? 116 LYS A CE  1 
ATOM   911 N  NZ  . LYS A 1 116 ? 23.548  -1.502  16.787  1.00 78.48 ? 116 LYS A NZ  1 
HETATM 912 ZN ZN  . ZN  B 2 .   ? 5.420   -1.837  -4.049  1.00 23.28 ? 117 ZN  A ZN  1 
HETATM 913 ZN ZN  . ZN  C 2 .   ? 2.783   0.610   -5.495  1.00 24.14 ? 118 ZN  A ZN  1 
HETATM 914 ZN ZN  . ZN  D 2 .   ? -8.374  4.719   -13.537 1.00 23.33 ? 119 ZN  A ZN  1 
HETATM 915 ZN ZN  . ZN  E 2 .   ? 8.318   -8.525  15.006  1.00 34.77 ? 120 ZN  A ZN  1 
HETATM 916 O  O   . HOH F 3 .   ? -2.341  8.107   6.565   1.00 32.34 ? 200 HOH A O   1 
HETATM 917 O  O   . HOH F 3 .   ? 3.772   -12.565 13.491  1.00 28.66 ? 201 HOH A O   1 
HETATM 918 O  O   . HOH F 3 .   ? -5.483  -8.385  8.573   1.00 11.52 ? 202 HOH A O   1 
HETATM 919 O  O   . HOH F 3 .   ? -2.448  -7.939  -4.090  1.00 35.10 ? 203 HOH A O   1 
HETATM 920 O  O   . HOH F 3 .   ? -12.896 0.861   -10.930 1.00 22.93 ? 204 HOH A O   1 
HETATM 921 O  O   . HOH F 3 .   ? -11.729 8.268   -1.294  1.00 17.21 ? 205 HOH A O   1 
HETATM 922 O  O   . HOH F 3 .   ? -14.232 10.145  5.272   1.00 29.10 ? 206 HOH A O   1 
HETATM 923 O  O   . HOH F 3 .   ? 19.746  -13.180 16.174  1.00 48.60 ? 207 HOH A O   1 
HETATM 924 O  O   . HOH F 3 .   ? -7.203  11.413  -24.590 1.00 47.61 ? 209 HOH A O   1 
HETATM 925 O  O   . HOH F 3 .   ? -8.856  -2.125  9.373   1.00 20.76 ? 210 HOH A O   1 
HETATM 926 O  O   . HOH F 3 .   ? -2.971  -10.147 -9.435  1.00 70.66 ? 211 HOH A O   1 
HETATM 927 O  O   . HOH F 3 .   ? -13.801 5.633   9.965   1.00 29.73 ? 212 HOH A O   1 
HETATM 928 O  O   . HOH F 3 .   ? -13.228 9.370   -14.023 1.00 39.34 ? 213 HOH A O   1 
HETATM 929 O  O   . HOH F 3 .   ? -7.272  -13.311 1.441   1.00 41.65 ? 214 HOH A O   1 
HETATM 930 O  O   . HOH F 3 .   ? 4.871   6.072   -2.243  1.00 28.15 ? 215 HOH A O   1 
HETATM 931 O  O   . HOH F 3 .   ? -6.106  16.833  -7.339  1.00 31.95 ? 216 HOH A O   1 
HETATM 932 O  O   . HOH F 3 .   ? 4.085   1.920   9.989   1.00 22.29 ? 217 HOH A O   1 
HETATM 933 O  O   . HOH F 3 .   ? -7.060  -10.599 -4.146  1.00 60.70 ? 218 HOH A O   1 
HETATM 934 O  O   . HOH F 3 .   ? -14.260 5.821   -11.483 1.00 60.10 ? 219 HOH A O   1 
HETATM 935 O  O   . HOH F 3 .   ? -14.352 -8.082  -1.058  1.00 24.72 ? 220 HOH A O   1 
HETATM 936 O  O   . HOH F 3 .   ? -1.309  8.777   1.288   1.00 30.88 ? 221 HOH A O   1 
HETATM 937 O  O   . HOH F 3 .   ? -6.999  -6.702  10.123  1.00 21.95 ? 222 HOH A O   1 
HETATM 938 O  O   . HOH F 3 .   ? 1.489   -8.330  -2.324  1.00 23.85 ? 223 HOH A O   1 
HETATM 939 O  O   . HOH F 3 .   ? -7.753  0.954   -6.693  1.00 9.06  ? 224 HOH A O   1 
HETATM 940 O  O   . HOH F 3 .   ? -6.566  -11.315 3.649   1.00 42.46 ? 226 HOH A O   1 
HETATM 941 O  O   . HOH F 3 .   ? -6.548  -2.099  -11.340 1.00 31.38 ? 227 HOH A O   1 
HETATM 942 O  O   . HOH F 3 .   ? 1.538   -8.449  -11.363 1.00 52.23 ? 228 HOH A O   1 
HETATM 943 O  O   . HOH F 3 .   ? -14.321 -10.741 -2.645  1.00 17.13 ? 229 HOH A O   1 
HETATM 944 O  O   . HOH F 3 .   ? -4.768  -5.890  -6.231  1.00 45.01 ? 230 HOH A O   1 
HETATM 945 O  O   . HOH F 3 .   ? 18.830  -1.369  0.532   1.00 41.28 ? 231 HOH A O   1 
HETATM 946 O  O   . HOH F 3 .   ? 10.740  -8.910  0.286   1.00 72.69 ? 232 HOH A O   1 
HETATM 947 O  O   . HOH F 3 .   ? -11.779 5.451   -18.794 1.00 45.51 ? 233 HOH A O   1 
HETATM 948 O  O   . HOH F 3 .   ? -17.965 7.300   7.462   1.00 24.65 ? 234 HOH A O   1 
HETATM 949 O  O   . HOH F 3 .   ? 1.589   2.734   5.570   1.00 38.20 ? 235 HOH A O   1 
HETATM 950 O  O   . HOH F 3 .   ? 4.168   1.647   6.527   1.00 36.97 ? 236 HOH A O   1 
HETATM 951 O  O   . HOH F 3 .   ? -5.868  6.715   9.487   1.00 30.43 ? 237 HOH A O   1 
HETATM 952 O  O   . HOH F 3 .   ? 0.254   3.605   3.314   1.00 16.17 ? 238 HOH A O   1 
HETATM 953 O  O   . HOH F 3 .   ? 1.814   0.178   3.107   1.00 43.17 ? 239 HOH A O   1 
HETATM 954 O  O   . HOH F 3 .   ? 9.715   -4.858  2.359   1.00 40.08 ? 240 HOH A O   1 
HETATM 955 O  O   . HOH F 3 .   ? 6.108   -8.487  2.505   1.00 25.31 ? 241 HOH A O   1 
HETATM 956 O  O   . HOH F 3 .   ? 4.251   1.383   -15.592 1.00 19.13 ? 242 HOH A O   1 
HETATM 957 O  O   . HOH F 3 .   ? -6.645  -0.099  -4.384  1.00 12.83 ? 244 HOH A O   1 
HETATM 958 O  O   . HOH F 3 .   ? 3.375   -1.394  1.538   1.00 34.04 ? 245 HOH A O   1 
HETATM 959 O  O   . HOH F 3 .   ? 11.917  0.866   -5.654  1.00 60.62 ? 246 HOH A O   1 
HETATM 960 O  O   . HOH F 3 .   ? -3.570  -11.801 2.148   1.00 26.08 ? 247 HOH A O   1 
HETATM 961 O  O   . HOH F 3 .   ? 1.209   -3.535  -12.738 1.00 50.98 ? 248 HOH A O   1 
HETATM 962 O  O   . HOH F 3 .   ? -9.152  -14.577 9.304   1.00 29.09 ? 249 HOH A O   1 
HETATM 963 O  O   . HOH F 3 .   ? 8.732   -13.645 -0.421  1.00 67.16 ? 250 HOH A O   1 
HETATM 964 O  O   . HOH F 3 .   ? -4.863  20.715  -12.961 1.00 57.85 ? 251 HOH A O   1 
HETATM 965 O  O   . HOH F 3 .   ? -1.017  14.309  -2.915  1.00 35.48 ? 252 HOH A O   1 
HETATM 966 O  O   . HOH F 3 .   ? -11.619 12.449  3.712   1.00 48.18 ? 253 HOH A O   1 
HETATM 967 O  O   . HOH F 3 .   ? -10.860 11.129  -2.192  1.00 76.99 ? 254 HOH A O   1 
# 
